data_3RY0
# 
_entry.id   3RY0 
# 
_audit_conform.dict_name       mmcif_pdbx.dic 
_audit_conform.dict_version    5.387 
_audit_conform.dict_location   http://mmcif.pdb.org/dictionaries/ascii/mmcif_pdbx.dic 
# 
loop_
_database_2.database_id 
_database_2.database_code 
_database_2.pdbx_database_accession 
_database_2.pdbx_DOI 
PDB   3RY0         pdb_00003ry0 10.2210/pdb3ry0/pdb 
RCSB  RCSB065516   ?            ?                   
WWPDB D_1000065516 ?            ?                   
# 
loop_
_pdbx_audit_revision_history.ordinal 
_pdbx_audit_revision_history.data_content_type 
_pdbx_audit_revision_history.major_revision 
_pdbx_audit_revision_history.minor_revision 
_pdbx_audit_revision_history.revision_date 
1 'Structure model' 1 0 2011-08-17 
2 'Structure model' 1 1 2011-09-14 
3 'Structure model' 1 2 2024-02-28 
# 
_pdbx_audit_revision_details.ordinal             1 
_pdbx_audit_revision_details.revision_ordinal    1 
_pdbx_audit_revision_details.data_content_type   'Structure model' 
_pdbx_audit_revision_details.provider            repository 
_pdbx_audit_revision_details.type                'Initial release' 
_pdbx_audit_revision_details.description         ? 
_pdbx_audit_revision_details.details             ? 
# 
loop_
_pdbx_audit_revision_group.ordinal 
_pdbx_audit_revision_group.revision_ordinal 
_pdbx_audit_revision_group.data_content_type 
_pdbx_audit_revision_group.group 
1 2 'Structure model' 'Database references' 
2 3 'Structure model' 'Data collection'     
3 3 'Structure model' 'Database references' 
# 
loop_
_pdbx_audit_revision_category.ordinal 
_pdbx_audit_revision_category.revision_ordinal 
_pdbx_audit_revision_category.data_content_type 
_pdbx_audit_revision_category.category 
1 3 'Structure model' chem_comp_atom 
2 3 'Structure model' chem_comp_bond 
3 3 'Structure model' database_2     
# 
loop_
_pdbx_audit_revision_item.ordinal 
_pdbx_audit_revision_item.revision_ordinal 
_pdbx_audit_revision_item.data_content_type 
_pdbx_audit_revision_item.item 
1 3 'Structure model' '_database_2.pdbx_DOI'                
2 3 'Structure model' '_database_2.pdbx_database_accession' 
# 
_pdbx_database_status.status_code                     REL 
_pdbx_database_status.entry_id                        3RY0 
_pdbx_database_status.recvd_initial_deposition_date   2011-05-10 
_pdbx_database_status.deposit_site                    RCSB 
_pdbx_database_status.process_site                    RCSB 
_pdbx_database_status.status_code_sf                  REL 
_pdbx_database_status.status_code_mr                  ? 
_pdbx_database_status.SG_entry                        ? 
_pdbx_database_status.status_code_cs                  ? 
_pdbx_database_status.pdb_format_compatible           Y 
_pdbx_database_status.status_code_nmr_data            ? 
_pdbx_database_status.methods_development_category    ? 
# 
_pdbx_database_related.db_name        PDB 
_pdbx_database_related.db_id          4ota 
_pdbx_database_related.details        'homologue protein' 
_pdbx_database_related.content_type   unspecified 
# 
loop_
_audit_author.name 
_audit_author.pdbx_ordinal 
'Zhang, Y.'     1 
'Yan, W.P.'     2 
'Li, W.Z.'      3 
'Whitman, C.P.' 4 
# 
_citation.id                        primary 
_citation.title                     
;Kinetic, Crystallographic, and Mechanistic Characterization of TomN: Elucidation of a Function for a 4-Oxalocrotonate Tautomerase Homologue in the Tomaymycin Biosynthetic Pathway.
;
_citation.journal_abbrev            Biochemistry 
_citation.journal_volume            50 
_citation.page_first                7600 
_citation.page_last                 7611 
_citation.year                      2011 
_citation.journal_id_ASTM           BICHAW 
_citation.country                   US 
_citation.journal_id_ISSN           0006-2960 
_citation.journal_id_CSD            0033 
_citation.book_publisher            ? 
_citation.pdbx_database_id_PubMed   21809870 
_citation.pdbx_database_id_DOI      10.1021/bi200947w 
# 
loop_
_citation_author.citation_id 
_citation_author.name 
_citation_author.ordinal 
_citation_author.identifier_ORCID 
primary 'Burks, E.A.'     1 ? 
primary 'Yan, W.'         2 ? 
primary 'Johnson, W.H.'   3 ? 
primary 'Li, W.'          4 ? 
primary 'Schroeder, G.K.' 5 ? 
primary 'Min, C.'         6 ? 
primary 'Gerratana, B.'   7 ? 
primary 'Zhang, Y.'       8 ? 
primary 'Whitman, C.P.'   9 ? 
# 
loop_
_entity.id 
_entity.type 
_entity.src_method 
_entity.pdbx_description 
_entity.formula_weight 
_entity.pdbx_number_of_molecules 
_entity.pdbx_ec 
_entity.pdbx_mutation 
_entity.pdbx_fragment 
_entity.details 
1 polymer man 'Putative tautomerase' 6939.840 2   ? ? ? ? 
2 water   nat water                  18.015   172 ? ? ? ? 
# 
_entity_poly.entity_id                      1 
_entity_poly.type                           'polypeptide(L)' 
_entity_poly.nstd_linkage                   no 
_entity_poly.nstd_monomer                   no 
_entity_poly.pdbx_seq_one_letter_code       PLIRVTLLEGRSPQEVAALGEALTAAAHETLGTPVEAVRVIVEETPPERWFVGGRSVAERRASPS 
_entity_poly.pdbx_seq_one_letter_code_can   PLIRVTLLEGRSPQEVAALGEALTAAAHETLGTPVEAVRVIVEETPPERWFVGGRSVAERRASPS 
_entity_poly.pdbx_strand_id                 A,B 
_entity_poly.pdbx_target_identifier         ? 
# 
_pdbx_entity_nonpoly.entity_id   2 
_pdbx_entity_nonpoly.name        water 
_pdbx_entity_nonpoly.comp_id     HOH 
# 
loop_
_entity_poly_seq.entity_id 
_entity_poly_seq.num 
_entity_poly_seq.mon_id 
_entity_poly_seq.hetero 
1 1  PRO n 
1 2  LEU n 
1 3  ILE n 
1 4  ARG n 
1 5  VAL n 
1 6  THR n 
1 7  LEU n 
1 8  LEU n 
1 9  GLU n 
1 10 GLY n 
1 11 ARG n 
1 12 SER n 
1 13 PRO n 
1 14 GLN n 
1 15 GLU n 
1 16 VAL n 
1 17 ALA n 
1 18 ALA n 
1 19 LEU n 
1 20 GLY n 
1 21 GLU n 
1 22 ALA n 
1 23 LEU n 
1 24 THR n 
1 25 ALA n 
1 26 ALA n 
1 27 ALA n 
1 28 HIS n 
1 29 GLU n 
1 30 THR n 
1 31 LEU n 
1 32 GLY n 
1 33 THR n 
1 34 PRO n 
1 35 VAL n 
1 36 GLU n 
1 37 ALA n 
1 38 VAL n 
1 39 ARG n 
1 40 VAL n 
1 41 ILE n 
1 42 VAL n 
1 43 GLU n 
1 44 GLU n 
1 45 THR n 
1 46 PRO n 
1 47 PRO n 
1 48 GLU n 
1 49 ARG n 
1 50 TRP n 
1 51 PHE n 
1 52 VAL n 
1 53 GLY n 
1 54 GLY n 
1 55 ARG n 
1 56 SER n 
1 57 VAL n 
1 58 ALA n 
1 59 GLU n 
1 60 ARG n 
1 61 ARG n 
1 62 ALA n 
1 63 SER n 
1 64 PRO n 
1 65 SER n 
# 
_entity_src_gen.entity_id                          1 
_entity_src_gen.pdbx_src_id                        1 
_entity_src_gen.pdbx_alt_source_flag               sample 
_entity_src_gen.pdbx_seq_type                      ? 
_entity_src_gen.pdbx_beg_seq_num                   ? 
_entity_src_gen.pdbx_end_seq_num                   ? 
_entity_src_gen.gene_src_common_name               ? 
_entity_src_gen.gene_src_genus                     ? 
_entity_src_gen.pdbx_gene_src_gene                 tomN 
_entity_src_gen.gene_src_species                   ? 
_entity_src_gen.gene_src_strain                    ? 
_entity_src_gen.gene_src_tissue                    ? 
_entity_src_gen.gene_src_tissue_fraction           ? 
_entity_src_gen.gene_src_details                   ? 
_entity_src_gen.pdbx_gene_src_fragment             ? 
_entity_src_gen.pdbx_gene_src_scientific_name      'Streptomyces achromogenes' 
_entity_src_gen.pdbx_gene_src_ncbi_taxonomy_id     67255 
_entity_src_gen.pdbx_gene_src_variant              ? 
_entity_src_gen.pdbx_gene_src_cell_line            ? 
_entity_src_gen.pdbx_gene_src_atcc                 ? 
_entity_src_gen.pdbx_gene_src_organ                ? 
_entity_src_gen.pdbx_gene_src_organelle            ? 
_entity_src_gen.pdbx_gene_src_cell                 ? 
_entity_src_gen.pdbx_gene_src_cellular_location    ? 
_entity_src_gen.host_org_common_name               ? 
_entity_src_gen.pdbx_host_org_scientific_name      'Escherichia coli' 
_entity_src_gen.pdbx_host_org_ncbi_taxonomy_id     562 
_entity_src_gen.host_org_genus                     ? 
_entity_src_gen.pdbx_host_org_gene                 ? 
_entity_src_gen.pdbx_host_org_organ                ? 
_entity_src_gen.host_org_species                   ? 
_entity_src_gen.pdbx_host_org_tissue               ? 
_entity_src_gen.pdbx_host_org_tissue_fraction      ? 
_entity_src_gen.pdbx_host_org_strain               'BL21 (Gold)' 
_entity_src_gen.pdbx_host_org_variant              ? 
_entity_src_gen.pdbx_host_org_cell_line            ? 
_entity_src_gen.pdbx_host_org_atcc                 ? 
_entity_src_gen.pdbx_host_org_culture_collection   ? 
_entity_src_gen.pdbx_host_org_cell                 ? 
_entity_src_gen.pdbx_host_org_organelle            ? 
_entity_src_gen.pdbx_host_org_cellular_location    ? 
_entity_src_gen.pdbx_host_org_vector_type          Plasmid 
_entity_src_gen.pdbx_host_org_vector               ? 
_entity_src_gen.host_org_details                   ? 
_entity_src_gen.expression_system_id               ? 
_entity_src_gen.plasmid_name                       pET24 
_entity_src_gen.plasmid_details                    ? 
_entity_src_gen.pdbx_description                   ? 
# 
loop_
_chem_comp.id 
_chem_comp.type 
_chem_comp.mon_nstd_flag 
_chem_comp.name 
_chem_comp.pdbx_synonyms 
_chem_comp.formula 
_chem_comp.formula_weight 
ALA 'L-peptide linking' y ALANINE         ? 'C3 H7 N O2'     89.093  
ARG 'L-peptide linking' y ARGININE        ? 'C6 H15 N4 O2 1' 175.209 
GLN 'L-peptide linking' y GLUTAMINE       ? 'C5 H10 N2 O3'   146.144 
GLU 'L-peptide linking' y 'GLUTAMIC ACID' ? 'C5 H9 N O4'     147.129 
GLY 'peptide linking'   y GLYCINE         ? 'C2 H5 N O2'     75.067  
HIS 'L-peptide linking' y HISTIDINE       ? 'C6 H10 N3 O2 1' 156.162 
HOH non-polymer         . WATER           ? 'H2 O'           18.015  
ILE 'L-peptide linking' y ISOLEUCINE      ? 'C6 H13 N O2'    131.173 
LEU 'L-peptide linking' y LEUCINE         ? 'C6 H13 N O2'    131.173 
PHE 'L-peptide linking' y PHENYLALANINE   ? 'C9 H11 N O2'    165.189 
PRO 'L-peptide linking' y PROLINE         ? 'C5 H9 N O2'     115.130 
SER 'L-peptide linking' y SERINE          ? 'C3 H7 N O3'     105.093 
THR 'L-peptide linking' y THREONINE       ? 'C4 H9 N O3'     119.119 
TRP 'L-peptide linking' y TRYPTOPHAN      ? 'C11 H12 N2 O2'  204.225 
VAL 'L-peptide linking' y VALINE          ? 'C5 H11 N O2'    117.146 
# 
loop_
_pdbx_poly_seq_scheme.asym_id 
_pdbx_poly_seq_scheme.entity_id 
_pdbx_poly_seq_scheme.seq_id 
_pdbx_poly_seq_scheme.mon_id 
_pdbx_poly_seq_scheme.ndb_seq_num 
_pdbx_poly_seq_scheme.pdb_seq_num 
_pdbx_poly_seq_scheme.auth_seq_num 
_pdbx_poly_seq_scheme.pdb_mon_id 
_pdbx_poly_seq_scheme.auth_mon_id 
_pdbx_poly_seq_scheme.pdb_strand_id 
_pdbx_poly_seq_scheme.pdb_ins_code 
_pdbx_poly_seq_scheme.hetero 
A 1 1  PRO 1  1  1  PRO PRO A . n 
A 1 2  LEU 2  2  2  LEU LEU A . n 
A 1 3  ILE 3  3  3  ILE ILE A . n 
A 1 4  ARG 4  4  4  ARG ARG A . n 
A 1 5  VAL 5  5  5  VAL VAL A . n 
A 1 6  THR 6  6  6  THR THR A . n 
A 1 7  LEU 7  7  7  LEU LEU A . n 
A 1 8  LEU 8  8  8  LEU LEU A . n 
A 1 9  GLU 9  9  9  GLU GLU A . n 
A 1 10 GLY 10 10 10 GLY GLY A . n 
A 1 11 ARG 11 11 11 ARG ARG A . n 
A 1 12 SER 12 12 12 SER SER A . n 
A 1 13 PRO 13 13 13 PRO PRO A . n 
A 1 14 GLN 14 14 14 GLN GLN A . n 
A 1 15 GLU 15 15 15 GLU GLU A . n 
A 1 16 VAL 16 16 16 VAL VAL A . n 
A 1 17 ALA 17 17 17 ALA ALA A . n 
A 1 18 ALA 18 18 18 ALA ALA A . n 
A 1 19 LEU 19 19 19 LEU LEU A . n 
A 1 20 GLY 20 20 20 GLY GLY A . n 
A 1 21 GLU 21 21 21 GLU GLU A . n 
A 1 22 ALA 22 22 22 ALA ALA A . n 
A 1 23 LEU 23 23 23 LEU LEU A . n 
A 1 24 THR 24 24 24 THR THR A . n 
A 1 25 ALA 25 25 25 ALA ALA A . n 
A 1 26 ALA 26 26 26 ALA ALA A . n 
A 1 27 ALA 27 27 27 ALA ALA A . n 
A 1 28 HIS 28 28 28 HIS HIS A . n 
A 1 29 GLU 29 29 29 GLU GLU A . n 
A 1 30 THR 30 30 30 THR THR A . n 
A 1 31 LEU 31 31 31 LEU LEU A . n 
A 1 32 GLY 32 32 32 GLY GLY A . n 
A 1 33 THR 33 33 33 THR THR A . n 
A 1 34 PRO 34 34 34 PRO PRO A . n 
A 1 35 VAL 35 35 35 VAL VAL A . n 
A 1 36 GLU 36 36 36 GLU GLU A . n 
A 1 37 ALA 37 37 37 ALA ALA A . n 
A 1 38 VAL 38 38 38 VAL VAL A . n 
A 1 39 ARG 39 39 39 ARG ARG A . n 
A 1 40 VAL 40 40 40 VAL VAL A . n 
A 1 41 ILE 41 41 41 ILE ILE A . n 
A 1 42 VAL 42 42 42 VAL VAL A . n 
A 1 43 GLU 43 43 43 GLU GLU A . n 
A 1 44 GLU 44 44 44 GLU GLU A . n 
A 1 45 THR 45 45 45 THR THR A . n 
A 1 46 PRO 46 46 46 PRO PRO A . n 
A 1 47 PRO 47 47 47 PRO PRO A . n 
A 1 48 GLU 48 48 48 GLU GLU A . n 
A 1 49 ARG 49 49 49 ARG ARG A . n 
A 1 50 TRP 50 50 50 TRP TRP A . n 
A 1 51 PHE 51 51 51 PHE PHE A . n 
A 1 52 VAL 52 52 52 VAL VAL A . n 
A 1 53 GLY 53 53 53 GLY GLY A . n 
A 1 54 GLY 54 54 54 GLY GLY A . n 
A 1 55 ARG 55 55 55 ARG ARG A . n 
A 1 56 SER 56 56 56 SER SER A . n 
A 1 57 VAL 57 57 57 VAL VAL A . n 
A 1 58 ALA 58 58 58 ALA ALA A . n 
A 1 59 GLU 59 59 59 GLU GLU A . n 
A 1 60 ARG 60 60 60 ARG ARG A . n 
A 1 61 ARG 61 61 61 ARG ARG A . n 
A 1 62 ALA 62 62 62 ALA ALA A . n 
A 1 63 SER 63 63 63 SER SER A . n 
A 1 64 PRO 64 64 64 PRO PRO A . n 
A 1 65 SER 65 65 65 SER SER A . n 
B 1 1  PRO 1  1  1  PRO PRO B . n 
B 1 2  LEU 2  2  2  LEU LEU B . n 
B 1 3  ILE 3  3  3  ILE ILE B . n 
B 1 4  ARG 4  4  4  ARG ARG B . n 
B 1 5  VAL 5  5  5  VAL VAL B . n 
B 1 6  THR 6  6  6  THR THR B . n 
B 1 7  LEU 7  7  7  LEU LEU B . n 
B 1 8  LEU 8  8  8  LEU LEU B . n 
B 1 9  GLU 9  9  9  GLU GLU B . n 
B 1 10 GLY 10 10 10 GLY GLY B . n 
B 1 11 ARG 11 11 11 ARG ARG B . n 
B 1 12 SER 12 12 12 SER SER B . n 
B 1 13 PRO 13 13 13 PRO PRO B . n 
B 1 14 GLN 14 14 14 GLN GLN B . n 
B 1 15 GLU 15 15 15 GLU GLU B . n 
B 1 16 VAL 16 16 16 VAL VAL B . n 
B 1 17 ALA 17 17 17 ALA ALA B . n 
B 1 18 ALA 18 18 18 ALA ALA B . n 
B 1 19 LEU 19 19 19 LEU LEU B . n 
B 1 20 GLY 20 20 20 GLY GLY B . n 
B 1 21 GLU 21 21 21 GLU GLU B . n 
B 1 22 ALA 22 22 22 ALA ALA B . n 
B 1 23 LEU 23 23 23 LEU LEU B . n 
B 1 24 THR 24 24 24 THR THR B . n 
B 1 25 ALA 25 25 25 ALA ALA B . n 
B 1 26 ALA 26 26 26 ALA ALA B . n 
B 1 27 ALA 27 27 27 ALA ALA B . n 
B 1 28 HIS 28 28 28 HIS HIS B . n 
B 1 29 GLU 29 29 29 GLU GLU B . n 
B 1 30 THR 30 30 30 THR THR B . n 
B 1 31 LEU 31 31 31 LEU LEU B . n 
B 1 32 GLY 32 32 32 GLY GLY B . n 
B 1 33 THR 33 33 33 THR THR B . n 
B 1 34 PRO 34 34 34 PRO PRO B . n 
B 1 35 VAL 35 35 35 VAL VAL B . n 
B 1 36 GLU 36 36 36 GLU GLU B . n 
B 1 37 ALA 37 37 37 ALA ALA B . n 
B 1 38 VAL 38 38 38 VAL VAL B . n 
B 1 39 ARG 39 39 39 ARG ARG B . n 
B 1 40 VAL 40 40 40 VAL VAL B . n 
B 1 41 ILE 41 41 41 ILE ILE B . n 
B 1 42 VAL 42 42 42 VAL VAL B . n 
B 1 43 GLU 43 43 43 GLU GLU B . n 
B 1 44 GLU 44 44 44 GLU GLU B . n 
B 1 45 THR 45 45 45 THR THR B . n 
B 1 46 PRO 46 46 46 PRO PRO B . n 
B 1 47 PRO 47 47 47 PRO PRO B . n 
B 1 48 GLU 48 48 48 GLU GLU B . n 
B 1 49 ARG 49 49 49 ARG ARG B . n 
B 1 50 TRP 50 50 50 TRP TRP B . n 
B 1 51 PHE 51 51 51 PHE PHE B . n 
B 1 52 VAL 52 52 52 VAL VAL B . n 
B 1 53 GLY 53 53 53 GLY GLY B . n 
B 1 54 GLY 54 54 54 GLY GLY B . n 
B 1 55 ARG 55 55 55 ARG ARG B . n 
B 1 56 SER 56 56 56 SER SER B . n 
B 1 57 VAL 57 57 57 VAL VAL B . n 
B 1 58 ALA 58 58 58 ALA ALA B . n 
B 1 59 GLU 59 59 59 GLU GLU B . n 
B 1 60 ARG 60 60 60 ARG ARG B . n 
B 1 61 ARG 61 61 61 ARG ARG B . n 
B 1 62 ALA 62 62 62 ALA ALA B . n 
B 1 63 SER 63 63 63 SER SER B . n 
B 1 64 PRO 64 64 ?  ?   ?   B . n 
B 1 65 SER 65 65 ?  ?   ?   B . n 
# 
loop_
_pdbx_nonpoly_scheme.asym_id 
_pdbx_nonpoly_scheme.entity_id 
_pdbx_nonpoly_scheme.mon_id 
_pdbx_nonpoly_scheme.ndb_seq_num 
_pdbx_nonpoly_scheme.pdb_seq_num 
_pdbx_nonpoly_scheme.auth_seq_num 
_pdbx_nonpoly_scheme.pdb_mon_id 
_pdbx_nonpoly_scheme.auth_mon_id 
_pdbx_nonpoly_scheme.pdb_strand_id 
_pdbx_nonpoly_scheme.pdb_ins_code 
C 2 HOH 1  66  66  HOH HOH A . 
C 2 HOH 2  67  1   HOH HOH A . 
C 2 HOH 3  68  68  HOH HOH A . 
C 2 HOH 4  69  4   HOH HOH A . 
C 2 HOH 5  70  5   HOH HOH A . 
C 2 HOH 6  71  8   HOH HOH A . 
C 2 HOH 7  72  72  HOH HOH A . 
C 2 HOH 8  73  9   HOH HOH A . 
C 2 HOH 9  74  74  HOH HOH A . 
C 2 HOH 10 75  75  HOH HOH A . 
C 2 HOH 11 76  10  HOH HOH A . 
C 2 HOH 12 77  77  HOH HOH A . 
C 2 HOH 13 78  11  HOH HOH A . 
C 2 HOH 14 79  79  HOH HOH A . 
C 2 HOH 15 80  12  HOH HOH A . 
C 2 HOH 16 81  81  HOH HOH A . 
C 2 HOH 17 82  82  HOH HOH A . 
C 2 HOH 18 83  14  HOH HOH A . 
C 2 HOH 19 84  17  HOH HOH A . 
C 2 HOH 20 85  18  HOH HOH A . 
C 2 HOH 21 86  86  HOH HOH A . 
C 2 HOH 22 87  87  HOH HOH A . 
C 2 HOH 23 88  19  HOH HOH A . 
C 2 HOH 24 89  89  HOH HOH A . 
C 2 HOH 25 90  20  HOH HOH A . 
C 2 HOH 26 91  23  HOH HOH A . 
C 2 HOH 27 92  92  HOH HOH A . 
C 2 HOH 28 93  93  HOH HOH A . 
C 2 HOH 29 94  94  HOH HOH A . 
C 2 HOH 30 95  24  HOH HOH A . 
C 2 HOH 31 96  96  HOH HOH A . 
C 2 HOH 32 97  97  HOH HOH A . 
C 2 HOH 33 98  98  HOH HOH A . 
C 2 HOH 34 99  28  HOH HOH A . 
C 2 HOH 35 100 100 HOH HOH A . 
C 2 HOH 36 101 101 HOH HOH A . 
C 2 HOH 37 102 29  HOH HOH A . 
C 2 HOH 38 103 103 HOH HOH A . 
C 2 HOH 39 104 31  HOH HOH A . 
C 2 HOH 40 105 32  HOH HOH A . 
C 2 HOH 41 106 106 HOH HOH A . 
C 2 HOH 42 107 36  HOH HOH A . 
C 2 HOH 43 108 108 HOH HOH A . 
C 2 HOH 44 109 109 HOH HOH A . 
C 2 HOH 45 110 110 HOH HOH A . 
C 2 HOH 46 111 38  HOH HOH A . 
C 2 HOH 47 112 112 HOH HOH A . 
C 2 HOH 48 113 39  HOH HOH A . 
C 2 HOH 49 114 41  HOH HOH A . 
C 2 HOH 50 115 115 HOH HOH A . 
C 2 HOH 51 116 45  HOH HOH A . 
C 2 HOH 52 117 46  HOH HOH A . 
C 2 HOH 53 118 47  HOH HOH A . 
C 2 HOH 54 119 49  HOH HOH A . 
C 2 HOH 55 120 53  HOH HOH A . 
C 2 HOH 56 121 54  HOH HOH A . 
C 2 HOH 57 122 55  HOH HOH A . 
C 2 HOH 58 123 57  HOH HOH A . 
C 2 HOH 59 124 61  HOH HOH A . 
C 2 HOH 60 125 125 HOH HOH A . 
C 2 HOH 61 126 62  HOH HOH A . 
C 2 HOH 62 127 64  HOH HOH A . 
C 2 HOH 63 128 65  HOH HOH A . 
C 2 HOH 64 131 131 HOH HOH A . 
C 2 HOH 65 136 136 HOH HOH A . 
C 2 HOH 66 137 137 HOH HOH A . 
C 2 HOH 67 138 138 HOH HOH A . 
C 2 HOH 68 139 139 HOH HOH A . 
C 2 HOH 69 140 140 HOH HOH A . 
C 2 HOH 70 143 143 HOH HOH A . 
C 2 HOH 71 145 145 HOH HOH A . 
C 2 HOH 72 146 146 HOH HOH A . 
C 2 HOH 73 148 148 HOH HOH A . 
C 2 HOH 74 149 149 HOH HOH A . 
C 2 HOH 75 150 150 HOH HOH A . 
C 2 HOH 76 152 152 HOH HOH A . 
C 2 HOH 77 154 154 HOH HOH A . 
C 2 HOH 78 155 155 HOH HOH A . 
C 2 HOH 79 156 156 HOH HOH A . 
C 2 HOH 80 157 157 HOH HOH A . 
C 2 HOH 81 158 158 HOH HOH A . 
C 2 HOH 82 160 160 HOH HOH A . 
C 2 HOH 83 166 166 HOH HOH A . 
C 2 HOH 84 167 167 HOH HOH A . 
C 2 HOH 85 168 168 HOH HOH A . 
C 2 HOH 86 169 169 HOH HOH A . 
C 2 HOH 87 171 171 HOH HOH A . 
C 2 HOH 88 172 172 HOH HOH A . 
D 2 HOH 1  66  2   HOH HOH B . 
D 2 HOH 2  67  67  HOH HOH B . 
D 2 HOH 3  68  3   HOH HOH B . 
D 2 HOH 4  69  69  HOH HOH B . 
D 2 HOH 5  70  70  HOH HOH B . 
D 2 HOH 6  71  71  HOH HOH B . 
D 2 HOH 7  72  6   HOH HOH B . 
D 2 HOH 8  73  73  HOH HOH B . 
D 2 HOH 9  74  7   HOH HOH B . 
D 2 HOH 10 75  13  HOH HOH B . 
D 2 HOH 11 76  76  HOH HOH B . 
D 2 HOH 12 77  15  HOH HOH B . 
D 2 HOH 13 78  78  HOH HOH B . 
D 2 HOH 14 79  16  HOH HOH B . 
D 2 HOH 15 80  80  HOH HOH B . 
D 2 HOH 16 81  21  HOH HOH B . 
D 2 HOH 17 82  22  HOH HOH B . 
D 2 HOH 18 83  83  HOH HOH B . 
D 2 HOH 19 84  84  HOH HOH B . 
D 2 HOH 20 85  85  HOH HOH B . 
D 2 HOH 21 86  25  HOH HOH B . 
D 2 HOH 22 87  26  HOH HOH B . 
D 2 HOH 23 88  88  HOH HOH B . 
D 2 HOH 24 89  27  HOH HOH B . 
D 2 HOH 25 90  90  HOH HOH B . 
D 2 HOH 26 91  91  HOH HOH B . 
D 2 HOH 27 92  30  HOH HOH B . 
D 2 HOH 28 93  33  HOH HOH B . 
D 2 HOH 29 94  34  HOH HOH B . 
D 2 HOH 30 95  95  HOH HOH B . 
D 2 HOH 31 96  35  HOH HOH B . 
D 2 HOH 32 97  37  HOH HOH B . 
D 2 HOH 33 98  40  HOH HOH B . 
D 2 HOH 34 99  99  HOH HOH B . 
D 2 HOH 35 100 42  HOH HOH B . 
D 2 HOH 36 101 43  HOH HOH B . 
D 2 HOH 37 102 102 HOH HOH B . 
D 2 HOH 38 103 44  HOH HOH B . 
D 2 HOH 39 104 104 HOH HOH B . 
D 2 HOH 40 105 105 HOH HOH B . 
D 2 HOH 41 106 48  HOH HOH B . 
D 2 HOH 42 107 107 HOH HOH B . 
D 2 HOH 43 108 50  HOH HOH B . 
D 2 HOH 44 109 51  HOH HOH B . 
D 2 HOH 45 110 52  HOH HOH B . 
D 2 HOH 46 111 111 HOH HOH B . 
D 2 HOH 47 112 56  HOH HOH B . 
D 2 HOH 48 113 113 HOH HOH B . 
D 2 HOH 49 114 114 HOH HOH B . 
D 2 HOH 50 115 58  HOH HOH B . 
D 2 HOH 51 116 116 HOH HOH B . 
D 2 HOH 52 117 117 HOH HOH B . 
D 2 HOH 53 118 118 HOH HOH B . 
D 2 HOH 54 119 119 HOH HOH B . 
D 2 HOH 55 120 120 HOH HOH B . 
D 2 HOH 56 121 121 HOH HOH B . 
D 2 HOH 57 122 122 HOH HOH B . 
D 2 HOH 58 123 123 HOH HOH B . 
D 2 HOH 59 124 124 HOH HOH B . 
D 2 HOH 60 125 59  HOH HOH B . 
D 2 HOH 61 126 126 HOH HOH B . 
D 2 HOH 62 127 127 HOH HOH B . 
D 2 HOH 63 128 128 HOH HOH B . 
D 2 HOH 64 129 129 HOH HOH B . 
D 2 HOH 65 130 130 HOH HOH B . 
D 2 HOH 66 132 132 HOH HOH B . 
D 2 HOH 67 133 133 HOH HOH B . 
D 2 HOH 68 134 134 HOH HOH B . 
D 2 HOH 69 135 135 HOH HOH B . 
D 2 HOH 70 136 60  HOH HOH B . 
D 2 HOH 71 137 63  HOH HOH B . 
D 2 HOH 72 141 141 HOH HOH B . 
D 2 HOH 73 142 142 HOH HOH B . 
D 2 HOH 74 144 144 HOH HOH B . 
D 2 HOH 75 147 147 HOH HOH B . 
D 2 HOH 76 151 151 HOH HOH B . 
D 2 HOH 77 153 153 HOH HOH B . 
D 2 HOH 78 159 159 HOH HOH B . 
D 2 HOH 79 161 161 HOH HOH B . 
D 2 HOH 80 162 162 HOH HOH B . 
D 2 HOH 81 163 163 HOH HOH B . 
D 2 HOH 82 164 164 HOH HOH B . 
D 2 HOH 83 165 165 HOH HOH B . 
D 2 HOH 84 170 170 HOH HOH B . 
# 
loop_
_software.name 
_software.classification 
_software.version 
_software.citation_id 
_software.pdbx_ordinal 
HKL-2000 'data collection' .        ? 1 
PHASER   phasing           .        ? 2 
REFMAC   refinement        5.5.0109 ? 3 
HKL-2000 'data reduction'  .        ? 4 
HKL-2000 'data scaling'    .        ? 5 
# 
_cell.entry_id           3RY0 
_cell.length_a           117.637 
_cell.length_b           117.637 
_cell.length_c           117.637 
_cell.angle_alpha        90.00 
_cell.angle_beta         90.00 
_cell.angle_gamma        90.00 
_cell.Z_PDB              96 
_cell.pdbx_unique_axis   ? 
_cell.length_a_esd       ? 
_cell.length_b_esd       ? 
_cell.length_c_esd       ? 
_cell.angle_alpha_esd    ? 
_cell.angle_beta_esd     ? 
_cell.angle_gamma_esd    ? 
# 
_symmetry.entry_id                         3RY0 
_symmetry.space_group_name_H-M             'I 41 3 2' 
_symmetry.pdbx_full_space_group_name_H-M   ? 
_symmetry.cell_setting                     ? 
_symmetry.Int_Tables_number                214 
_symmetry.space_group_name_Hall            ? 
# 
_exptl.entry_id          3RY0 
_exptl.method            'X-RAY DIFFRACTION' 
_exptl.crystals_number   1 
# 
loop_
_exptl_crystal.id 
_exptl_crystal.density_meas 
_exptl_crystal.density_Matthews 
_exptl_crystal.density_percent_sol 
_exptl_crystal.description 
_exptl_crystal.F_000 
_exptl_crystal.preparation 
1 ? 2.44 49.66 ? ? ? 
2 ? ?    ?     ? ? ? 
# 
loop_
_exptl_crystal_grow.crystal_id 
_exptl_crystal_grow.method 
_exptl_crystal_grow.temp 
_exptl_crystal_grow.temp_details 
_exptl_crystal_grow.pH 
_exptl_crystal_grow.pdbx_details 
_exptl_crystal_grow.pdbx_pH_range 
1 'VAPOR DIFFUSION, SITTING DROP' 298 ? 4.5 
'100mM magnesium acetate, 100mM sodium acetate, 5%-21% PEG8000, pH 4.5, VAPOR DIFFUSION, SITTING DROP, temperature 298K' ? 
2 'VAPOR DIFFUSION, SITTING DROP' 298 ? 4.5 
'100mM calcium acetate, 100mM sodium acetate, 1%-13% PEG4000, pH 4.5, VAPOR DIFFUSION, SITTING DROP, temperature 298K'   ? 
# 
_diffrn.id                     1 
_diffrn.ambient_temp           100 
_diffrn.ambient_temp_details   ? 
_diffrn.crystal_id             1 
# 
_diffrn_detector.diffrn_id              1 
_diffrn_detector.detector               CCD 
_diffrn_detector.type                   'ADSC QUANTUM 315' 
_diffrn_detector.pdbx_collection_date   2009-12-15 
_diffrn_detector.details                mirror 
# 
_diffrn_radiation.diffrn_id                        1 
_diffrn_radiation.wavelength_id                    1 
_diffrn_radiation.pdbx_monochromatic_or_laue_m_l   M 
_diffrn_radiation.monochromator                    graphite 
_diffrn_radiation.pdbx_diffrn_protocol             'SINGLE WAVELENGTH' 
_diffrn_radiation.pdbx_scattering_type             x-ray 
# 
_diffrn_radiation_wavelength.id           1 
_diffrn_radiation_wavelength.wavelength   1.0 
_diffrn_radiation_wavelength.wt           1.0 
# 
_diffrn_source.diffrn_id                   1 
_diffrn_source.source                      SYNCHROTRON 
_diffrn_source.type                        'ALS BEAMLINE 8.3.1' 
_diffrn_source.pdbx_synchrotron_site       ALS 
_diffrn_source.pdbx_synchrotron_beamline   8.3.1 
_diffrn_source.pdbx_wavelength             ? 
_diffrn_source.pdbx_wavelength_list        1.0 
# 
_reflns.entry_id                     3RY0 
_reflns.observed_criterion_sigma_I   0 
_reflns.observed_criterion_sigma_F   -3 
_reflns.d_resolution_low             83.18 
_reflns.d_resolution_high            1.4 
_reflns.number_obs                   27574 
_reflns.number_all                   27574 
_reflns.percent_possible_obs         100 
_reflns.pdbx_Rmerge_I_obs            ? 
_reflns.pdbx_Rsym_value              0.068 
_reflns.pdbx_netI_over_sigmaI        1.8 
_reflns.B_iso_Wilson_estimate        ? 
_reflns.pdbx_redundancy              35.7 
_reflns.R_free_details               ? 
_reflns.limit_h_max                  ? 
_reflns.limit_h_min                  ? 
_reflns.limit_k_max                  ? 
_reflns.limit_k_min                  ? 
_reflns.limit_l_max                  ? 
_reflns.limit_l_min                  ? 
_reflns.observed_criterion_F_max     ? 
_reflns.observed_criterion_F_min     ? 
_reflns.pdbx_chi_squared             ? 
_reflns.pdbx_scaling_rejects         ? 
_reflns.pdbx_ordinal                 1 
_reflns.pdbx_diffrn_id               1 
# 
_reflns_shell.d_res_high             1.4 
_reflns_shell.d_res_low              1.42 
_reflns_shell.percent_possible_all   100 
_reflns_shell.Rmerge_I_obs           ? 
_reflns_shell.pdbx_Rsym_value        ? 
_reflns_shell.meanI_over_sigI_obs    ? 
_reflns_shell.pdbx_redundancy        ? 
_reflns_shell.percent_possible_obs   ? 
_reflns_shell.number_unique_all      ? 
_reflns_shell.number_measured_all    ? 
_reflns_shell.number_measured_obs    ? 
_reflns_shell.number_unique_obs      ? 
_reflns_shell.pdbx_chi_squared       ? 
_reflns_shell.pdbx_ordinal           1 
_reflns_shell.pdbx_diffrn_id         1 
# 
_refine.entry_id                                 3RY0 
_refine.ls_number_reflns_obs                     26052 
_refine.ls_number_reflns_all                     ? 
_refine.pdbx_ls_sigma_I                          ? 
_refine.pdbx_ls_sigma_F                          ? 
_refine.pdbx_data_cutoff_high_absF               ? 
_refine.pdbx_data_cutoff_low_absF                ? 
_refine.pdbx_data_cutoff_high_rms_absF           ? 
_refine.ls_d_res_low                             50 
_refine.ls_d_res_high                            1.40 
_refine.ls_percent_reflns_obs                    99.34 
_refine.ls_R_factor_obs                          0.22222 
_refine.ls_R_factor_all                          ? 
_refine.ls_R_factor_R_work                       0.22070 
_refine.ls_R_factor_R_free                       0.25116 
_refine.ls_R_factor_R_free_error                 ? 
_refine.ls_R_factor_R_free_error_details         ? 
_refine.ls_percent_reflns_R_free                 5.0 
_refine.ls_number_reflns_R_free                  1379 
_refine.ls_number_parameters                     ? 
_refine.ls_number_restraints                     ? 
_refine.occupancy_min                            ? 
_refine.occupancy_max                            ? 
_refine.correlation_coeff_Fo_to_Fc               0.954 
_refine.correlation_coeff_Fo_to_Fc_free          0.941 
_refine.B_iso_mean                               21.150 
_refine.aniso_B[1][1]                            ? 
_refine.aniso_B[2][2]                            ? 
_refine.aniso_B[3][3]                            ? 
_refine.aniso_B[1][2]                            ? 
_refine.aniso_B[1][3]                            ? 
_refine.aniso_B[2][3]                            ? 
_refine.solvent_model_details                    MASK 
_refine.solvent_model_param_ksol                 ? 
_refine.solvent_model_param_bsol                 ? 
_refine.pdbx_solvent_vdw_probe_radii             1.40 
_refine.pdbx_solvent_ion_probe_radii             0.80 
_refine.pdbx_solvent_shrinkage_radii             0.80 
_refine.pdbx_ls_cross_valid_method               THROUGHOUT 
_refine.details                                  'HYDROGENS HAVE BEEN ADDED IN THE RIDING POSITIONS' 
_refine.pdbx_starting_model                      ? 
_refine.pdbx_method_to_determine_struct          'MOLECULAR REPLACEMENT' 
_refine.pdbx_isotropic_thermal_model             ? 
_refine.pdbx_stereochemistry_target_values       'MAXIMUM LIKELIHOOD' 
_refine.pdbx_stereochem_target_val_spec_case     ? 
_refine.pdbx_R_Free_selection_details            RANDOM 
_refine.pdbx_overall_ESU_R_Free                  0.075 
_refine.overall_SU_ML                            0.047 
_refine.pdbx_overall_phase_error                 ? 
_refine.overall_SU_B                             1.163 
_refine.overall_SU_R_Cruickshank_DPI             ? 
_refine.ls_redundancy_reflns_obs                 ? 
_refine.B_iso_min                                ? 
_refine.B_iso_max                                ? 
_refine.overall_SU_R_free                        ? 
_refine.ls_wR_factor_R_free                      ? 
_refine.ls_wR_factor_R_work                      ? 
_refine.overall_FOM_free_R_set                   ? 
_refine.overall_FOM_work_R_set                   ? 
_refine.pdbx_diffrn_id                           1 
_refine.pdbx_refine_id                           'X-RAY DIFFRACTION' 
_refine.pdbx_overall_ESU_R                       ? 
_refine.pdbx_TLS_residual_ADP_flag               ? 
_refine.pdbx_overall_SU_R_free_Cruickshank_DPI   ? 
_refine.pdbx_overall_SU_R_Blow_DPI               ? 
_refine.pdbx_overall_SU_R_free_Blow_DPI          ? 
# 
_refine_hist.pdbx_refine_id                   'X-RAY DIFFRACTION' 
_refine_hist.cycle_id                         LAST 
_refine_hist.pdbx_number_atoms_protein        964 
_refine_hist.pdbx_number_atoms_nucleic_acid   0 
_refine_hist.pdbx_number_atoms_ligand         0 
_refine_hist.number_atoms_solvent             172 
_refine_hist.number_atoms_total               1136 
_refine_hist.d_res_high                       1.40 
_refine_hist.d_res_low                        50 
# 
loop_
_refine_ls_restr.type 
_refine_ls_restr.dev_ideal 
_refine_ls_restr.dev_ideal_target 
_refine_ls_restr.weight 
_refine_ls_restr.number 
_refine_ls_restr.pdbx_restraint_function 
_refine_ls_restr.pdbx_refine_id 
r_bond_refined_d             0.029  0.022  ? 981  ? 'X-RAY DIFFRACTION' 
r_bond_other_d               ?      ?      ? ?    ? 'X-RAY DIFFRACTION' 
r_angle_refined_deg          2.355  1.979  ? 1338 ? 'X-RAY DIFFRACTION' 
r_angle_other_deg            ?      ?      ? ?    ? 'X-RAY DIFFRACTION' 
r_dihedral_angle_1_deg       5.667  5.000  ? 126  ? 'X-RAY DIFFRACTION' 
r_dihedral_angle_2_deg       26.812 21.500 ? 40   ? 'X-RAY DIFFRACTION' 
r_dihedral_angle_3_deg       12.199 15.000 ? 153  ? 'X-RAY DIFFRACTION' 
r_dihedral_angle_4_deg       22.030 15.000 ? 14   ? 'X-RAY DIFFRACTION' 
r_chiral_restr               0.168  0.200  ? 160  ? 'X-RAY DIFFRACTION' 
r_gen_planes_refined         0.014  0.021  ? 740  ? 'X-RAY DIFFRACTION' 
r_gen_planes_other           ?      ?      ? ?    ? 'X-RAY DIFFRACTION' 
r_nbd_refined                ?      ?      ? ?    ? 'X-RAY DIFFRACTION' 
r_nbd_other                  ?      ?      ? ?    ? 'X-RAY DIFFRACTION' 
r_nbtor_refined              ?      ?      ? ?    ? 'X-RAY DIFFRACTION' 
r_nbtor_other                ?      ?      ? ?    ? 'X-RAY DIFFRACTION' 
r_xyhbond_nbd_refined        ?      ?      ? ?    ? 'X-RAY DIFFRACTION' 
r_xyhbond_nbd_other          ?      ?      ? ?    ? 'X-RAY DIFFRACTION' 
r_metal_ion_refined          ?      ?      ? ?    ? 'X-RAY DIFFRACTION' 
r_metal_ion_other            ?      ?      ? ?    ? 'X-RAY DIFFRACTION' 
r_symmetry_vdw_refined       ?      ?      ? ?    ? 'X-RAY DIFFRACTION' 
r_symmetry_vdw_other         ?      ?      ? ?    ? 'X-RAY DIFFRACTION' 
r_symmetry_hbond_refined     ?      ?      ? ?    ? 'X-RAY DIFFRACTION' 
r_symmetry_hbond_other       ?      ?      ? ?    ? 'X-RAY DIFFRACTION' 
r_symmetry_metal_ion_refined ?      ?      ? ?    ? 'X-RAY DIFFRACTION' 
r_symmetry_metal_ion_other   ?      ?      ? ?    ? 'X-RAY DIFFRACTION' 
r_mcbond_it                  1.592  1.500  ? 640  ? 'X-RAY DIFFRACTION' 
r_mcbond_other               ?      ?      ? ?    ? 'X-RAY DIFFRACTION' 
r_mcangle_it                 2.590  2.000  ? 1033 ? 'X-RAY DIFFRACTION' 
r_scbond_it                  4.092  3.000  ? 341  ? 'X-RAY DIFFRACTION' 
r_scangle_it                 6.283  4.500  ? 305  ? 'X-RAY DIFFRACTION' 
r_rigid_bond_restr           ?      ?      ? ?    ? 'X-RAY DIFFRACTION' 
r_sphericity_free            ?      ?      ? ?    ? 'X-RAY DIFFRACTION' 
r_sphericity_bonded          ?      ?      ? ?    ? 'X-RAY DIFFRACTION' 
# 
_refine_ls_shell.pdbx_total_number_of_bins_used   20 
_refine_ls_shell.d_res_high                       1.4 
_refine_ls_shell.d_res_low                        1.436 
_refine_ls_shell.number_reflns_R_work             1921 
_refine_ls_shell.R_factor_R_work                  0.371 
_refine_ls_shell.percent_reflns_obs               100.00 
_refine_ls_shell.R_factor_R_free                  0.472 
_refine_ls_shell.R_factor_R_free_error            ? 
_refine_ls_shell.percent_reflns_R_free            ? 
_refine_ls_shell.number_reflns_R_free             96 
_refine_ls_shell.number_reflns_all                ? 
_refine_ls_shell.R_factor_all                     ? 
_refine_ls_shell.number_reflns_obs                ? 
_refine_ls_shell.redundancy_reflns_obs            ? 
_refine_ls_shell.pdbx_refine_id                   'X-RAY DIFFRACTION' 
# 
_struct.entry_id                  3RY0 
_struct.title                     
'Crystal structure of TomN, a 4-Oxalocrotonate Tautomerase homologue in Tomaymycin biosynthetic pathway' 
_struct.pdbx_model_details        ? 
_struct.pdbx_CASP_flag            ? 
_struct.pdbx_model_type_details   ? 
# 
_struct_keywords.entry_id        3RY0 
_struct_keywords.pdbx_keywords   ISOMERASE 
_struct_keywords.text            '4 oxalocrotonate tautomerase family, tautomerase, ISOMERASE' 
# 
loop_
_struct_asym.id 
_struct_asym.pdbx_blank_PDB_chainid_flag 
_struct_asym.pdbx_modified 
_struct_asym.entity_id 
_struct_asym.details 
A N N 1 ? 
B N N 1 ? 
C N N 2 ? 
D N N 2 ? 
# 
_struct_ref.id                         1 
_struct_ref.db_name                    UNP 
_struct_ref.db_code                    C0LTT5_STRAH 
_struct_ref.pdbx_db_accession          C0LTT5 
_struct_ref.entity_id                  1 
_struct_ref.pdbx_seq_one_letter_code   PLIRVTLLEGRSPQEVAALGEALTAAAHETLGTPVEAVRVIVEETPPERWFVGGRSVAERRASPS 
_struct_ref.pdbx_align_begin           2 
_struct_ref.pdbx_db_isoform            ? 
# 
loop_
_struct_ref_seq.align_id 
_struct_ref_seq.ref_id 
_struct_ref_seq.pdbx_PDB_id_code 
_struct_ref_seq.pdbx_strand_id 
_struct_ref_seq.seq_align_beg 
_struct_ref_seq.pdbx_seq_align_beg_ins_code 
_struct_ref_seq.seq_align_end 
_struct_ref_seq.pdbx_seq_align_end_ins_code 
_struct_ref_seq.pdbx_db_accession 
_struct_ref_seq.db_align_beg 
_struct_ref_seq.pdbx_db_align_beg_ins_code 
_struct_ref_seq.db_align_end 
_struct_ref_seq.pdbx_db_align_end_ins_code 
_struct_ref_seq.pdbx_auth_seq_align_beg 
_struct_ref_seq.pdbx_auth_seq_align_end 
1 1 3RY0 A 1 ? 65 ? C0LTT5 2 ? 66 ? 1 65 
2 1 3RY0 B 1 ? 65 ? C0LTT5 2 ? 66 ? 1 65 
# 
_pdbx_struct_assembly.id                   1 
_pdbx_struct_assembly.details              author_and_software_defined_assembly 
_pdbx_struct_assembly.method_details       PISA 
_pdbx_struct_assembly.oligomeric_details   hexameric 
_pdbx_struct_assembly.oligomeric_count     6 
# 
loop_
_pdbx_struct_assembly_prop.biol_id 
_pdbx_struct_assembly_prop.type 
_pdbx_struct_assembly_prop.value 
_pdbx_struct_assembly_prop.details 
1 'ABSA (A^2)' 11760 ? 
1 MORE         -62   ? 
1 'SSA (A^2)'  16660 ? 
# 
_pdbx_struct_assembly_gen.assembly_id       1 
_pdbx_struct_assembly_gen.oper_expression   1,2,3 
_pdbx_struct_assembly_gen.asym_id_list      A,B,C,D 
# 
loop_
_pdbx_struct_oper_list.id 
_pdbx_struct_oper_list.type 
_pdbx_struct_oper_list.name 
_pdbx_struct_oper_list.symmetry_operation 
_pdbx_struct_oper_list.matrix[1][1] 
_pdbx_struct_oper_list.matrix[1][2] 
_pdbx_struct_oper_list.matrix[1][3] 
_pdbx_struct_oper_list.vector[1] 
_pdbx_struct_oper_list.matrix[2][1] 
_pdbx_struct_oper_list.matrix[2][2] 
_pdbx_struct_oper_list.matrix[2][3] 
_pdbx_struct_oper_list.vector[2] 
_pdbx_struct_oper_list.matrix[3][1] 
_pdbx_struct_oper_list.matrix[3][2] 
_pdbx_struct_oper_list.matrix[3][3] 
_pdbx_struct_oper_list.vector[3] 
1 'identity operation'         1_555 x,y,z 1.0000000000  0.0000000000 0.0000000000  0.0000000000  0.0000000000 1.0000000000 0.0000000000  0.0000000000  0.0000000000  0.0000000000  1.0000000000  0.0000000000   
2 'crystal symmetry operation' 5_555 z,x,y -0.1422976196 0.6109008626 -0.7788141778 -4.3302817399 0.6666692228 0.6407425646 0.3807901171  1.7140654066  0.7316444046  -0.4650259154 -0.4984449450 -19.2510038395 
3 'crystal symmetry operation' 9_555 y,z,x -0.1422976196 0.6666692228 0.7316444046  12.3259858063 0.6109008626 0.6407425646 -0.4650259154 -7.4051174971 -0.7788141778 0.3807901171  -0.4984449450 -13.6207495297 
# 
_struct_biol.id        1 
_struct_biol.details   ? 
# 
loop_
_struct_conf.conf_type_id 
_struct_conf.id 
_struct_conf.pdbx_PDB_helix_id 
_struct_conf.beg_label_comp_id 
_struct_conf.beg_label_asym_id 
_struct_conf.beg_label_seq_id 
_struct_conf.pdbx_beg_PDB_ins_code 
_struct_conf.end_label_comp_id 
_struct_conf.end_label_asym_id 
_struct_conf.end_label_seq_id 
_struct_conf.pdbx_end_PDB_ins_code 
_struct_conf.beg_auth_comp_id 
_struct_conf.beg_auth_asym_id 
_struct_conf.beg_auth_seq_id 
_struct_conf.end_auth_comp_id 
_struct_conf.end_auth_asym_id 
_struct_conf.end_auth_seq_id 
_struct_conf.pdbx_PDB_helix_class 
_struct_conf.details 
_struct_conf.pdbx_PDB_helix_length 
HELX_P HELX_P1 1 SER A 12 ? GLY A 32 ? SER A 12 GLY A 32 1 ? 21 
HELX_P HELX_P2 2 PRO A 34 ? VAL A 38 ? PRO A 34 VAL A 38 5 ? 5  
HELX_P HELX_P3 3 VAL A 57 ? SER A 63 ? VAL A 57 SER A 63 1 ? 7  
HELX_P HELX_P4 4 SER B 12 ? GLY B 32 ? SER B 12 GLY B 32 1 ? 21 
HELX_P HELX_P5 5 PRO B 34 ? VAL B 38 ? PRO B 34 VAL B 38 5 ? 5  
HELX_P HELX_P6 6 VAL B 57 ? SER B 63 ? VAL B 57 SER B 63 1 ? 7  
# 
_struct_conf_type.id          HELX_P 
_struct_conf_type.criteria    ? 
_struct_conf_type.reference   ? 
# 
loop_
_struct_sheet.id 
_struct_sheet.type 
_struct_sheet.number_strands 
_struct_sheet.details 
A ? 4 ? 
B ? 2 ? 
C ? 2 ? 
# 
loop_
_struct_sheet_order.sheet_id 
_struct_sheet_order.range_id_1 
_struct_sheet_order.range_id_2 
_struct_sheet_order.offset 
_struct_sheet_order.sense 
A 1 2 ? parallel      
A 2 3 ? anti-parallel 
A 3 4 ? parallel      
B 1 2 ? anti-parallel 
C 1 2 ? anti-parallel 
# 
loop_
_struct_sheet_range.sheet_id 
_struct_sheet_range.id 
_struct_sheet_range.beg_label_comp_id 
_struct_sheet_range.beg_label_asym_id 
_struct_sheet_range.beg_label_seq_id 
_struct_sheet_range.pdbx_beg_PDB_ins_code 
_struct_sheet_range.end_label_comp_id 
_struct_sheet_range.end_label_asym_id 
_struct_sheet_range.end_label_seq_id 
_struct_sheet_range.pdbx_end_PDB_ins_code 
_struct_sheet_range.beg_auth_comp_id 
_struct_sheet_range.beg_auth_asym_id 
_struct_sheet_range.beg_auth_seq_id 
_struct_sheet_range.end_auth_comp_id 
_struct_sheet_range.end_auth_asym_id 
_struct_sheet_range.end_auth_seq_id 
A 1 ARG A 39 ? THR A 45 ? ARG A 39 THR A 45 
A 2 LEU A 2  ? LEU A 8  ? LEU A 2  LEU A 8  
A 3 LEU B 2  ? LEU B 8  ? LEU B 2  LEU B 8  
A 4 ARG B 39 ? THR B 45 ? ARG B 39 THR B 45 
B 1 PHE A 51 ? VAL A 52 ? PHE A 51 VAL A 52 
B 2 ARG A 55 ? SER A 56 ? ARG A 55 SER A 56 
C 1 PHE B 51 ? VAL B 52 ? PHE B 51 VAL B 52 
C 2 ARG B 55 ? SER B 56 ? ARG B 55 SER B 56 
# 
loop_
_pdbx_struct_sheet_hbond.sheet_id 
_pdbx_struct_sheet_hbond.range_id_1 
_pdbx_struct_sheet_hbond.range_id_2 
_pdbx_struct_sheet_hbond.range_1_label_atom_id 
_pdbx_struct_sheet_hbond.range_1_label_comp_id 
_pdbx_struct_sheet_hbond.range_1_label_asym_id 
_pdbx_struct_sheet_hbond.range_1_label_seq_id 
_pdbx_struct_sheet_hbond.range_1_PDB_ins_code 
_pdbx_struct_sheet_hbond.range_1_auth_atom_id 
_pdbx_struct_sheet_hbond.range_1_auth_comp_id 
_pdbx_struct_sheet_hbond.range_1_auth_asym_id 
_pdbx_struct_sheet_hbond.range_1_auth_seq_id 
_pdbx_struct_sheet_hbond.range_2_label_atom_id 
_pdbx_struct_sheet_hbond.range_2_label_comp_id 
_pdbx_struct_sheet_hbond.range_2_label_asym_id 
_pdbx_struct_sheet_hbond.range_2_label_seq_id 
_pdbx_struct_sheet_hbond.range_2_PDB_ins_code 
_pdbx_struct_sheet_hbond.range_2_auth_atom_id 
_pdbx_struct_sheet_hbond.range_2_auth_comp_id 
_pdbx_struct_sheet_hbond.range_2_auth_asym_id 
_pdbx_struct_sheet_hbond.range_2_auth_seq_id 
A 1 2 O GLU A 43 ? O GLU A 43 N VAL A 5  ? N VAL A 5  
A 2 3 N ARG A 4  ? N ARG A 4  O ARG B 4  ? O ARG B 4  
A 3 4 N VAL B 5  ? N VAL B 5  O GLU B 43 ? O GLU B 43 
B 1 2 N VAL A 52 ? N VAL A 52 O ARG A 55 ? O ARG A 55 
C 1 2 N VAL B 52 ? N VAL B 52 O ARG B 55 ? O ARG B 55 
# 
loop_
_pdbx_validate_close_contact.id 
_pdbx_validate_close_contact.PDB_model_num 
_pdbx_validate_close_contact.auth_atom_id_1 
_pdbx_validate_close_contact.auth_asym_id_1 
_pdbx_validate_close_contact.auth_comp_id_1 
_pdbx_validate_close_contact.auth_seq_id_1 
_pdbx_validate_close_contact.PDB_ins_code_1 
_pdbx_validate_close_contact.label_alt_id_1 
_pdbx_validate_close_contact.auth_atom_id_2 
_pdbx_validate_close_contact.auth_asym_id_2 
_pdbx_validate_close_contact.auth_comp_id_2 
_pdbx_validate_close_contact.auth_seq_id_2 
_pdbx_validate_close_contact.PDB_ins_code_2 
_pdbx_validate_close_contact.label_alt_id_2 
_pdbx_validate_close_contact.dist 
1 1 CD  B GLU 44 ? ? O B HOH 85  ? ? 1.85 
2 1 O   B SER 63 ? ? O B HOH 135 ? ? 2.10 
3 1 OE2 B GLU 44 ? ? O B HOH 85  ? ? 2.14 
# 
loop_
_pdbx_validate_symm_contact.id 
_pdbx_validate_symm_contact.PDB_model_num 
_pdbx_validate_symm_contact.auth_atom_id_1 
_pdbx_validate_symm_contact.auth_asym_id_1 
_pdbx_validate_symm_contact.auth_comp_id_1 
_pdbx_validate_symm_contact.auth_seq_id_1 
_pdbx_validate_symm_contact.PDB_ins_code_1 
_pdbx_validate_symm_contact.label_alt_id_1 
_pdbx_validate_symm_contact.site_symmetry_1 
_pdbx_validate_symm_contact.auth_atom_id_2 
_pdbx_validate_symm_contact.auth_asym_id_2 
_pdbx_validate_symm_contact.auth_comp_id_2 
_pdbx_validate_symm_contact.auth_seq_id_2 
_pdbx_validate_symm_contact.PDB_ins_code_2 
_pdbx_validate_symm_contact.label_alt_id_2 
_pdbx_validate_symm_contact.site_symmetry_2 
_pdbx_validate_symm_contact.dist 
1 1 O   B HOH 82  ? ? 1_555 O B HOH 82  ? ? 13_455 1.88 
2 1 O   B HOH 87  ? ? 1_555 O B HOH 87  ? ? 13_455 1.99 
3 1 O   A HOH 93  ? ? 1_555 O A HOH 100 ? ? 5_555  2.15 
4 1 O   A HOH 124 ? ? 1_555 O B HOH 78  ? ? 9_555  2.16 
5 1 OE2 B GLU 59  ? ? 1_555 O A HOH 77  ? ? 20_554 2.17 
# 
loop_
_pdbx_validate_rmsd_bond.id 
_pdbx_validate_rmsd_bond.PDB_model_num 
_pdbx_validate_rmsd_bond.auth_atom_id_1 
_pdbx_validate_rmsd_bond.auth_asym_id_1 
_pdbx_validate_rmsd_bond.auth_comp_id_1 
_pdbx_validate_rmsd_bond.auth_seq_id_1 
_pdbx_validate_rmsd_bond.PDB_ins_code_1 
_pdbx_validate_rmsd_bond.label_alt_id_1 
_pdbx_validate_rmsd_bond.auth_atom_id_2 
_pdbx_validate_rmsd_bond.auth_asym_id_2 
_pdbx_validate_rmsd_bond.auth_comp_id_2 
_pdbx_validate_rmsd_bond.auth_seq_id_2 
_pdbx_validate_rmsd_bond.PDB_ins_code_2 
_pdbx_validate_rmsd_bond.label_alt_id_2 
_pdbx_validate_rmsd_bond.bond_value 
_pdbx_validate_rmsd_bond.bond_target_value 
_pdbx_validate_rmsd_bond.bond_deviation 
_pdbx_validate_rmsd_bond.bond_standard_deviation 
_pdbx_validate_rmsd_bond.linker_flag 
1 1 CZ A ARG 4  ? ? NH2 A ARG 4  ? ? 1.413 1.326 0.087  0.013 N 
2 1 CB B VAL 5  ? ? CG2 B VAL 5  ? ? 1.325 1.524 -0.199 0.021 N 
3 1 CB B GLU 59 ? ? CG  B GLU 59 ? ? 1.338 1.517 -0.179 0.019 N 
# 
loop_
_pdbx_validate_rmsd_angle.id 
_pdbx_validate_rmsd_angle.PDB_model_num 
_pdbx_validate_rmsd_angle.auth_atom_id_1 
_pdbx_validate_rmsd_angle.auth_asym_id_1 
_pdbx_validate_rmsd_angle.auth_comp_id_1 
_pdbx_validate_rmsd_angle.auth_seq_id_1 
_pdbx_validate_rmsd_angle.PDB_ins_code_1 
_pdbx_validate_rmsd_angle.label_alt_id_1 
_pdbx_validate_rmsd_angle.auth_atom_id_2 
_pdbx_validate_rmsd_angle.auth_asym_id_2 
_pdbx_validate_rmsd_angle.auth_comp_id_2 
_pdbx_validate_rmsd_angle.auth_seq_id_2 
_pdbx_validate_rmsd_angle.PDB_ins_code_2 
_pdbx_validate_rmsd_angle.label_alt_id_2 
_pdbx_validate_rmsd_angle.auth_atom_id_3 
_pdbx_validate_rmsd_angle.auth_asym_id_3 
_pdbx_validate_rmsd_angle.auth_comp_id_3 
_pdbx_validate_rmsd_angle.auth_seq_id_3 
_pdbx_validate_rmsd_angle.PDB_ins_code_3 
_pdbx_validate_rmsd_angle.label_alt_id_3 
_pdbx_validate_rmsd_angle.angle_value 
_pdbx_validate_rmsd_angle.angle_target_value 
_pdbx_validate_rmsd_angle.angle_deviation 
_pdbx_validate_rmsd_angle.angle_standard_deviation 
_pdbx_validate_rmsd_angle.linker_flag 
1 1 NE A ARG 4  ? ? CZ A ARG 4  ? ? NH1 A ARG 4  ? ? 113.76 120.30 -6.54 0.50 N 
2 1 NE A ARG 4  ? ? CZ A ARG 4  ? ? NH2 A ARG 4  ? ? 129.67 120.30 9.37  0.50 N 
3 1 NE B ARG 39 ? ? CZ B ARG 39 ? ? NH2 B ARG 39 ? ? 116.23 120.30 -4.07 0.50 N 
# 
loop_
_pdbx_struct_special_symmetry.id 
_pdbx_struct_special_symmetry.PDB_model_num 
_pdbx_struct_special_symmetry.auth_asym_id 
_pdbx_struct_special_symmetry.auth_comp_id 
_pdbx_struct_special_symmetry.auth_seq_id 
_pdbx_struct_special_symmetry.PDB_ins_code 
_pdbx_struct_special_symmetry.label_asym_id 
_pdbx_struct_special_symmetry.label_comp_id 
_pdbx_struct_special_symmetry.label_seq_id 
1 1 B HOH 134 ? D HOH . 
2 1 B HOH 162 ? D HOH . 
# 
loop_
_pdbx_unobs_or_zero_occ_residues.id 
_pdbx_unobs_or_zero_occ_residues.PDB_model_num 
_pdbx_unobs_or_zero_occ_residues.polymer_flag 
_pdbx_unobs_or_zero_occ_residues.occupancy_flag 
_pdbx_unobs_or_zero_occ_residues.auth_asym_id 
_pdbx_unobs_or_zero_occ_residues.auth_comp_id 
_pdbx_unobs_or_zero_occ_residues.auth_seq_id 
_pdbx_unobs_or_zero_occ_residues.PDB_ins_code 
_pdbx_unobs_or_zero_occ_residues.label_asym_id 
_pdbx_unobs_or_zero_occ_residues.label_comp_id 
_pdbx_unobs_or_zero_occ_residues.label_seq_id 
1 1 Y 1 B PRO 64 ? B PRO 64 
2 1 Y 1 B SER 65 ? B SER 65 
# 
loop_
_chem_comp_atom.comp_id 
_chem_comp_atom.atom_id 
_chem_comp_atom.type_symbol 
_chem_comp_atom.pdbx_aromatic_flag 
_chem_comp_atom.pdbx_stereo_config 
_chem_comp_atom.pdbx_ordinal 
ALA N    N N N 1   
ALA CA   C N S 2   
ALA C    C N N 3   
ALA O    O N N 4   
ALA CB   C N N 5   
ALA OXT  O N N 6   
ALA H    H N N 7   
ALA H2   H N N 8   
ALA HA   H N N 9   
ALA HB1  H N N 10  
ALA HB2  H N N 11  
ALA HB3  H N N 12  
ALA HXT  H N N 13  
ARG N    N N N 14  
ARG CA   C N S 15  
ARG C    C N N 16  
ARG O    O N N 17  
ARG CB   C N N 18  
ARG CG   C N N 19  
ARG CD   C N N 20  
ARG NE   N N N 21  
ARG CZ   C N N 22  
ARG NH1  N N N 23  
ARG NH2  N N N 24  
ARG OXT  O N N 25  
ARG H    H N N 26  
ARG H2   H N N 27  
ARG HA   H N N 28  
ARG HB2  H N N 29  
ARG HB3  H N N 30  
ARG HG2  H N N 31  
ARG HG3  H N N 32  
ARG HD2  H N N 33  
ARG HD3  H N N 34  
ARG HE   H N N 35  
ARG HH11 H N N 36  
ARG HH12 H N N 37  
ARG HH21 H N N 38  
ARG HH22 H N N 39  
ARG HXT  H N N 40  
GLN N    N N N 41  
GLN CA   C N S 42  
GLN C    C N N 43  
GLN O    O N N 44  
GLN CB   C N N 45  
GLN CG   C N N 46  
GLN CD   C N N 47  
GLN OE1  O N N 48  
GLN NE2  N N N 49  
GLN OXT  O N N 50  
GLN H    H N N 51  
GLN H2   H N N 52  
GLN HA   H N N 53  
GLN HB2  H N N 54  
GLN HB3  H N N 55  
GLN HG2  H N N 56  
GLN HG3  H N N 57  
GLN HE21 H N N 58  
GLN HE22 H N N 59  
GLN HXT  H N N 60  
GLU N    N N N 61  
GLU CA   C N S 62  
GLU C    C N N 63  
GLU O    O N N 64  
GLU CB   C N N 65  
GLU CG   C N N 66  
GLU CD   C N N 67  
GLU OE1  O N N 68  
GLU OE2  O N N 69  
GLU OXT  O N N 70  
GLU H    H N N 71  
GLU H2   H N N 72  
GLU HA   H N N 73  
GLU HB2  H N N 74  
GLU HB3  H N N 75  
GLU HG2  H N N 76  
GLU HG3  H N N 77  
GLU HE2  H N N 78  
GLU HXT  H N N 79  
GLY N    N N N 80  
GLY CA   C N N 81  
GLY C    C N N 82  
GLY O    O N N 83  
GLY OXT  O N N 84  
GLY H    H N N 85  
GLY H2   H N N 86  
GLY HA2  H N N 87  
GLY HA3  H N N 88  
GLY HXT  H N N 89  
HIS N    N N N 90  
HIS CA   C N S 91  
HIS C    C N N 92  
HIS O    O N N 93  
HIS CB   C N N 94  
HIS CG   C Y N 95  
HIS ND1  N Y N 96  
HIS CD2  C Y N 97  
HIS CE1  C Y N 98  
HIS NE2  N Y N 99  
HIS OXT  O N N 100 
HIS H    H N N 101 
HIS H2   H N N 102 
HIS HA   H N N 103 
HIS HB2  H N N 104 
HIS HB3  H N N 105 
HIS HD1  H N N 106 
HIS HD2  H N N 107 
HIS HE1  H N N 108 
HIS HE2  H N N 109 
HIS HXT  H N N 110 
HOH O    O N N 111 
HOH H1   H N N 112 
HOH H2   H N N 113 
ILE N    N N N 114 
ILE CA   C N S 115 
ILE C    C N N 116 
ILE O    O N N 117 
ILE CB   C N S 118 
ILE CG1  C N N 119 
ILE CG2  C N N 120 
ILE CD1  C N N 121 
ILE OXT  O N N 122 
ILE H    H N N 123 
ILE H2   H N N 124 
ILE HA   H N N 125 
ILE HB   H N N 126 
ILE HG12 H N N 127 
ILE HG13 H N N 128 
ILE HG21 H N N 129 
ILE HG22 H N N 130 
ILE HG23 H N N 131 
ILE HD11 H N N 132 
ILE HD12 H N N 133 
ILE HD13 H N N 134 
ILE HXT  H N N 135 
LEU N    N N N 136 
LEU CA   C N S 137 
LEU C    C N N 138 
LEU O    O N N 139 
LEU CB   C N N 140 
LEU CG   C N N 141 
LEU CD1  C N N 142 
LEU CD2  C N N 143 
LEU OXT  O N N 144 
LEU H    H N N 145 
LEU H2   H N N 146 
LEU HA   H N N 147 
LEU HB2  H N N 148 
LEU HB3  H N N 149 
LEU HG   H N N 150 
LEU HD11 H N N 151 
LEU HD12 H N N 152 
LEU HD13 H N N 153 
LEU HD21 H N N 154 
LEU HD22 H N N 155 
LEU HD23 H N N 156 
LEU HXT  H N N 157 
PHE N    N N N 158 
PHE CA   C N S 159 
PHE C    C N N 160 
PHE O    O N N 161 
PHE CB   C N N 162 
PHE CG   C Y N 163 
PHE CD1  C Y N 164 
PHE CD2  C Y N 165 
PHE CE1  C Y N 166 
PHE CE2  C Y N 167 
PHE CZ   C Y N 168 
PHE OXT  O N N 169 
PHE H    H N N 170 
PHE H2   H N N 171 
PHE HA   H N N 172 
PHE HB2  H N N 173 
PHE HB3  H N N 174 
PHE HD1  H N N 175 
PHE HD2  H N N 176 
PHE HE1  H N N 177 
PHE HE2  H N N 178 
PHE HZ   H N N 179 
PHE HXT  H N N 180 
PRO N    N N N 181 
PRO CA   C N S 182 
PRO C    C N N 183 
PRO O    O N N 184 
PRO CB   C N N 185 
PRO CG   C N N 186 
PRO CD   C N N 187 
PRO OXT  O N N 188 
PRO H    H N N 189 
PRO HA   H N N 190 
PRO HB2  H N N 191 
PRO HB3  H N N 192 
PRO HG2  H N N 193 
PRO HG3  H N N 194 
PRO HD2  H N N 195 
PRO HD3  H N N 196 
PRO HXT  H N N 197 
SER N    N N N 198 
SER CA   C N S 199 
SER C    C N N 200 
SER O    O N N 201 
SER CB   C N N 202 
SER OG   O N N 203 
SER OXT  O N N 204 
SER H    H N N 205 
SER H2   H N N 206 
SER HA   H N N 207 
SER HB2  H N N 208 
SER HB3  H N N 209 
SER HG   H N N 210 
SER HXT  H N N 211 
THR N    N N N 212 
THR CA   C N S 213 
THR C    C N N 214 
THR O    O N N 215 
THR CB   C N R 216 
THR OG1  O N N 217 
THR CG2  C N N 218 
THR OXT  O N N 219 
THR H    H N N 220 
THR H2   H N N 221 
THR HA   H N N 222 
THR HB   H N N 223 
THR HG1  H N N 224 
THR HG21 H N N 225 
THR HG22 H N N 226 
THR HG23 H N N 227 
THR HXT  H N N 228 
TRP N    N N N 229 
TRP CA   C N S 230 
TRP C    C N N 231 
TRP O    O N N 232 
TRP CB   C N N 233 
TRP CG   C Y N 234 
TRP CD1  C Y N 235 
TRP CD2  C Y N 236 
TRP NE1  N Y N 237 
TRP CE2  C Y N 238 
TRP CE3  C Y N 239 
TRP CZ2  C Y N 240 
TRP CZ3  C Y N 241 
TRP CH2  C Y N 242 
TRP OXT  O N N 243 
TRP H    H N N 244 
TRP H2   H N N 245 
TRP HA   H N N 246 
TRP HB2  H N N 247 
TRP HB3  H N N 248 
TRP HD1  H N N 249 
TRP HE1  H N N 250 
TRP HE3  H N N 251 
TRP HZ2  H N N 252 
TRP HZ3  H N N 253 
TRP HH2  H N N 254 
TRP HXT  H N N 255 
VAL N    N N N 256 
VAL CA   C N S 257 
VAL C    C N N 258 
VAL O    O N N 259 
VAL CB   C N N 260 
VAL CG1  C N N 261 
VAL CG2  C N N 262 
VAL OXT  O N N 263 
VAL H    H N N 264 
VAL H2   H N N 265 
VAL HA   H N N 266 
VAL HB   H N N 267 
VAL HG11 H N N 268 
VAL HG12 H N N 269 
VAL HG13 H N N 270 
VAL HG21 H N N 271 
VAL HG22 H N N 272 
VAL HG23 H N N 273 
VAL HXT  H N N 274 
# 
loop_
_chem_comp_bond.comp_id 
_chem_comp_bond.atom_id_1 
_chem_comp_bond.atom_id_2 
_chem_comp_bond.value_order 
_chem_comp_bond.pdbx_aromatic_flag 
_chem_comp_bond.pdbx_stereo_config 
_chem_comp_bond.pdbx_ordinal 
ALA N   CA   sing N N 1   
ALA N   H    sing N N 2   
ALA N   H2   sing N N 3   
ALA CA  C    sing N N 4   
ALA CA  CB   sing N N 5   
ALA CA  HA   sing N N 6   
ALA C   O    doub N N 7   
ALA C   OXT  sing N N 8   
ALA CB  HB1  sing N N 9   
ALA CB  HB2  sing N N 10  
ALA CB  HB3  sing N N 11  
ALA OXT HXT  sing N N 12  
ARG N   CA   sing N N 13  
ARG N   H    sing N N 14  
ARG N   H2   sing N N 15  
ARG CA  C    sing N N 16  
ARG CA  CB   sing N N 17  
ARG CA  HA   sing N N 18  
ARG C   O    doub N N 19  
ARG C   OXT  sing N N 20  
ARG CB  CG   sing N N 21  
ARG CB  HB2  sing N N 22  
ARG CB  HB3  sing N N 23  
ARG CG  CD   sing N N 24  
ARG CG  HG2  sing N N 25  
ARG CG  HG3  sing N N 26  
ARG CD  NE   sing N N 27  
ARG CD  HD2  sing N N 28  
ARG CD  HD3  sing N N 29  
ARG NE  CZ   sing N N 30  
ARG NE  HE   sing N N 31  
ARG CZ  NH1  sing N N 32  
ARG CZ  NH2  doub N N 33  
ARG NH1 HH11 sing N N 34  
ARG NH1 HH12 sing N N 35  
ARG NH2 HH21 sing N N 36  
ARG NH2 HH22 sing N N 37  
ARG OXT HXT  sing N N 38  
GLN N   CA   sing N N 39  
GLN N   H    sing N N 40  
GLN N   H2   sing N N 41  
GLN CA  C    sing N N 42  
GLN CA  CB   sing N N 43  
GLN CA  HA   sing N N 44  
GLN C   O    doub N N 45  
GLN C   OXT  sing N N 46  
GLN CB  CG   sing N N 47  
GLN CB  HB2  sing N N 48  
GLN CB  HB3  sing N N 49  
GLN CG  CD   sing N N 50  
GLN CG  HG2  sing N N 51  
GLN CG  HG3  sing N N 52  
GLN CD  OE1  doub N N 53  
GLN CD  NE2  sing N N 54  
GLN NE2 HE21 sing N N 55  
GLN NE2 HE22 sing N N 56  
GLN OXT HXT  sing N N 57  
GLU N   CA   sing N N 58  
GLU N   H    sing N N 59  
GLU N   H2   sing N N 60  
GLU CA  C    sing N N 61  
GLU CA  CB   sing N N 62  
GLU CA  HA   sing N N 63  
GLU C   O    doub N N 64  
GLU C   OXT  sing N N 65  
GLU CB  CG   sing N N 66  
GLU CB  HB2  sing N N 67  
GLU CB  HB3  sing N N 68  
GLU CG  CD   sing N N 69  
GLU CG  HG2  sing N N 70  
GLU CG  HG3  sing N N 71  
GLU CD  OE1  doub N N 72  
GLU CD  OE2  sing N N 73  
GLU OE2 HE2  sing N N 74  
GLU OXT HXT  sing N N 75  
GLY N   CA   sing N N 76  
GLY N   H    sing N N 77  
GLY N   H2   sing N N 78  
GLY CA  C    sing N N 79  
GLY CA  HA2  sing N N 80  
GLY CA  HA3  sing N N 81  
GLY C   O    doub N N 82  
GLY C   OXT  sing N N 83  
GLY OXT HXT  sing N N 84  
HIS N   CA   sing N N 85  
HIS N   H    sing N N 86  
HIS N   H2   sing N N 87  
HIS CA  C    sing N N 88  
HIS CA  CB   sing N N 89  
HIS CA  HA   sing N N 90  
HIS C   O    doub N N 91  
HIS C   OXT  sing N N 92  
HIS CB  CG   sing N N 93  
HIS CB  HB2  sing N N 94  
HIS CB  HB3  sing N N 95  
HIS CG  ND1  sing Y N 96  
HIS CG  CD2  doub Y N 97  
HIS ND1 CE1  doub Y N 98  
HIS ND1 HD1  sing N N 99  
HIS CD2 NE2  sing Y N 100 
HIS CD2 HD2  sing N N 101 
HIS CE1 NE2  sing Y N 102 
HIS CE1 HE1  sing N N 103 
HIS NE2 HE2  sing N N 104 
HIS OXT HXT  sing N N 105 
HOH O   H1   sing N N 106 
HOH O   H2   sing N N 107 
ILE N   CA   sing N N 108 
ILE N   H    sing N N 109 
ILE N   H2   sing N N 110 
ILE CA  C    sing N N 111 
ILE CA  CB   sing N N 112 
ILE CA  HA   sing N N 113 
ILE C   O    doub N N 114 
ILE C   OXT  sing N N 115 
ILE CB  CG1  sing N N 116 
ILE CB  CG2  sing N N 117 
ILE CB  HB   sing N N 118 
ILE CG1 CD1  sing N N 119 
ILE CG1 HG12 sing N N 120 
ILE CG1 HG13 sing N N 121 
ILE CG2 HG21 sing N N 122 
ILE CG2 HG22 sing N N 123 
ILE CG2 HG23 sing N N 124 
ILE CD1 HD11 sing N N 125 
ILE CD1 HD12 sing N N 126 
ILE CD1 HD13 sing N N 127 
ILE OXT HXT  sing N N 128 
LEU N   CA   sing N N 129 
LEU N   H    sing N N 130 
LEU N   H2   sing N N 131 
LEU CA  C    sing N N 132 
LEU CA  CB   sing N N 133 
LEU CA  HA   sing N N 134 
LEU C   O    doub N N 135 
LEU C   OXT  sing N N 136 
LEU CB  CG   sing N N 137 
LEU CB  HB2  sing N N 138 
LEU CB  HB3  sing N N 139 
LEU CG  CD1  sing N N 140 
LEU CG  CD2  sing N N 141 
LEU CG  HG   sing N N 142 
LEU CD1 HD11 sing N N 143 
LEU CD1 HD12 sing N N 144 
LEU CD1 HD13 sing N N 145 
LEU CD2 HD21 sing N N 146 
LEU CD2 HD22 sing N N 147 
LEU CD2 HD23 sing N N 148 
LEU OXT HXT  sing N N 149 
PHE N   CA   sing N N 150 
PHE N   H    sing N N 151 
PHE N   H2   sing N N 152 
PHE CA  C    sing N N 153 
PHE CA  CB   sing N N 154 
PHE CA  HA   sing N N 155 
PHE C   O    doub N N 156 
PHE C   OXT  sing N N 157 
PHE CB  CG   sing N N 158 
PHE CB  HB2  sing N N 159 
PHE CB  HB3  sing N N 160 
PHE CG  CD1  doub Y N 161 
PHE CG  CD2  sing Y N 162 
PHE CD1 CE1  sing Y N 163 
PHE CD1 HD1  sing N N 164 
PHE CD2 CE2  doub Y N 165 
PHE CD2 HD2  sing N N 166 
PHE CE1 CZ   doub Y N 167 
PHE CE1 HE1  sing N N 168 
PHE CE2 CZ   sing Y N 169 
PHE CE2 HE2  sing N N 170 
PHE CZ  HZ   sing N N 171 
PHE OXT HXT  sing N N 172 
PRO N   CA   sing N N 173 
PRO N   CD   sing N N 174 
PRO N   H    sing N N 175 
PRO CA  C    sing N N 176 
PRO CA  CB   sing N N 177 
PRO CA  HA   sing N N 178 
PRO C   O    doub N N 179 
PRO C   OXT  sing N N 180 
PRO CB  CG   sing N N 181 
PRO CB  HB2  sing N N 182 
PRO CB  HB3  sing N N 183 
PRO CG  CD   sing N N 184 
PRO CG  HG2  sing N N 185 
PRO CG  HG3  sing N N 186 
PRO CD  HD2  sing N N 187 
PRO CD  HD3  sing N N 188 
PRO OXT HXT  sing N N 189 
SER N   CA   sing N N 190 
SER N   H    sing N N 191 
SER N   H2   sing N N 192 
SER CA  C    sing N N 193 
SER CA  CB   sing N N 194 
SER CA  HA   sing N N 195 
SER C   O    doub N N 196 
SER C   OXT  sing N N 197 
SER CB  OG   sing N N 198 
SER CB  HB2  sing N N 199 
SER CB  HB3  sing N N 200 
SER OG  HG   sing N N 201 
SER OXT HXT  sing N N 202 
THR N   CA   sing N N 203 
THR N   H    sing N N 204 
THR N   H2   sing N N 205 
THR CA  C    sing N N 206 
THR CA  CB   sing N N 207 
THR CA  HA   sing N N 208 
THR C   O    doub N N 209 
THR C   OXT  sing N N 210 
THR CB  OG1  sing N N 211 
THR CB  CG2  sing N N 212 
THR CB  HB   sing N N 213 
THR OG1 HG1  sing N N 214 
THR CG2 HG21 sing N N 215 
THR CG2 HG22 sing N N 216 
THR CG2 HG23 sing N N 217 
THR OXT HXT  sing N N 218 
TRP N   CA   sing N N 219 
TRP N   H    sing N N 220 
TRP N   H2   sing N N 221 
TRP CA  C    sing N N 222 
TRP CA  CB   sing N N 223 
TRP CA  HA   sing N N 224 
TRP C   O    doub N N 225 
TRP C   OXT  sing N N 226 
TRP CB  CG   sing N N 227 
TRP CB  HB2  sing N N 228 
TRP CB  HB3  sing N N 229 
TRP CG  CD1  doub Y N 230 
TRP CG  CD2  sing Y N 231 
TRP CD1 NE1  sing Y N 232 
TRP CD1 HD1  sing N N 233 
TRP CD2 CE2  doub Y N 234 
TRP CD2 CE3  sing Y N 235 
TRP NE1 CE2  sing Y N 236 
TRP NE1 HE1  sing N N 237 
TRP CE2 CZ2  sing Y N 238 
TRP CE3 CZ3  doub Y N 239 
TRP CE3 HE3  sing N N 240 
TRP CZ2 CH2  doub Y N 241 
TRP CZ2 HZ2  sing N N 242 
TRP CZ3 CH2  sing Y N 243 
TRP CZ3 HZ3  sing N N 244 
TRP CH2 HH2  sing N N 245 
TRP OXT HXT  sing N N 246 
VAL N   CA   sing N N 247 
VAL N   H    sing N N 248 
VAL N   H2   sing N N 249 
VAL CA  C    sing N N 250 
VAL CA  CB   sing N N 251 
VAL CA  HA   sing N N 252 
VAL C   O    doub N N 253 
VAL C   OXT  sing N N 254 
VAL CB  CG1  sing N N 255 
VAL CB  CG2  sing N N 256 
VAL CB  HB   sing N N 257 
VAL CG1 HG11 sing N N 258 
VAL CG1 HG12 sing N N 259 
VAL CG1 HG13 sing N N 260 
VAL CG2 HG21 sing N N 261 
VAL CG2 HG22 sing N N 262 
VAL CG2 HG23 sing N N 263 
VAL OXT HXT  sing N N 264 
# 
_atom_sites.entry_id                    3RY0 
_atom_sites.fract_transf_matrix[1][1]   -0.00056453 
_atom_sites.fract_transf_matrix[1][2]   -0.00554884 
_atom_sites.fract_transf_matrix[1][3]   -0.00641550 
_atom_sites.fract_transf_matrix[2][1]   0.00168702 
_atom_sites.fract_transf_matrix[2][2]   -0.00637469 
_atom_sites.fract_transf_matrix[2][3]   0.00536510 
_atom_sites.fract_transf_matrix[3][1]   -0.00831278 
_atom_sites.fract_transf_matrix[3][2]   -0.00091687 
_atom_sites.fract_transf_matrix[3][3]   0.00152449 
_atom_sites.fract_transf_vector[1]      -0.069694 
_atom_sites.fract_transf_vector[2]      0.051821 
_atom_sites.fract_transf_vector[3]      0.046744 
# 
loop_
_atom_type.symbol 
C 
N 
O 
# 
loop_
_atom_site.group_PDB 
_atom_site.id 
_atom_site.type_symbol 
_atom_site.label_atom_id 
_atom_site.label_alt_id 
_atom_site.label_comp_id 
_atom_site.label_asym_id 
_atom_site.label_entity_id 
_atom_site.label_seq_id 
_atom_site.pdbx_PDB_ins_code 
_atom_site.Cartn_x 
_atom_site.Cartn_y 
_atom_site.Cartn_z 
_atom_site.occupancy 
_atom_site.B_iso_or_equiv 
_atom_site.pdbx_formal_charge 
_atom_site.auth_seq_id 
_atom_site.auth_comp_id 
_atom_site.auth_asym_id 
_atom_site.auth_atom_id 
_atom_site.pdbx_PDB_model_num 
ATOM   1    N N   . PRO A 1 1  ? 6.304   -8.809  2.541   1.00 19.24 ? 1   PRO A N   1 
ATOM   2    C CA  . PRO A 1 1  ? 5.326   -8.236  1.546   1.00 17.01 ? 1   PRO A CA  1 
ATOM   3    C C   . PRO A 1 1  ? 5.803   -6.896  1.018   1.00 14.16 ? 1   PRO A C   1 
ATOM   4    O O   . PRO A 1 1  ? 6.642   -6.205  1.636   1.00 15.14 ? 1   PRO A O   1 
ATOM   5    C CB  . PRO A 1 1  ? 4.046   -8.109  2.331   1.00 19.15 ? 1   PRO A CB  1 
ATOM   6    C CG  . PRO A 1 1  ? 4.276   -8.688  3.687   1.00 22.61 ? 1   PRO A CG  1 
ATOM   7    C CD  . PRO A 1 1  ? 5.696   -9.015  3.872   1.00 20.92 ? 1   PRO A CD  1 
ATOM   8    N N   . LEU A 1 2  ? 5.247   -6.445  -0.121  1.00 12.17 ? 2   LEU A N   1 
ATOM   9    C CA  . LEU A 1 2  ? 5.556   -5.212  -0.769  1.00 12.31 ? 2   LEU A CA  1 
ATOM   10   C C   . LEU A 1 2  ? 4.347   -4.323  -0.801  1.00 12.43 ? 2   LEU A C   1 
ATOM   11   O O   . LEU A 1 2  ? 3.280   -4.749  -1.304  1.00 14.21 ? 2   LEU A O   1 
ATOM   12   C CB  . LEU A 1 2  ? 6.086   -5.401  -2.303  1.00 13.93 ? 2   LEU A CB  1 
ATOM   13   C CG  . LEU A 1 2  ? 6.340   -4.001  -2.973  1.00 17.09 ? 2   LEU A CG  1 
ATOM   14   C CD1 . LEU A 1 2  ? 7.475   -3.223  -2.335  1.00 20.08 ? 2   LEU A CD1 1 
ATOM   15   C CD2 . LEU A 1 2  ? 6.597   -3.884  -4.553  1.00 23.33 ? 2   LEU A CD2 1 
ATOM   16   N N   . ILE A 1 3  ? 4.483   -3.135  -0.311  1.00 9.74  ? 3   ILE A N   1 
ATOM   17   C CA  . ILE A 1 3  ? 3.377   -2.169  -0.302  1.00 11.29 ? 3   ILE A CA  1 
ATOM   18   C C   . ILE A 1 3  ? 3.736   -0.991  -1.210  1.00 11.81 ? 3   ILE A C   1 
ATOM   19   O O   . ILE A 1 3  ? 4.742   -0.288  -0.937  1.00 13.84 ? 3   ILE A O   1 
ATOM   20   C CB  . ILE A 1 3  ? 3.102   -1.653  1.139   1.00 8.83  ? 3   ILE A CB  1 
ATOM   21   C CG1 . ILE A 1 3  ? 2.704   -2.798  2.010   1.00 11.18 ? 3   ILE A CG1 1 
ATOM   22   C CG2 . ILE A 1 3  ? 1.978   -0.582  1.121   1.00 13.88 ? 3   ILE A CG2 1 
ATOM   23   C CD1 . ILE A 1 3  ? 2.661   -2.414  3.559   1.00 14.06 ? 3   ILE A CD1 1 
ATOM   24   N N   . ARG A 1 4  ? 3.008   -0.769  -2.295  1.00 11.03 ? 4   ARG A N   1 
ATOM   25   C CA  . ARG A 1 4  ? 3.319   0.333   -3.220  1.00 11.08 ? 4   ARG A CA  1 
ATOM   26   C C   . ARG A 1 4  ? 2.209   1.331   -3.050  1.00 11.21 ? 4   ARG A C   1 
ATOM   27   O O   . ARG A 1 4  ? 1.042   1.000   -3.318  1.00 12.22 ? 4   ARG A O   1 
ATOM   28   C CB  . ARG A 1 4  ? 3.360   -0.133  -4.668  1.00 13.77 ? 4   ARG A CB  1 
ATOM   29   C CG  . ARG A 1 4  ? 4.009   0.884   -5.571  1.00 15.29 ? 4   ARG A CG  1 
ATOM   30   C CD  . ARG A 1 4  ? 4.429   0.258   -7.001  1.00 21.37 ? 4   ARG A CD  1 
ATOM   31   N NE  . ARG A 1 4  ? 5.798   0.753   -7.314  1.00 36.36 ? 4   ARG A NE  1 
ATOM   32   C CZ  . ARG A 1 4  ? 6.953   0.075   -7.492  1.00 22.95 ? 4   ARG A CZ  1 
ATOM   33   N NH1 . ARG A 1 4  ? 7.982   0.843   -7.737  1.00 35.59 ? 4   ARG A NH1 1 
ATOM   34   N NH2 . ARG A 1 4  ? 7.177   -1.317  -7.581  1.00 21.09 ? 4   ARG A NH2 1 
ATOM   35   N N   . VAL A 1 5  ? 2.558   2.565   -2.701  1.00 11.21 ? 5   VAL A N   1 
ATOM   36   C CA  . VAL A 1 5  ? 1.555   3.589   -2.475  1.00 11.44 ? 5   VAL A CA  1 
ATOM   37   C C   . VAL A 1 5  ? 1.655   4.599   -3.609  1.00 11.81 ? 5   VAL A C   1 
ATOM   38   O O   . VAL A 1 5  ? 2.784   5.053   -3.955  1.00 14.36 ? 5   VAL A O   1 
ATOM   39   C CB  . VAL A 1 5  ? 1.838   4.332   -1.168  1.00 12.50 ? 5   VAL A CB  1 
ATOM   40   C CG1 . VAL A 1 5  ? 0.820   5.458   -0.851  1.00 16.54 ? 5   VAL A CG1 1 
ATOM   41   C CG2 . VAL A 1 5  ? 1.977   3.371   -0.051  1.00 13.54 ? 5   VAL A CG2 1 
ATOM   42   N N   . THR A 1 6  ? 0.506   5.004   -4.153  1.00 12.01 ? 6   THR A N   1 
ATOM   43   C CA  . THR A 1 6  ? 0.522   6.090   -5.130  1.00 11.91 ? 6   THR A CA  1 
ATOM   44   C C   . THR A 1 6  ? -0.242  7.296   -4.510  1.00 11.81 ? 6   THR A C   1 
ATOM   45   O O   . THR A 1 6  ? -1.408  7.138   -4.167  1.00 11.18 ? 6   THR A O   1 
ATOM   46   C CB  . THR A 1 6  ? -0.217  5.600   -6.391  1.00 12.64 ? 6   THR A CB  1 
ATOM   47   O OG1 . THR A 1 6  ? 0.389   4.400   -6.898  1.00 17.12 ? 6   THR A OG1 1 
ATOM   48   C CG2 . THR A 1 6  ? -0.113  6.673   -7.527  1.00 18.14 ? 6   THR A CG2 1 
ATOM   49   N N   . LEU A 1 7  ? 0.462   8.399   -4.414  1.00 13.94 ? 7   LEU A N   1 
ATOM   50   C CA  . LEU A 1 7  ? -0.063  9.620   -3.780  1.00 14.84 ? 7   LEU A CA  1 
ATOM   51   C C   . LEU A 1 7  ? 0.041   10.745  -4.680  1.00 15.87 ? 7   LEU A C   1 
ATOM   52   O O   . LEU A 1 7  ? 0.959   10.783  -5.447  1.00 14.91 ? 7   LEU A O   1 
ATOM   53   C CB  . LEU A 1 7  ? 0.836   10.076  -2.590  1.00 20.51 ? 7   LEU A CB  1 
ATOM   54   C CG  . LEU A 1 7  ? 1.059   9.143   -1.423  1.00 21.19 ? 7   LEU A CG  1 
ATOM   55   C CD1 . LEU A 1 7  ? 1.852   9.881   -0.314  1.00 23.94 ? 7   LEU A CD1 1 
ATOM   56   C CD2 . LEU A 1 7  ? -0.350  8.673   -0.874  1.00 20.63 ? 7   LEU A CD2 1 
ATOM   57   N N   . LEU A 1 8  ? -0.811  11.765  -4.570  1.00 15.47 ? 8   LEU A N   1 
ATOM   58   C CA  . LEU A 1 8  ? -0.519  13.053  -5.242  1.00 16.00 ? 8   LEU A CA  1 
ATOM   59   C C   . LEU A 1 8  ? 0.676   13.714  -4.670  1.00 19.61 ? 8   LEU A C   1 
ATOM   60   O O   . LEU A 1 8  ? 0.877   13.669  -3.395  1.00 19.85 ? 8   LEU A O   1 
ATOM   61   C CB  . LEU A 1 8  ? -1.659  14.023  -5.076  1.00 18.51 ? 8   LEU A CB  1 
ATOM   62   C CG  . LEU A 1 8  ? -2.861  13.742  -5.900  1.00 16.35 ? 8   LEU A CG  1 
ATOM   63   C CD1 . LEU A 1 8  ? -4.106  14.560  -5.343  1.00 19.46 ? 8   LEU A CD1 1 
ATOM   64   C CD2 . LEU A 1 8  ? -2.644  14.165  -7.375  1.00 15.75 ? 8   LEU A CD2 1 
ATOM   65   N N   . GLU A 1 9  ? 1.421   14.414  -5.516  1.00 19.52 ? 9   GLU A N   1 
ATOM   66   C CA  . GLU A 1 9  ? 2.461   15.341  -5.094  1.00 21.94 ? 9   GLU A CA  1 
ATOM   67   C C   . GLU A 1 9  ? 1.946   16.322  -4.045  1.00 23.53 ? 9   GLU A C   1 
ATOM   68   O O   . GLU A 1 9  ? 0.795   16.694  -3.992  1.00 23.76 ? 9   GLU A O   1 
ATOM   69   C CB  . GLU A 1 9  ? 3.070   16.118  -6.320  1.00 19.83 ? 9   GLU A CB  1 
ATOM   70   C CG  . GLU A 1 9  ? 4.006   15.311  -7.163  1.00 24.54 ? 9   GLU A CG  1 
ATOM   71   C CD  . GLU A 1 9  ? 4.578   16.053  -8.370  1.00 21.42 ? 9   GLU A CD  1 
ATOM   72   O OE1 . GLU A 1 9  ? 4.152   17.210  -8.643  1.00 32.30 ? 9   GLU A OE1 1 
ATOM   73   O OE2 . GLU A 1 9  ? 5.410   15.494  -9.077  1.00 27.55 ? 9   GLU A OE2 1 
ATOM   74   N N   . GLY A 1 10 ? 2.915   16.702  -3.226  1.00 25.32 ? 10  GLY A N   1 
ATOM   75   C CA  . GLY A 1 10 ? 2.757   17.813  -2.334  1.00 28.64 ? 10  GLY A CA  1 
ATOM   76   C C   . GLY A 1 10 ? 2.649   17.406  -0.875  1.00 28.35 ? 10  GLY A C   1 
ATOM   77   O O   . GLY A 1 10 ? 2.281   18.277  -0.058  1.00 30.06 ? 10  GLY A O   1 
ATOM   78   N N   . ARG A 1 11 ? 2.888   16.134  -0.503  1.00 28.59 ? 11  ARG A N   1 
ATOM   79   C CA  . ARG A 1 11 ? 2.801   15.784  0.949   1.00 28.00 ? 11  ARG A CA  1 
ATOM   80   C C   . ARG A 1 11 ? 4.090   16.178  1.562   1.00 23.91 ? 11  ARG A C   1 
ATOM   81   O O   . ARG A 1 11 ? 5.146   16.190  0.910   1.00 25.97 ? 11  ARG A O   1 
ATOM   82   C CB  . ARG A 1 11 ? 2.723   14.281  1.217   1.00 27.94 ? 11  ARG A CB  1 
ATOM   83   C CG  . ARG A 1 11 ? 1.472   13.618  1.017   1.00 29.26 ? 11  ARG A CG  1 
ATOM   84   C CD  . ARG A 1 11 ? 0.509   14.205  1.891   1.00 29.96 ? 11  ARG A CD  1 
ATOM   85   N NE  . ARG A 1 11 ? -0.808  13.904  1.452   1.00 33.05 ? 11  ARG A NE  1 
ATOM   86   C CZ  . ARG A 1 11 ? -1.883  14.098  2.191   1.00 30.82 ? 11  ARG A CZ  1 
ATOM   87   N NH1 . ARG A 1 11 ? -1.757  14.624  3.418   1.00 27.66 ? 11  ARG A NH1 1 
ATOM   88   N NH2 . ARG A 1 11 ? -3.087  13.816  1.698   1.00 32.47 ? 11  ARG A NH2 1 
ATOM   89   N N   . SER A 1 12 ? 4.086   16.465  2.863   1.00 22.49 ? 12  SER A N   1 
ATOM   90   C CA  . SER A 1 12 ? 5.327   16.837  3.445   1.00 20.92 ? 12  SER A CA  1 
ATOM   91   C C   . SER A 1 12 ? 6.231   15.629  3.645   1.00 20.85 ? 12  SER A C   1 
ATOM   92   O O   . SER A 1 12 ? 5.729   14.450  3.747   1.00 18.62 ? 12  SER A O   1 
ATOM   93   C CB  . SER A 1 12 ? 5.109   17.468  4.854   1.00 24.14 ? 12  SER A CB  1 
ATOM   94   O OG  . SER A 1 12 ? 4.451   16.550  5.742   1.00 22.45 ? 12  SER A OG  1 
ATOM   95   N N   . PRO A 1 13 ? 7.508   15.885  3.781   1.00 21.84 ? 13  PRO A N   1 
ATOM   96   C CA  . PRO A 1 13 ? 8.422   14.796  4.104   1.00 21.57 ? 13  PRO A CA  1 
ATOM   97   C C   . PRO A 1 13 ? 8.019   14.093  5.408   1.00 20.72 ? 13  PRO A C   1 
ATOM   98   O O   . PRO A 1 13 ? 8.144   12.864  5.561   1.00 19.05 ? 13  PRO A O   1 
ATOM   99   C CB  . PRO A 1 13 ? 9.778   15.471  4.213   1.00 24.49 ? 13  PRO A CB  1 
ATOM   100  C CG  . PRO A 1 13 ? 9.669   16.658  3.280   1.00 24.63 ? 13  PRO A CG  1 
ATOM   101  C CD  . PRO A 1 13 ? 8.241   17.123  3.384   1.00 23.44 ? 13  PRO A CD  1 
ATOM   102  N N   . GLN A 1 14 ? 7.480   14.830  6.369   1.00 18.93 ? 14  GLN A N   1 
ATOM   103  C CA  . GLN A 1 14 ? 7.200   14.210  7.653   1.00 20.22 ? 14  GLN A CA  1 
ATOM   104  C C   . GLN A 1 14 ? 5.993   13.268  7.500   1.00 15.91 ? 14  GLN A C   1 
ATOM   105  O O   . GLN A 1 14 ? 5.931   12.219  8.107   1.00 15.89 ? 14  GLN A O   1 
ATOM   106  C CB  . GLN A 1 14 ? 6.805   15.362  8.641   1.00 19.92 ? 14  GLN A CB  1 
ATOM   107  C CG  . GLN A 1 14 ? 7.916   16.377  9.032   1.00 29.90 ? 14  GLN A CG  1 
ATOM   108  C CD  . GLN A 1 14 ? 8.566   17.247  7.878   1.00 35.40 ? 14  GLN A CD  1 
ATOM   109  O OE1 . GLN A 1 14 ? 7.920   17.642  6.865   1.00 28.67 ? 14  GLN A OE1 1 
ATOM   110  N NE2 . GLN A 1 14 ? 9.878   17.577  8.077   1.00 38.58 ? 14  GLN A NE2 1 
ATOM   111  N N   . GLU A 1 15 ? 4.984   13.680  6.716   1.00 15.98 ? 15  GLU A N   1 
ATOM   112  C CA  . GLU A 1 15 ? 3.821   12.855  6.499   1.00 14.38 ? 15  GLU A CA  1 
ATOM   113  C C   . GLU A 1 15 ? 4.255   11.561  5.744   1.00 14.27 ? 15  GLU A C   1 
ATOM   114  O O   . GLU A 1 15 ? 3.751   10.496  6.092   1.00 14.54 ? 15  GLU A O   1 
ATOM   115  C CB  . GLU A 1 15 ? 2.784   13.549  5.594   1.00 17.50 ? 15  GLU A CB  1 
ATOM   116  C CG  . GLU A 1 15 ? 2.038   14.677  6.286   1.00 21.61 ? 15  GLU A CG  1 
ATOM   117  C CD  . GLU A 1 15 ? 1.173   15.448  5.307   1.00 25.00 ? 15  GLU A CD  1 
ATOM   118  O OE1 . GLU A 1 15 ? 1.772   16.055  4.380   1.00 29.72 ? 15  GLU A OE1 1 
ATOM   119  O OE2 . GLU A 1 15 ? -0.041  15.468  5.470   1.00 34.20 ? 15  GLU A OE2 1 
ATOM   120  N N   . VAL A 1 16 ? 5.122   11.707  4.735   1.00 14.00 ? 16  VAL A N   1 
ATOM   121  C CA  . VAL A 1 16 ? 5.541   10.484  3.946   1.00 15.42 ? 16  VAL A CA  1 
ATOM   122  C C   . VAL A 1 16 ? 6.291   9.544   4.897   1.00 14.27 ? 16  VAL A C   1 
ATOM   123  O O   . VAL A 1 16 ? 6.017   8.347   4.862   1.00 12.65 ? 16  VAL A O   1 
ATOM   124  C CB  . VAL A 1 16 ? 6.385   10.907  2.779   1.00 14.93 ? 16  VAL A CB  1 
ATOM   125  C CG1 . VAL A 1 16 ? 6.990   9.639   2.138   1.00 17.45 ? 16  VAL A CG1 1 
ATOM   126  C CG2 . VAL A 1 16 ? 5.466   11.579  1.710   1.00 21.26 ? 16  VAL A CG2 1 
ATOM   127  N N   . ALA A 1 17 ? 7.181   10.058  5.782   1.00 13.19 ? 17  ALA A N   1 
ATOM   128  C CA  . ALA A 1 17 ? 7.903   9.183   6.682   1.00 12.60 ? 17  ALA A CA  1 
ATOM   129  C C   . ALA A 1 17 ? 6.929   8.481   7.701   1.00 12.88 ? 17  ALA A C   1 
ATOM   130  O O   . ALA A 1 17 ? 7.028   7.309   7.998   1.00 12.63 ? 17  ALA A O   1 
ATOM   131  C CB  . ALA A 1 17 ? 8.914   10.006  7.457   1.00 14.99 ? 17  ALA A CB  1 
ATOM   132  N N   . ALA A 1 18 ? 5.946   9.239   8.180   1.00 12.95 ? 18  ALA A N   1 
ATOM   133  C CA  . ALA A 1 18 ? 4.967   8.669   9.085   1.00 13.15 ? 18  ALA A CA  1 
ATOM   134  C C   . ALA A 1 18 ? 4.100   7.629   8.401   1.00 10.90 ? 18  ALA A C   1 
ATOM   135  O O   . ALA A 1 18 ? 3.791   6.583   8.993   1.00 12.86 ? 18  ALA A O   1 
ATOM   136  C CB  . ALA A 1 18 ? 4.088   9.733   9.693   1.00 13.44 ? 18  ALA A CB  1 
ATOM   137  N N   . LEU A 1 19 ? 3.728   7.864   7.129   1.00 11.51 ? 19  LEU A N   1 
ATOM   138  C CA  . LEU A 1 19 ? 2.967   6.850   6.374   1.00 10.86 ? 19  LEU A CA  1 
ATOM   139  C C   . LEU A 1 19 ? 3.747   5.520   6.224   1.00 10.24 ? 19  LEU A C   1 
ATOM   140  O O   . LEU A 1 19 ? 3.173   4.464   6.377   1.00 10.73 ? 19  LEU A O   1 
ATOM   141  C CB  . LEU A 1 19 ? 2.648   7.516   5.029   1.00 11.46 ? 19  LEU A CB  1 
ATOM   142  C CG  . LEU A 1 19 ? 1.892   6.575   4.079   1.00 13.47 ? 19  LEU A CG  1 
ATOM   143  C CD1 . LEU A 1 19 ? 0.441   6.300   4.504   1.00 14.93 ? 19  LEU A CD1 1 
ATOM   144  C CD2 . LEU A 1 19 ? 1.942   7.107   2.639   1.00 14.53 ? 19  LEU A CD2 1 
ATOM   145  N N   . GLY A 1 20 ? 5.038   5.642   5.855   1.00 11.02 ? 20  GLY A N   1 
ATOM   146  C CA  . GLY A 1 20 ? 5.823   4.434   5.707   1.00 11.17 ? 20  GLY A CA  1 
ATOM   147  C C   . GLY A 1 20 ? 5.828   3.598   6.979   1.00 10.73 ? 20  GLY A C   1 
ATOM   148  O O   . GLY A 1 20 ? 5.724   2.395   6.941   1.00 11.46 ? 20  GLY A O   1 
ATOM   149  N N   . GLU A 1 21 ? 6.044   4.283   8.112   1.00 12.28 ? 21  GLU A N   1 
ATOM   150  C CA  . GLU A 1 21 ? 6.011   3.566   9.383   1.00 13.19 ? 21  GLU A CA  1 
ATOM   151  C C   . GLU A 1 21 ? 4.665   2.963   9.729   1.00 12.86 ? 21  GLU A C   1 
ATOM   152  O O   . GLU A 1 21 ? 4.587   1.782   10.106  1.00 13.23 ? 21  GLU A O   1 
ATOM   153  C CB  . GLU A 1 21 ? 6.432   4.519   10.520  1.00 15.06 ? 21  GLU A CB  1 
ATOM   154  C CG  . GLU A 1 21 ? 6.644   3.852   11.905  1.00 16.35 ? 21  GLU A CG  1 
ATOM   155  C CD  . GLU A 1 21 ? 5.371   3.416   12.599  1.00 23.78 ? 21  GLU A CD  1 
ATOM   156  O OE1 . GLU A 1 21 ? 4.324   4.103   12.534  1.00 26.82 ? 21  GLU A OE1 1 
ATOM   157  O OE2 . GLU A 1 21 ? 5.470   2.347   13.273  1.00 28.25 ? 21  GLU A OE2 1 
ATOM   158  N N   . ALA A 1 22 ? 3.597   3.722   9.484   1.00 11.75 ? 22  ALA A N   1 
ATOM   159  C CA  . ALA A 1 22 ? 2.294   3.240   9.862   1.00 11.74 ? 22  ALA A CA  1 
ATOM   160  C C   . ALA A 1 22 ? 1.727   2.136   9.015   1.00 11.49 ? 22  ALA A C   1 
ATOM   161  O O   . ALA A 1 22 ? 1.103   1.174   9.479   1.00 11.47 ? 22  ALA A O   1 
ATOM   162  C CB  . ALA A 1 22 ? 1.323   4.416   9.908   1.00 13.18 ? 22  ALA A CB  1 
ATOM   163  N N   . LEU A 1 23 ? 2.060   2.191   7.704   1.00 10.70 ? 23  LEU A N   1 
ATOM   164  C CA  . LEU A 1 23 ? 1.664   1.052   6.832   1.00 11.89 ? 23  LEU A CA  1 
ATOM   165  C C   . LEU A 1 23 ? 2.404   -0.231  7.196   1.00 10.27 ? 23  LEU A C   1 
ATOM   166  O O   . LEU A 1 23 ? 1.837   -1.309  7.192   1.00 11.14 ? 23  LEU A O   1 
ATOM   167  C CB  . LEU A 1 23 ? 1.934   1.429   5.359   1.00 12.26 ? 23  LEU A CB  1 
ATOM   168  C CG  . LEU A 1 23 ? 1.048   2.548   4.821   1.00 10.79 ? 23  LEU A CG  1 
ATOM   169  C CD1 . LEU A 1 23 ? 1.565   2.886   3.395   1.00 13.14 ? 23  LEU A CD1 1 
ATOM   170  C CD2 . LEU A 1 23 ? -0.405  2.132   4.704   1.00 14.01 ? 23  LEU A CD2 1 
ATOM   171  N N   . THR A 1 24 ? 3.645   -0.031  7.597   1.00 10.93 ? 24  THR A N   1 
ATOM   172  C CA  . THR A 1 24 ? 4.468   -1.182  8.028   1.00 12.33 ? 24  THR A CA  1 
ATOM   173  C C   . THR A 1 24 ? 3.901   -1.785  9.336   1.00 11.70 ? 24  THR A C   1 
ATOM   174  O O   . THR A 1 24 ? 3.794   -3.013  9.400   1.00 12.73 ? 24  THR A O   1 
ATOM   175  C CB  . THR A 1 24 ? 5.939   -0.763  8.216   1.00 12.02 ? 24  THR A CB  1 
ATOM   176  O OG1 . THR A 1 24 ? 6.438   -0.279  6.955   1.00 12.08 ? 24  THR A OG1 1 
ATOM   177  C CG2 . THR A 1 24 ? 6.805   -1.916  8.731   1.00 12.11 ? 24  THR A CG2 1 
ATOM   178  N N   . ALA A 1 25 ? 3.525   -0.905  10.300  1.00 11.79 ? 25  ALA A N   1 
ATOM   179  C CA  . ALA A 1 25 ? 2.930   -1.452  11.541  1.00 11.77 ? 25  ALA A CA  1 
ATOM   180  C C   . ALA A 1 25 ? 1.645   -2.180  11.261  1.00 13.08 ? 25  ALA A C   1 
ATOM   181  O O   . ALA A 1 25 ? 1.407   -3.291  11.790  1.00 13.05 ? 25  ALA A O   1 
ATOM   182  C CB  . ALA A 1 25 ? 2.691   -0.262  12.489  1.00 13.29 ? 25  ALA A CB  1 
ATOM   183  N N   . ALA A 1 26 ? 0.843   -1.686  10.328  1.00 12.42 ? 26  ALA A N   1 
ATOM   184  C CA  . ALA A 1 26 ? -0.418  -2.307  9.997   1.00 13.33 ? 26  ALA A CA  1 
ATOM   185  C C   . ALA A 1 26 ? -0.170  -3.677  9.413   1.00 15.19 ? 26  ALA A C   1 
ATOM   186  O O   . ALA A 1 26 ? -0.845  -4.653  9.751   1.00 15.61 ? 26  ALA A O   1 
ATOM   187  C CB  . ALA A 1 26 ? -1.170  -1.488  8.963   1.00 15.35 ? 26  ALA A CB  1 
ATOM   188  N N   . ALA A 1 27 ? 0.800   -3.832  8.475   1.00 12.70 ? 27  ALA A N   1 
ATOM   189  C CA  . ALA A 1 27 ? 1.095   -5.164  7.911   1.00 13.81 ? 27  ALA A CA  1 
ATOM   190  C C   . ALA A 1 27 ? 1.660   -6.076  9.040   1.00 12.74 ? 27  ALA A C   1 
ATOM   191  O O   . ALA A 1 27 ? 1.259   -7.285  9.093   1.00 12.89 ? 27  ALA A O   1 
ATOM   192  C CB  . ALA A 1 27 ? 2.124   -5.030  6.762   1.00 13.40 ? 27  ALA A CB  1 
ATOM   193  N N   . HIS A 1 28 ? 2.526   -5.532  9.889   1.00 13.17 ? 28  HIS A N   1 
ATOM   194  C CA  . HIS A 1 28 ? 3.040   -6.379  11.008  1.00 15.12 ? 28  HIS A CA  1 
ATOM   195  C C   . HIS A 1 28 ? 1.973   -6.931  11.891  1.00 15.46 ? 28  HIS A C   1 
ATOM   196  O O   . HIS A 1 28 ? 1.951   -8.153  12.144  1.00 15.84 ? 28  HIS A O   1 
ATOM   197  C CB  . HIS A 1 28 ? 4.041   -5.548  11.793  1.00 14.83 ? 28  HIS A CB  1 
ATOM   198  C CG  . HIS A 1 28 ? 4.603   -6.221  13.021  1.00 13.88 ? 28  HIS A CG  1 
ATOM   199  N ND1 . HIS A 1 28 ? 5.348   -7.381  12.956  1.00 17.24 ? 28  HIS A ND1 1 
ATOM   200  C CD2 . HIS A 1 28 ? 4.442   -5.946  14.333  1.00 16.29 ? 28  HIS A CD2 1 
ATOM   201  C CE1 . HIS A 1 28 ? 5.655   -7.763  14.193  1.00 19.12 ? 28  HIS A CE1 1 
ATOM   202  N NE2 . HIS A 1 28 ? 5.117   -6.897  15.039  1.00 19.46 ? 28  HIS A NE2 1 
ATOM   203  N N   . GLU A 1 29 ? 1.047   -6.077  12.320  1.00 15.09 ? 29  GLU A N   1 
ATOM   204  C CA  . GLU A 1 29 ? 0.022   -6.572  13.265  1.00 15.49 ? 29  GLU A CA  1 
ATOM   205  C C   . GLU A 1 29 ? -0.951  -7.472  12.616  1.00 16.93 ? 29  GLU A C   1 
ATOM   206  O O   . GLU A 1 29 ? -1.414  -8.459  13.280  1.00 20.13 ? 29  GLU A O   1 
ATOM   207  C CB  . GLU A 1 29 ? -0.709  -5.412  13.860  1.00 15.95 ? 29  GLU A CB  1 
ATOM   208  C CG  . GLU A 1 29 ? 0.078   -4.403  14.649  1.00 14.05 ? 29  GLU A CG  1 
ATOM   209  C CD  . GLU A 1 29 ? 1.036   -4.998  15.704  1.00 19.32 ? 29  GLU A CD  1 
ATOM   210  O OE1 . GLU A 1 29 ? 1.058   -6.194  15.994  1.00 19.91 ? 29  GLU A OE1 1 
ATOM   211  O OE2 . GLU A 1 29 ? 1.792   -4.152  16.252  1.00 26.30 ? 29  GLU A OE2 1 
ATOM   212  N N   . THR A 1 30 ? -1.390  -7.273  11.381  1.00 13.94 ? 30  THR A N   1 
ATOM   213  C CA  . THR A 1 30 ? -2.419  -8.064  10.816  1.00 13.89 ? 30  THR A CA  1 
ATOM   214  C C   . THR A 1 30 ? -1.923  -9.372  10.180  1.00 16.72 ? 30  THR A C   1 
ATOM   215  O O   . THR A 1 30 ? -2.682  -10.371 10.057  1.00 16.71 ? 30  THR A O   1 
ATOM   216  C CB  . THR A 1 30 ? -3.268  -7.255  9.780   1.00 12.85 ? 30  THR A CB  1 
ATOM   217  O OG1 . THR A 1 30 ? -2.402  -6.819  8.660   1.00 14.12 ? 30  THR A OG1 1 
ATOM   218  C CG2 . THR A 1 30 ? -3.824  -5.987  10.425  1.00 14.21 ? 30  THR A CG2 1 
ATOM   219  N N   . LEU A 1 31 ? -0.704  -9.348  9.675   1.00 15.62 ? 31  LEU A N   1 
ATOM   220  C CA  . LEU A 1 31 ? -0.178  -10.544 9.039   1.00 17.04 ? 31  LEU A CA  1 
ATOM   221  C C   . LEU A 1 31 ? 0.798   -11.288 9.965   1.00 16.15 ? 31  LEU A C   1 
ATOM   222  O O   . LEU A 1 31 ? 1.133   -12.433 9.623   1.00 20.28 ? 31  LEU A O   1 
ATOM   223  C CB  . LEU A 1 31 ? 0.551   -10.140 7.733   1.00 17.07 ? 31  LEU A CB  1 
ATOM   224  C CG  . LEU A 1 31 ? -0.293  -9.358  6.702   1.00 15.59 ? 31  LEU A CG  1 
ATOM   225  C CD1 . LEU A 1 31 ? 0.577   -8.963  5.581   1.00 17.57 ? 31  LEU A CD1 1 
ATOM   226  C CD2 . LEU A 1 31 ? -1.528  -10.170 6.263   1.00 19.75 ? 31  LEU A CD2 1 
ATOM   227  N N   . GLY A 1 32 ? 1.403   -10.661 10.939  1.00 15.09 ? 32  GLY A N   1 
ATOM   228  C CA  . GLY A 1 32 ? 2.431   -11.368 11.752  1.00 18.14 ? 32  GLY A CA  1 
ATOM   229  C C   . GLY A 1 32 ? 3.824   -11.191 11.122  1.00 20.89 ? 32  GLY A C   1 
ATOM   230  O O   . GLY A 1 32 ? 4.860   -11.528 11.756  1.00 23.99 ? 32  GLY A O   1 
ATOM   231  N N   . THR A 1 33 ? 3.902   -10.599 9.949   1.00 20.66 ? 33  THR A N   1 
ATOM   232  C CA  . THR A 1 33 ? 5.172   -10.511 9.221   1.00 21.15 ? 33  THR A CA  1 
ATOM   233  C C   . THR A 1 33 ? 6.127   -9.633  10.063  1.00 18.85 ? 33  THR A C   1 
ATOM   234  O O   . THR A 1 33 ? 5.782   -8.549  10.534  1.00 18.31 ? 33  THR A O   1 
ATOM   235  C CB  . THR A 1 33 ? 4.935   -9.961  7.776   1.00 23.65 ? 33  THR A CB  1 
ATOM   236  O OG1 . THR A 1 33 ? 6.186   -9.933  7.050   1.00 25.85 ? 33  THR A OG1 1 
ATOM   237  C CG2 . THR A 1 33 ? 4.465   -8.655  7.837   1.00 21.16 ? 33  THR A CG2 1 
ATOM   238  N N   . PRO A 1 34 ? 7.396   -10.020 10.243  1.00 17.80 ? 34  PRO A N   1 
ATOM   239  C CA  . PRO A 1 34 ? 8.347   -9.153  10.910  1.00 18.33 ? 34  PRO A CA  1 
ATOM   240  C C   . PRO A 1 34 ? 8.504   -7.784  10.203  1.00 16.58 ? 34  PRO A C   1 
ATOM   241  O O   . PRO A 1 34 ? 8.438   -7.779  8.936   1.00 16.56 ? 34  PRO A O   1 
ATOM   242  C CB  . PRO A 1 34 ? 9.677   -9.976  10.894  1.00 20.30 ? 34  PRO A CB  1 
ATOM   243  C CG  . PRO A 1 34 ? 9.168   -11.386 10.753  1.00 21.90 ? 34  PRO A CG  1 
ATOM   244  C CD  . PRO A 1 34 ? 7.961   -11.317 9.858   1.00 19.83 ? 34  PRO A CD  1 
ATOM   245  N N   . VAL A 1 35 ? 8.657   -6.678  10.908  1.00 16.65 ? 35  VAL A N   1 
ATOM   246  C CA  . VAL A 1 35 ? 8.769   -5.387  10.226  1.00 18.41 ? 35  VAL A CA  1 
ATOM   247  C C   . VAL A 1 35 ? 9.849   -5.333  9.189   1.00 17.38 ? 35  VAL A C   1 
ATOM   248  O O   . VAL A 1 35 ? 9.681   -4.742  8.107   1.00 17.06 ? 35  VAL A O   1 
ATOM   249  C CB  . VAL A 1 35 ? 8.779   -4.119  11.100  1.00 21.07 ? 35  VAL A CB  1 
ATOM   250  C CG1 . VAL A 1 35 ? 7.528   -4.051  11.983  1.00 20.25 ? 35  VAL A CG1 1 
ATOM   251  C CG2 . VAL A 1 35 ? 9.995   -4.027  11.921  1.00 21.62 ? 35  VAL A CG2 1 
ATOM   252  N N   . GLU A 1 36 ? 10.946  -6.036  9.401   1.00 18.05 ? 36  GLU A N   1 
ATOM   253  C CA  . GLU A 1 36 ? 12.054  -5.985  8.490   1.00 18.08 ? 36  GLU A CA  1 
ATOM   254  C C   . GLU A 1 36 ? 11.724  -6.719  7.173   1.00 17.71 ? 36  GLU A C   1 
ATOM   255  O O   . GLU A 1 36 ? 12.497  -6.575  6.160   1.00 21.16 ? 36  GLU A O   1 
ATOM   256  C CB  . GLU A 1 36 ? 13.249  -6.646  9.168   1.00 18.16 ? 36  GLU A CB  1 
ATOM   257  C CG  . GLU A 1 36 ? 14.485  -6.576  8.273   1.00 24.74 ? 36  GLU A CG  1 
ATOM   258  C CD  . GLU A 1 36 ? 15.171  -5.161  8.216   1.00 28.25 ? 36  GLU A CD  1 
ATOM   259  O OE1 . GLU A 1 36 ? 14.742  -4.177  8.903   1.00 28.01 ? 36  GLU A OE1 1 
ATOM   260  O OE2 . GLU A 1 36 ? 16.235  -5.093  7.571   1.00 28.17 ? 36  GLU A OE2 1 
ATOM   261  N N   . ALA A 1 37 ? 10.669  -7.516  7.138   1.00 17.00 ? 37  ALA A N   1 
ATOM   262  C CA  . ALA A 1 37 ? 10.256  -8.162  5.902   1.00 16.28 ? 37  ALA A CA  1 
ATOM   263  C C   . ALA A 1 37 ? 9.269   -7.329  5.102   1.00 16.35 ? 37  ALA A C   1 
ATOM   264  O O   . ALA A 1 37 ? 8.828   -7.765  4.001   1.00 17.92 ? 37  ALA A O   1 
ATOM   265  C CB  . ALA A 1 37 ? 9.586   -9.517  6.266   1.00 19.11 ? 37  ALA A CB  1 
ATOM   266  N N   . VAL A 1 38 ? 8.843   -6.165  5.643   1.00 13.40 ? 38  VAL A N   1 
ATOM   267  C CA  . VAL A 1 38 ? 7.884   -5.292  4.903   1.00 12.46 ? 38  VAL A CA  1 
ATOM   268  C C   . VAL A 1 38 ? 8.624   -4.171  4.240   1.00 11.79 ? 38  VAL A C   1 
ATOM   269  O O   . VAL A 1 38 ? 9.418   -3.469  4.858   1.00 11.80 ? 38  VAL A O   1 
ATOM   270  C CB  . VAL A 1 38 ? 6.888   -4.705  5.904   1.00 12.67 ? 38  VAL A CB  1 
ATOM   271  C CG1 . VAL A 1 38 ? 5.872   -3.775  5.214   1.00 12.46 ? 38  VAL A CG1 1 
ATOM   272  C CG2 . VAL A 1 38 ? 6.221   -5.801  6.768   1.00 15.62 ? 38  VAL A CG2 1 
ATOM   273  N N   . ARG A 1 39 ? 8.368   -4.103  2.912   1.00 11.16 ? 39  ARG A N   1 
ATOM   274  C CA  . ARG A 1 39 ? 8.904   -2.991  2.129   1.00 10.89 ? 39  ARG A CA  1 
ATOM   275  C C   . ARG A 1 39 ? 7.800   -2.084  1.651   1.00 11.24 ? 39  ARG A C   1 
ATOM   276  O O   . ARG A 1 39 ? 6.726   -2.593  1.240   1.00 12.58 ? 39  ARG A O   1 
ATOM   277  C CB  . ARG A 1 39 ? 9.756   -3.473  0.887   1.00 12.29 ? 39  ARG A CB  1 
ATOM   278  C CG  . ARG A 1 39 ? 11.047  -4.061  1.360   1.00 14.97 ? 39  ARG A CG  1 
ATOM   279  C CD  . ARG A 1 39 ? 11.825  -4.822  0.189   1.00 17.97 ? 39  ARG A CD  1 
ATOM   280  N NE  . ARG A 1 39 ? 13.150  -5.102  0.691   1.00 16.31 ? 39  ARG A NE  1 
ATOM   281  C CZ  . ARG A 1 39 ? 13.407  -5.998  1.611   1.00 15.71 ? 39  ARG A CZ  1 
ATOM   282  N NH1 . ARG A 1 39 ? 12.509  -6.910  1.927   1.00 18.75 ? 39  ARG A NH1 1 
ATOM   283  N NH2 . ARG A 1 39 ? 14.651  -6.055  2.128   1.00 17.07 ? 39  ARG A NH2 1 
ATOM   284  N N   . VAL A 1 40 ? 8.014   -0.788  1.688   1.00 10.15 ? 40  VAL A N   1 
ATOM   285  C CA  . VAL A 1 40 ? 7.042   0.190   1.190   1.00 11.21 ? 40  VAL A CA  1 
ATOM   286  C C   . VAL A 1 40 ? 7.741   1.067   0.205   1.00 11.38 ? 40  VAL A C   1 
ATOM   287  O O   . VAL A 1 40 ? 8.850   1.645   0.488   1.00 12.17 ? 40  VAL A O   1 
ATOM   288  C CB  . VAL A 1 40 ? 6.489   1.075   2.354   1.00 11.47 ? 40  VAL A CB  1 
ATOM   289  C CG1 . VAL A 1 40 ? 5.365   1.971   1.848   1.00 13.26 ? 40  VAL A CG1 1 
ATOM   290  C CG2 . VAL A 1 40 ? 5.936   0.260   3.529   1.00 13.49 ? 40  VAL A CG2 1 
ATOM   291  N N   . ILE A 1 41 ? 7.129   1.277   -0.969  1.00 11.89 ? 41  ILE A N   1 
ATOM   292  C CA  . ILE A 1 41 ? 7.625   2.201   -1.963  1.00 12.78 ? 41  ILE A CA  1 
ATOM   293  C C   . ILE A 1 41 ? 6.522   3.284   -2.159  1.00 11.42 ? 41  ILE A C   1 
ATOM   294  O O   . ILE A 1 41 ? 5.342   2.916   -2.428  1.00 11.85 ? 41  ILE A O   1 
ATOM   295  C CB  . ILE A 1 41 ? 7.843   1.522   -3.352  1.00 11.76 ? 41  ILE A CB  1 
ATOM   296  C CG1 . ILE A 1 41 ? 8.765   0.317   -3.192  1.00 22.12 ? 41  ILE A CG1 1 
ATOM   297  C CG2 . ILE A 1 41 ? 8.362   2.648   -4.355  1.00 16.49 ? 41  ILE A CG2 1 
ATOM   298  C CD1 . ILE A 1 41 ? 10.228  0.616   -3.056  1.00 23.25 ? 41  ILE A CD1 1 
ATOM   299  N N   . VAL A 1 42 ? 6.869   4.533   -2.007  1.00 12.11 ? 42  VAL A N   1 
ATOM   300  C CA  . VAL A 1 42 ? 5.891   5.627   -2.119  1.00 12.69 ? 42  VAL A CA  1 
ATOM   301  C C   . VAL A 1 42 ? 6.167   6.329   -3.414  1.00 14.61 ? 42  VAL A C   1 
ATOM   302  O O   . VAL A 1 42 ? 7.287   6.889   -3.595  1.00 15.95 ? 42  VAL A O   1 
ATOM   303  C CB  . VAL A 1 42 ? 5.950   6.600   -0.926  1.00 13.57 ? 42  VAL A CB  1 
ATOM   304  C CG1 . VAL A 1 42 ? 4.967   7.812   -1.142  1.00 15.85 ? 42  VAL A CG1 1 
ATOM   305  C CG2 . VAL A 1 42 ? 5.582   5.947   0.370   1.00 14.49 ? 42  VAL A CG2 1 
ATOM   306  N N   . GLU A 1 43 ? 5.165   6.390   -4.299  1.00 12.47 ? 43  GLU A N   1 
ATOM   307  C CA  . GLU A 1 43 ? 5.332   7.074   -5.601  1.00 15.73 ? 43  GLU A CA  1 
ATOM   308  C C   . GLU A 1 43 ? 4.414   8.322   -5.534  1.00 15.56 ? 43  GLU A C   1 
ATOM   309  O O   . GLU A 1 43 ? 3.320   8.274   -4.934  1.00 16.28 ? 43  GLU A O   1 
ATOM   310  C CB  . GLU A 1 43 ? 4.728   6.162   -6.648  1.00 18.12 ? 43  GLU A CB  1 
ATOM   311  C CG  . GLU A 1 43 ? 5.405   4.849   -6.769  1.00 29.35 ? 43  GLU A CG  1 
ATOM   312  C CD  . GLU A 1 43 ? 4.709   3.975   -7.812  1.00 39.98 ? 43  GLU A CD  1 
ATOM   313  O OE1 . GLU A 1 43 ? 3.433   4.074   -7.986  1.00 47.15 ? 43  GLU A OE1 1 
ATOM   314  O OE2 . GLU A 1 43 ? 5.475   3.189   -8.424  1.00 45.81 ? 43  GLU A OE2 1 
ATOM   315  N N   . GLU A 1 44 ? 4.869   9.453   -6.077  1.00 15.72 ? 44  GLU A N   1 
ATOM   316  C CA  . GLU A 1 44 ? 4.131   10.731  -6.062  1.00 16.12 ? 44  GLU A CA  1 
ATOM   317  C C   . GLU A 1 44 ? 3.827   11.018  -7.539  1.00 17.77 ? 44  GLU A C   1 
ATOM   318  O O   . GLU A 1 44 ? 4.678   10.893  -8.455  1.00 21.11 ? 44  GLU A O   1 
ATOM   319  C CB  . GLU A 1 44 ? 4.975   11.845  -5.438  1.00 18.40 ? 44  GLU A CB  1 
ATOM   320  C CG  . GLU A 1 44 ? 5.128   11.577  -3.958  1.00 24.93 ? 44  GLU A CG  1 
ATOM   321  C CD  . GLU A 1 44 ? 5.610   12.786  -3.115  1.00 33.92 ? 44  GLU A CD  1 
ATOM   322  O OE1 . GLU A 1 44 ? 5.595   13.930  -3.617  1.00 39.54 ? 44  GLU A OE1 1 
ATOM   323  O OE2 . GLU A 1 44 ? 5.959   12.566  -1.937  1.00 36.14 ? 44  GLU A OE2 1 
ATOM   324  N N   . THR A 1 45 ? 2.578   11.381  -7.791  1.00 14.49 ? 45  THR A N   1 
ATOM   325  C CA  . THR A 1 45 ? 2.096   11.669  -9.106  1.00 14.13 ? 45  THR A CA  1 
ATOM   326  C C   . THR A 1 45 ? 1.690   13.163  -9.162  1.00 13.70 ? 45  THR A C   1 
ATOM   327  O O   . THR A 1 45 ? 0.939   13.622  -8.284  1.00 14.02 ? 45  THR A O   1 
ATOM   328  C CB  . THR A 1 45 ? 0.835   10.800  -9.407  1.00 13.35 ? 45  THR A CB  1 
ATOM   329  O OG1 . THR A 1 45 ? 1.248   9.402   -9.278  1.00 21.12 ? 45  THR A OG1 1 
ATOM   330  C CG2 . THR A 1 45 ? 0.307   11.089  -10.736 1.00 15.46 ? 45  THR A CG2 1 
ATOM   331  N N   . PRO A 1 46 ? 2.110   13.895  -10.217 1.00 12.45 ? 46  PRO A N   1 
ATOM   332  C CA  . PRO A 1 46 ? 1.662   15.295  -10.306 1.00 14.29 ? 46  PRO A CA  1 
ATOM   333  C C   . PRO A 1 46 ? 0.186   15.323  -10.634 1.00 13.64 ? 46  PRO A C   1 
ATOM   334  O O   . PRO A 1 46 ? -0.355  14.392  -11.298 1.00 11.86 ? 46  PRO A O   1 
ATOM   335  C CB  . PRO A 1 46 ? 2.457   15.867  -11.470 1.00 14.15 ? 46  PRO A CB  1 
ATOM   336  C CG  . PRO A 1 46 ? 3.006   14.866  -12.164 1.00 17.09 ? 46  PRO A CG  1 
ATOM   337  C CD  . PRO A 1 46 ? 3.064   13.518  -11.278 1.00 14.06 ? 46  PRO A CD  1 
ATOM   338  N N   . PRO A 1 47 ? -0.523  16.395  -10.225 1.00 12.91 ? 47  PRO A N   1 
ATOM   339  C CA  . PRO A 1 47 ? -1.970  16.392  -10.395 1.00 13.03 ? 47  PRO A CA  1 
ATOM   340  C C   . PRO A 1 47 ? -2.479  16.484  -11.847 1.00 13.35 ? 47  PRO A C   1 
ATOM   341  O O   . PRO A 1 47 ? -3.643  16.165  -12.080 1.00 14.09 ? 47  PRO A O   1 
ATOM   342  C CB  . PRO A 1 47 ? -2.452  17.628  -9.585  1.00 14.99 ? 47  PRO A CB  1 
ATOM   343  C CG  . PRO A 1 47 ? -1.196  18.535  -9.606  1.00 16.19 ? 47  PRO A CG  1 
ATOM   344  C CD  . PRO A 1 47 ? 0.001   17.489  -9.453  1.00 14.67 ? 47  PRO A CD  1 
ATOM   345  N N   . GLU A 1 48 ? -1.592  16.822  -12.770 1.00 13.13 ? 48  GLU A N   1 
ATOM   346  C CA  . GLU A 1 48 ? -1.931  16.855  -14.198 1.00 14.21 ? 48  GLU A CA  1 
ATOM   347  C C   . GLU A 1 48 ? -1.913  15.473  -14.762 1.00 14.25 ? 48  GLU A C   1 
ATOM   348  O O   . GLU A 1 48 ? -2.394  15.257  -15.877 1.00 15.92 ? 48  GLU A O   1 
ATOM   349  C CB  . GLU A 1 48 ? -0.912  17.706  -14.989 1.00 15.18 ? 48  GLU A CB  1 
ATOM   350  C CG  . GLU A 1 48 ? -0.901  19.162  -14.641 1.00 20.95 ? 48  GLU A CG  1 
ATOM   351  C CD  . GLU A 1 48 ? -0.231  19.523  -13.358 1.00 24.10 ? 48  GLU A CD  1 
ATOM   352  O OE1 . GLU A 1 48 ? 0.605   18.703  -12.831 1.00 21.04 ? 48  GLU A OE1 1 
ATOM   353  O OE2 . GLU A 1 48 ? -0.604  20.632  -12.883 1.00 27.79 ? 48  GLU A OE2 1 
ATOM   354  N N   . ARG A 1 49 ? -1.406  14.474  -14.008 1.00 12.58 ? 49  ARG A N   1 
ATOM   355  C CA  . ARG A 1 49 ? -1.251  13.117  -14.534 1.00 12.98 ? 49  ARG A CA  1 
ATOM   356  C C   . ARG A 1 49 ? -2.091  12.132  -13.779 1.00 10.64 ? 49  ARG A C   1 
ATOM   357  O O   . ARG A 1 49 ? -1.967  10.887  -13.966 1.00 13.27 ? 49  ARG A O   1 
ATOM   358  C CB  . ARG A 1 49 ? 0.210   12.715  -14.536 1.00 12.43 ? 49  ARG A CB  1 
ATOM   359  C CG  . ARG A 1 49 ? 1.037   13.544  -15.463 1.00 18.32 ? 49  ARG A CG  1 
ATOM   360  C CD  . ARG A 1 49 ? 2.451   12.969  -15.602 1.00 27.86 ? 49  ARG A CD  1 
ATOM   361  N NE  . ARG A 1 49 ? 3.255   13.916  -16.378 1.00 38.01 ? 49  ARG A NE  1 
ATOM   362  C CZ  . ARG A 1 49 ? 4.560   14.146  -16.188 1.00 41.50 ? 49  ARG A CZ  1 
ATOM   363  N NH1 . ARG A 1 49 ? 5.222   13.535  -15.203 1.00 41.53 ? 49  ARG A NH1 1 
ATOM   364  N NH2 . ARG A 1 49 ? 5.183   15.051  -16.949 1.00 41.00 ? 49  ARG A NH2 1 
ATOM   365  N N   . TRP A 1 50 ? -3.043  12.582  -12.971 1.00 11.11 ? 50  TRP A N   1 
ATOM   366  C CA  . TRP A 1 50 ? -3.985  11.758  -12.207 1.00 10.03 ? 50  TRP A CA  1 
ATOM   367  C C   . TRP A 1 50 ? -5.321  12.164  -12.642 1.00 10.71 ? 50  TRP A C   1 
ATOM   368  O O   . TRP A 1 50 ? -5.656  13.374  -12.491 1.00 11.22 ? 50  TRP A O   1 
ATOM   369  C CB  . TRP A 1 50 ? -3.764  12.000  -10.724 1.00 12.60 ? 50  TRP A CB  1 
ATOM   370  C CG  . TRP A 1 50 ? -4.530  11.099  -9.810  1.00 11.31 ? 50  TRP A CG  1 
ATOM   371  C CD1 . TRP A 1 50 ? -5.887  10.794  -9.800  1.00 13.91 ? 50  TRP A CD1 1 
ATOM   372  C CD2 . TRP A 1 50 ? -3.976  10.351  -8.710  1.00 11.78 ? 50  TRP A CD2 1 
ATOM   373  N NE1 . TRP A 1 50 ? -6.215  9.928   -8.783  1.00 14.01 ? 50  TRP A NE1 1 
ATOM   374  C CE2 . TRP A 1 50 ? -5.029  9.637   -8.094  1.00 13.54 ? 50  TRP A CE2 1 
ATOM   375  C CE3 . TRP A 1 50 ? -2.690  10.311  -8.120  1.00 13.99 ? 50  TRP A CE3 1 
ATOM   376  C CZ2 . TRP A 1 50 ? -4.822  8.826   -6.976  1.00 15.00 ? 50  TRP A CZ2 1 
ATOM   377  C CZ3 . TRP A 1 50 ? -2.512  9.472   -7.042  1.00 14.59 ? 50  TRP A CZ3 1 
ATOM   378  C CH2 . TRP A 1 50 ? -3.547  8.730   -6.504  1.00 13.81 ? 50  TRP A CH2 1 
ATOM   379  N N   . PHE A 1 51 ? -6.116  11.260  -13.181 1.00 10.53 ? 51  PHE A N   1 
ATOM   380  C CA  . PHE A 1 51 ? -7.511  11.594  -13.699 1.00 9.07  ? 51  PHE A CA  1 
ATOM   381  C C   . PHE A 1 51 ? -8.558  10.829  -12.916 1.00 10.79 ? 51  PHE A C   1 
ATOM   382  O O   . PHE A 1 51 ? -8.395  9.669   -12.556 1.00 11.19 ? 51  PHE A O   1 
ATOM   383  C CB  . PHE A 1 51 ? -7.624  11.228  -15.202 1.00 11.20 ? 51  PHE A CB  1 
ATOM   384  C CG  . PHE A 1 51 ? -6.598  11.932  -16.089 1.00 10.76 ? 51  PHE A CG  1 
ATOM   385  C CD1 . PHE A 1 51 ? -7.031  13.008  -16.833 1.00 12.82 ? 51  PHE A CD1 1 
ATOM   386  C CD2 . PHE A 1 51 ? -5.234  11.470  -16.192 1.00 11.46 ? 51  PHE A CD2 1 
ATOM   387  C CE1 . PHE A 1 51 ? -6.141  13.674  -17.579 1.00 11.80 ? 51  PHE A CE1 1 
ATOM   388  C CE2 . PHE A 1 51 ? -4.337  12.145  -16.914 1.00 13.00 ? 51  PHE A CE2 1 
ATOM   389  C CZ  . PHE A 1 51 ? -4.773  13.311  -17.674 1.00 13.47 ? 51  PHE A CZ  1 
ATOM   390  N N   . VAL A 1 52 ? -9.680  11.553  -12.647 1.00 11.32 ? 52  VAL A N   1 
ATOM   391  C CA  . VAL A 1 52 ? -10.902 10.968  -12.134 1.00 12.72 ? 52  VAL A CA  1 
ATOM   392  C C   . VAL A 1 52 ? -12.027 11.550  -12.984 1.00 13.32 ? 52  VAL A C   1 
ATOM   393  O O   . VAL A 1 52 ? -12.042 12.727  -13.274 1.00 12.92 ? 52  VAL A O   1 
ATOM   394  C CB  . VAL A 1 52 ? -11.139 11.430  -10.663 1.00 14.35 ? 52  VAL A CB  1 
ATOM   395  C CG1 . VAL A 1 52 ? -12.378 10.682  -10.040 1.00 17.07 ? 52  VAL A CG1 1 
ATOM   396  C CG2 . VAL A 1 52 ? -9.903  11.179  -9.800  1.00 16.28 ? 52  VAL A CG2 1 
ATOM   397  N N   . GLY A 1 53 ? -12.887 10.641  -13.427 1.00 12.52 ? 53  GLY A N   1 
ATOM   398  C CA  . GLY A 1 53 ? -13.962 11.137  -14.294 1.00 15.01 ? 53  GLY A CA  1 
ATOM   399  C C   . GLY A 1 53 ? -13.471 11.707  -15.581 1.00 14.35 ? 53  GLY A C   1 
ATOM   400  O O   . GLY A 1 53 ? -14.147 12.568  -16.174 1.00 15.82 ? 53  GLY A O   1 
ATOM   401  N N   . GLY A 1 54 ? -12.286 11.328  -16.054 1.00 13.10 ? 54  GLY A N   1 
ATOM   402  C CA  . GLY A 1 54 ? -11.698 11.811  -17.259 1.00 13.12 ? 54  GLY A CA  1 
ATOM   403  C C   . GLY A 1 54 ? -11.086 13.157  -17.252 1.00 12.72 ? 54  GLY A C   1 
ATOM   404  O O   . GLY A 1 54 ? -10.539 13.608  -18.270 1.00 14.28 ? 54  GLY A O   1 
ATOM   405  N N   . ARG A 1 55 ? -11.040 13.769  -16.061 1.00 13.08 ? 55  ARG A N   1 
ATOM   406  C CA  . ARG A 1 55 ? -10.399 15.050  -15.896 1.00 14.02 ? 55  ARG A CA  1 
ATOM   407  C C   . ARG A 1 55 ? -9.293  14.995  -14.874 1.00 11.57 ? 55  ARG A C   1 
ATOM   408  O O   . ARG A 1 55 ? -9.392  14.238  -13.893 1.00 12.86 ? 55  ARG A O   1 
ATOM   409  C CB  . ARG A 1 55 ? -11.431 16.160  -15.495 1.00 15.67 ? 55  ARG A CB  1 
ATOM   410  C CG  . ARG A 1 55 ? -12.539 16.364  -16.545 1.00 19.50 ? 55  ARG A CG  1 
ATOM   411  C CD  . ARG A 1 55 ? -13.468 17.512  -16.160 1.00 27.68 ? 55  ARG A CD  1 
ATOM   412  N NE  . ARG A 1 55 ? -14.029 17.261  -14.835 1.00 36.22 ? 55  ARG A NE  1 
ATOM   413  C CZ  . ARG A 1 55 ? -14.171 18.178  -13.871 1.00 35.80 ? 55  ARG A CZ  1 
ATOM   414  N NH1 . ARG A 1 55 ? -13.764 19.439  -14.069 1.00 33.04 ? 55  ARG A NH1 1 
ATOM   415  N NH2 . ARG A 1 55 ? -14.695 17.813  -12.696 1.00 39.43 ? 55  ARG A NH2 1 
ATOM   416  N N   . SER A 1 56 ? -8.243  15.753  -15.092 1.00 12.16 ? 56  SER A N   1 
ATOM   417  C CA  . SER A 1 56 ? -7.088  15.649  -14.169 1.00 12.72 ? 56  SER A CA  1 
ATOM   418  C C   . SER A 1 56 ? -7.419  16.269  -12.856 1.00 14.58 ? 56  SER A C   1 
ATOM   419  O O   . SER A 1 56 ? -8.352  17.132  -12.749 1.00 14.04 ? 56  SER A O   1 
ATOM   420  C CB  . SER A 1 56 ? -5.865  16.330  -14.760 1.00 14.35 ? 56  SER A CB  1 
ATOM   421  O OG  . SER A 1 56 ? -6.032  17.716  -14.664 1.00 16.74 ? 56  SER A OG  1 
ATOM   422  N N   . VAL A 1 57 ? -6.783  15.858  -11.775 1.00 13.18 ? 57  VAL A N   1 
ATOM   423  C CA  . VAL A 1 57 ? -6.906  16.508  -10.433 1.00 13.88 ? 57  VAL A CA  1 
ATOM   424  C C   . VAL A 1 57 ? -6.636  17.993  -10.573 1.00 15.18 ? 57  VAL A C   1 
ATOM   425  O O   . VAL A 1 57 ? -7.359  18.781  -9.956  1.00 15.50 ? 57  VAL A O   1 
ATOM   426  C CB  . VAL A 1 57 ? -5.994  15.804  -9.456  1.00 13.13 ? 57  VAL A CB  1 
ATOM   427  C CG1 . VAL A 1 57 ? -6.008  16.584  -8.102  1.00 14.61 ? 57  VAL A CG1 1 
ATOM   428  C CG2 . VAL A 1 57 ? -6.544  14.349  -9.178  1.00 12.72 ? 57  VAL A CG2 1 
ATOM   429  N N   . ALA A 1 58 ? -5.675  18.379  -11.370 1.00 14.90 ? 58  ALA A N   1 
ATOM   430  C CA  . ALA A 1 58 ? -5.423  19.828  -11.571 1.00 16.35 ? 58  ALA A CA  1 
ATOM   431  C C   . ALA A 1 58 ? -6.665  20.491  -12.095 1.00 18.22 ? 58  ALA A C   1 
ATOM   432  O O   . ALA A 1 58 ? -7.026  21.575  -11.540 1.00 22.01 ? 58  ALA A O   1 
ATOM   433  C CB  . ALA A 1 58 ? -4.285  19.981  -12.514 1.00 18.09 ? 58  ALA A CB  1 
ATOM   434  N N   . GLU A 1 59 ? -7.305  19.912  -13.110 1.00 18.15 ? 59  GLU A N   1 
ATOM   435  C CA  . GLU A 1 59 ? -8.557  20.546  -13.766 1.00 18.62 ? 59  GLU A CA  1 
ATOM   436  C C   . GLU A 1 59 ? -9.702  20.566  -12.772 1.00 21.95 ? 59  GLU A C   1 
ATOM   437  O O   . GLU A 1 59 ? -10.397 21.624  -12.634 1.00 21.95 ? 59  GLU A O   1 
ATOM   438  C CB  . GLU A 1 59 ? -8.903  19.784  -15.054 1.00 23.46 ? 59  GLU A CB  1 
ATOM   439  C CG  . GLU A 1 59 ? -10.056 20.432  -15.919 1.00 21.58 ? 59  GLU A CG  1 
ATOM   440  C CD  . GLU A 1 59 ? -10.361 19.775  -17.288 1.00 30.57 ? 59  GLU A CD  1 
ATOM   441  O OE1 . GLU A 1 59 ? -11.437 20.085  -17.849 1.00 34.16 ? 59  GLU A OE1 1 
ATOM   442  O OE2 . GLU A 1 59 ? -9.571  19.015  -17.879 1.00 30.89 ? 59  GLU A OE2 1 
ATOM   443  N N   . ARG A 1 60 ? -9.890  19.512  -11.997 1.00 21.06 ? 60  ARG A N   1 
ATOM   444  C CA  . ARG A 1 60 ? -10.981 19.367  -10.991 1.00 22.09 ? 60  ARG A CA  1 
ATOM   445  C C   . ARG A 1 60 ? -10.792 20.405  -9.840  1.00 25.01 ? 60  ARG A C   1 
ATOM   446  O O   . ARG A 1 60 ? -11.808 20.982  -9.285  1.00 26.76 ? 60  ARG A O   1 
ATOM   447  C CB  . ARG A 1 60 ? -11.052 17.932  -10.447 1.00 21.47 ? 60  ARG A CB  1 
ATOM   448  C CG  . ARG A 1 60 ? -11.542 16.932  -11.457 1.00 19.72 ? 60  ARG A CG  1 
ATOM   449  C CD  . ARG A 1 60 ? -11.075 15.497  -11.115 1.00 17.37 ? 60  ARG A CD  1 
ATOM   450  N NE  . ARG A 1 60 ? -11.718 15.034  -9.831  1.00 20.49 ? 60  ARG A NE  1 
ATOM   451  C CZ  . ARG A 1 60 ? -12.928 14.439  -9.730  1.00 20.90 ? 60  ARG A CZ  1 
ATOM   452  N NH1 . ARG A 1 60 ? -13.676 14.313  -10.807 1.00 18.45 ? 60  ARG A NH1 1 
ATOM   453  N NH2 . ARG A 1 60 ? -13.399 13.967  -8.559  1.00 22.73 ? 60  ARG A NH2 1 
ATOM   454  N N   . ARG A 1 61 ? -9.545  20.684  -9.477  1.00 25.30 ? 61  ARG A N   1 
ATOM   455  C CA  . ARG A 1 61 ? -9.181  21.705  -8.493  1.00 25.91 ? 61  ARG A CA  1 
ATOM   456  C C   . ARG A 1 61 ? -9.503  23.078  -9.061  1.00 26.48 ? 61  ARG A C   1 
ATOM   457  O O   . ARG A 1 61 ? -9.968  23.975  -8.317  1.00 27.87 ? 61  ARG A O   1 
ATOM   458  C CB  . ARG A 1 61 ? -7.702  21.616  -8.183  1.00 25.51 ? 61  ARG A CB  1 
ATOM   459  C CG  . ARG A 1 61 ? -7.518  20.720  -7.053  1.00 24.25 ? 61  ARG A CG  1 
ATOM   460  C CD  . ARG A 1 61 ? -6.056  20.365  -6.925  1.00 30.10 ? 61  ARG A CD  1 
ATOM   461  N NE  . ARG A 1 61 ? -5.885  19.522  -5.753  1.00 28.60 ? 61  ARG A NE  1 
ATOM   462  C CZ  . ARG A 1 61 ? -4.746  18.956  -5.408  1.00 30.00 ? 61  ARG A CZ  1 
ATOM   463  N NH1 . ARG A 1 61 ? -3.684  19.140  -6.178  1.00 24.15 ? 61  ARG A NH1 1 
ATOM   464  N NH2 . ARG A 1 61 ? -4.674  18.252  -4.293  1.00 30.75 ? 61  ARG A NH2 1 
ATOM   465  N N   . ALA A 1 62 ? -9.315  23.301  -10.347 1.00 26.12 ? 62  ALA A N   1 
ATOM   466  C CA  . ALA A 1 62 ? -9.571  24.658  -10.905 1.00 25.76 ? 62  ALA A CA  1 
ATOM   467  C C   . ALA A 1 62 ? -11.016 25.029  -11.055 1.00 25.41 ? 62  ALA A C   1 
ATOM   468  O O   . ALA A 1 62 ? -11.335 26.213  -11.220 1.00 25.74 ? 62  ALA A O   1 
ATOM   469  C CB  . ALA A 1 62 ? -8.896  24.875  -12.268 1.00 26.89 ? 62  ALA A CB  1 
ATOM   470  N N   . SER A 1 63 ? -11.903 24.059  -10.918 1.00 22.67 ? 63  SER A N   1 
ATOM   471  C CA  . SER A 1 63 ? -13.333 24.355  -10.936 1.00 22.89 ? 63  SER A CA  1 
ATOM   472  C C   . SER A 1 63 ? -14.026 23.603  -9.756  1.00 19.60 ? 63  SER A C   1 
ATOM   473  O O   . SER A 1 63 ? -14.794 22.710  -10.094 1.00 20.34 ? 63  SER A O   1 
ATOM   474  C CB  . SER A 1 63 ? -13.918 23.868  -12.286 1.00 23.07 ? 63  SER A CB  1 
ATOM   475  O OG  . SER A 1 63 ? -13.419 24.625  -13.435 1.00 24.50 ? 63  SER A OG  1 
ATOM   476  N N   . PRO A 1 64 ? -13.798 23.901  -8.445  1.00 22.40 ? 64  PRO A N   1 
ATOM   477  C CA  . PRO A 1 64 ? -14.497 22.991  -7.458  1.00 23.23 ? 64  PRO A CA  1 
ATOM   478  C C   . PRO A 1 64 ? -15.890 23.478  -6.924  1.00 22.25 ? 64  PRO A C   1 
ATOM   479  O O   . PRO A 1 64 ? -16.572 22.710  -6.147  1.00 21.10 ? 64  PRO A O   1 
ATOM   480  C CB  . PRO A 1 64 ? -13.520 22.931  -6.293  1.00 23.55 ? 64  PRO A CB  1 
ATOM   481  C CG  . PRO A 1 64 ? -13.083 24.370  -6.249  1.00 24.37 ? 64  PRO A CG  1 
ATOM   482  C CD  . PRO A 1 64 ? -13.059 24.940  -7.697  1.00 26.98 ? 64  PRO A CD  1 
ATOM   483  N N   . SER A 1 65 ? -16.340 24.646  -7.396  1.00 21.90 ? 65  SER A N   1 
ATOM   484  C CA  . SER A 1 65 ? -17.553 25.267  -6.798  1.00 20.65 ? 65  SER A CA  1 
ATOM   485  C C   . SER A 1 65 ? -18.654 25.156  -7.843  1.00 20.90 ? 65  SER A C   1 
ATOM   486  O O   . SER A 1 65 ? -18.568 24.427  -8.863  1.00 18.32 ? 65  SER A O   1 
ATOM   487  C CB  . SER A 1 65 ? -17.260 26.717  -6.447  1.00 24.20 ? 65  SER A CB  1 
ATOM   488  O OG  . SER A 1 65 ? -17.024 27.407  -7.637  1.00 24.84 ? 65  SER A OG  1 
ATOM   489  O OXT . SER A 1 65 ? -19.755 25.758  -7.629  1.00 17.98 ? 65  SER A OXT 1 
ATOM   490  N N   . PRO B 1 1  ? -5.749  8.180   -1.987  1.00 20.43 ? 1   PRO B N   1 
ATOM   491  C CA  . PRO B 1 1  ? -4.452  7.547   -2.017  1.00 17.67 ? 1   PRO B CA  1 
ATOM   492  C C   . PRO B 1 1  ? -4.684  6.105   -2.494  1.00 13.72 ? 1   PRO B C   1 
ATOM   493  O O   . PRO B 1 1  ? -5.754  5.570   -2.169  1.00 14.04 ? 1   PRO B O   1 
ATOM   494  C CB  . PRO B 1 1  ? -4.094  7.620   -0.512  1.00 20.69 ? 1   PRO B CB  1 
ATOM   495  C CG  . PRO B 1 1  ? -4.670  8.920   -0.119  1.00 23.40 ? 1   PRO B CG  1 
ATOM   496  C CD  . PRO B 1 1  ? -5.895  9.075   -0.823  1.00 22.22 ? 1   PRO B CD  1 
ATOM   497  N N   . LEU B 1 2  ? -3.797  5.554   -3.288  1.00 11.68 ? 2   LEU B N   1 
ATOM   498  C CA  . LEU B 1 2  ? -3.963  4.180   -3.797  1.00 12.85 ? 2   LEU B CA  1 
ATOM   499  C C   . LEU B 1 2  ? -2.928  3.290   -3.200  1.00 12.31 ? 2   LEU B C   1 
ATOM   500  O O   . LEU B 1 2  ? -1.758  3.767   -3.067  1.00 14.11 ? 2   LEU B O   1 
ATOM   501  C CB  . LEU B 1 2  ? -3.894  4.139   -5.348  1.00 13.15 ? 2   LEU B CB  1 
ATOM   502  C CG  . LEU B 1 2  ? -4.782  5.206   -6.073  1.00 13.99 ? 2   LEU B CG  1 
ATOM   503  C CD1 . LEU B 1 2  ? -4.599  4.967   -7.561  1.00 16.94 ? 2   LEU B CD1 1 
ATOM   504  C CD2 . LEU B 1 2  ? -6.254  5.012   -5.735  1.00 16.68 ? 2   LEU B CD2 1 
ATOM   505  N N   . ILE B 1 3  ? -3.249  2.124   -2.729  1.00 11.00 ? 3   ILE B N   1 
ATOM   506  C CA  . ILE B 1 3  ? -2.257  1.253   -2.069  1.00 11.88 ? 3   ILE B CA  1 
ATOM   507  C C   . ILE B 1 3  ? -2.391  -0.126  -2.709  1.00 11.62 ? 3   ILE B C   1 
ATOM   508  O O   . ILE B 1 3  ? -3.505  -0.720  -2.756  1.00 12.71 ? 3   ILE B O   1 
ATOM   509  C CB  . ILE B 1 3  ? -2.513  1.171   -0.534  1.00 11.09 ? 3   ILE B CB  1 
ATOM   510  C CG1 . ILE B 1 3  ? -2.360  2.521   0.088   1.00 11.21 ? 3   ILE B CG1 1 
ATOM   511  C CG2 . ILE B 1 3  ? -1.435  0.184   0.057   1.00 12.59 ? 3   ILE B CG2 1 
ATOM   512  C CD1 . ILE B 1 3  ? -2.869  2.579   1.557   1.00 12.68 ? 3   ILE B CD1 1 
ATOM   513  N N   . ARG B 1 4  ? -1.287  -0.658  -3.212  1.00 10.04 ? 4   ARG B N   1 
ATOM   514  C CA  . ARG B 1 4  ? -1.253  -2.067  -3.690  1.00 11.33 ? 4   ARG B CA  1 
ATOM   515  C C   . ARG B 1 4  ? -0.348  -2.870  -2.796  1.00 11.87 ? 4   ARG B C   1 
ATOM   516  O O   . ARG B 1 4  ? 0.836   -2.541  -2.615  1.00 13.94 ? 4   ARG B O   1 
ATOM   517  C CB  . ARG B 1 4  ? -0.739  -2.228  -5.146  1.00 12.13 ? 4   ARG B CB  1 
ATOM   518  C CG  . ARG B 1 4  ? -0.597  -3.701  -5.477  1.00 14.92 ? 4   ARG B CG  1 
ATOM   519  C CD  . ARG B 1 4  ? 0.120   -3.938  -6.836  1.00 18.29 ? 4   ARG B CD  1 
ATOM   520  N NE  . ARG B 1 4  ? -0.807  -3.510  -7.894  1.00 20.42 ? 4   ARG B NE  1 
ATOM   521  C CZ  . ARG B 1 4  ? -1.623  -4.303  -8.605  1.00 26.22 ? 4   ARG B CZ  1 
ATOM   522  N NH1 . ARG B 1 4  ? -2.501  -3.742  -9.437  1.00 24.11 ? 4   ARG B NH1 1 
ATOM   523  N NH2 . ARG B 1 4  ? -1.510  -5.631  -8.559  1.00 24.72 ? 4   ARG B NH2 1 
ATOM   524  N N   . VAL B 1 5  ? -0.852  -3.919  -2.194  1.00 11.65 ? 5   VAL B N   1 
ATOM   525  C CA  . VAL B 1 5  ? 0.002   -4.818  -1.363  1.00 13.54 ? 5   VAL B CA  1 
ATOM   526  C C   . VAL B 1 5  ? 0.141   -6.144  -2.006  1.00 13.10 ? 5   VAL B C   1 
ATOM   527  O O   . VAL B 1 5  ? -0.927  -6.755  -2.396  1.00 16.67 ? 5   VAL B O   1 
ATOM   528  C CB  . VAL B 1 5  ? -0.625  -5.106  -0.042  1.00 15.82 ? 5   VAL B CB  1 
ATOM   529  C CG1 . VAL B 1 5  ? 0.278   -5.955  0.832   1.00 16.76 ? 5   VAL B CG1 1 
ATOM   530  C CG2 . VAL B 1 5  ? -1.007  -3.990  0.561   1.00 19.13 ? 5   VAL B CG2 1 
ATOM   531  N N   . THR B 1 6  ? 1.359   -6.552  -2.255  1.00 11.78 ? 6   THR B N   1 
ATOM   532  C CA  . THR B 1 6  ? 1.575   -7.883  -2.859  1.00 14.10 ? 6   THR B CA  1 
ATOM   533  C C   . THR B 1 6  ? 2.154   -8.738  -1.719  1.00 12.57 ? 6   THR B C   1 
ATOM   534  O O   . THR B 1 6  ? 3.129   -8.344  -1.071  1.00 13.21 ? 6   THR B O   1 
ATOM   535  C CB  . THR B 1 6  ? 2.612   -7.703  -3.990  1.00 15.34 ? 6   THR B CB  1 
ATOM   536  O OG1 . THR B 1 6  ? 2.138   -6.714  -4.927  1.00 17.38 ? 6   THR B OG1 1 
ATOM   537  C CG2 . THR B 1 6  ? 2.804   -9.064  -4.738  1.00 16.72 ? 6   THR B CG2 1 
ATOM   538  N N   . LEU B 1 7  ? 1.554   -9.892  -1.567  1.00 14.07 ? 7   LEU B N   1 
ATOM   539  C CA  . LEU B 1 7  ? 1.995   -10.785 -0.506  1.00 15.59 ? 7   LEU B CA  1 
ATOM   540  C C   . LEU B 1 7  ? 1.765   -12.223 -0.981  1.00 15.26 ? 7   LEU B C   1 
ATOM   541  O O   . LEU B 1 7  ? 1.149   -12.481 -2.041  1.00 16.87 ? 7   LEU B O   1 
ATOM   542  C CB  . LEU B 1 7  ? 1.231   -10.401 0.794   1.00 17.42 ? 7   LEU B CB  1 
ATOM   543  C CG  . LEU B 1 7  ? -0.327  -10.348 0.652   1.00 22.51 ? 7   LEU B CG  1 
ATOM   544  C CD1 . LEU B 1 7  ? -1.006  -11.553 0.216   1.00 29.27 ? 7   LEU B CD1 1 
ATOM   545  C CD2 . LEU B 1 7  ? -0.908  -9.993  2.066   1.00 23.22 ? 7   LEU B CD2 1 
ATOM   546  N N   . LEU B 1 8  ? 2.303   -13.154 -0.207  1.00 16.09 ? 8   LEU B N   1 
ATOM   547  C CA  . LEU B 1 8  ? 2.176   -14.576 -0.586  1.00 17.15 ? 8   LEU B CA  1 
ATOM   548  C C   . LEU B 1 8  ? 0.813   -15.125 -0.428  1.00 18.10 ? 8   LEU B C   1 
ATOM   549  O O   . LEU B 1 8  ? 0.116   -14.813 0.582   1.00 19.29 ? 8   LEU B O   1 
ATOM   550  C CB  . LEU B 1 8  ? 3.158   -15.396 0.230   1.00 17.62 ? 8   LEU B CB  1 
ATOM   551  C CG  . LEU B 1 8  ? 4.623   -15.105 -0.002  1.00 18.25 ? 8   LEU B CG  1 
ATOM   552  C CD1 . LEU B 1 8  ? 5.478   -15.573 1.142   1.00 23.17 ? 8   LEU B CD1 1 
ATOM   553  C CD2 . LEU B 1 8  ? 4.999   -15.922 -1.346  1.00 18.61 ? 8   LEU B CD2 1 
ATOM   554  N N   . GLU B 1 9  ? 0.422   -15.998 -1.338  1.00 17.74 ? 9   GLU B N   1 
ATOM   555  C CA  . GLU B 1 9  ? -0.820  -16.767 -1.220  1.00 22.79 ? 9   GLU B CA  1 
ATOM   556  C C   . GLU B 1 9  ? -0.896  -17.526 0.088   1.00 24.96 ? 9   GLU B C   1 
ATOM   557  O O   . GLU B 1 9  ? 0.131   -17.810 0.755   1.00 26.28 ? 9   GLU B O   1 
ATOM   558  C CB  . GLU B 1 9  ? -0.868  -17.819 -2.302  1.00 22.90 ? 9   GLU B CB  1 
ATOM   559  C CG  . GLU B 1 9  ? -1.464  -17.343 -3.592  1.00 24.15 ? 9   GLU B CG  1 
ATOM   560  C CD  . GLU B 1 9  ? -1.555  -18.478 -4.634  1.00 26.38 ? 9   GLU B CD  1 
ATOM   561  O OE1 . GLU B 1 9  ? -1.041  -19.575 -4.362  1.00 32.72 ? 9   GLU B OE1 1 
ATOM   562  O OE2 . GLU B 1 9  ? -2.119  -18.206 -5.703  1.00 34.03 ? 9   GLU B OE2 1 
ATOM   563  N N   . GLY B 1 10 ? -2.133  -17.917 0.391   1.00 27.76 ? 10  GLY B N   1 
ATOM   564  C CA  . GLY B 1 10 ? -2.415  -18.713 1.588   1.00 30.18 ? 10  GLY B CA  1 
ATOM   565  C C   . GLY B 1 10 ? -2.896  -17.969 2.819   1.00 31.42 ? 10  GLY B C   1 
ATOM   566  O O   . GLY B 1 10 ? -3.071  -18.595 3.847   1.00 33.08 ? 10  GLY B O   1 
ATOM   567  N N   . ARG B 1 11 ? -3.141  -16.662 2.722   1.00 30.43 ? 11  ARG B N   1 
ATOM   568  C CA  . ARG B 1 11 ? -3.657  -15.872 3.839   1.00 30.97 ? 11  ARG B CA  1 
ATOM   569  C C   . ARG B 1 11 ? -5.101  -16.206 4.129   1.00 30.18 ? 11  ARG B C   1 
ATOM   570  O O   . ARG B 1 11 ? -5.874  -16.465 3.166   1.00 30.44 ? 11  ARG B O   1 
ATOM   571  C CB  . ARG B 1 11 ? -3.603  -14.349 3.522   1.00 31.51 ? 11  ARG B CB  1 
ATOM   572  C CG  . ARG B 1 11 ? -2.182  -13.739 3.475   1.00 34.53 ? 11  ARG B CG  1 
ATOM   573  C CD  . ARG B 1 11 ? -1.503  -14.040 4.791   1.00 40.25 ? 11  ARG B CD  1 
ATOM   574  N NE  . ARG B 1 11 ? -0.075  -13.749 4.859   1.00 42.96 ? 11  ARG B NE  1 
ATOM   575  C CZ  . ARG B 1 11 ? 0.599   -13.661 6.010   1.00 42.42 ? 11  ARG B CZ  1 
ATOM   576  N NH1 . ARG B 1 11 ? -0.018  -13.857 7.188   1.00 36.33 ? 11  ARG B NH1 1 
ATOM   577  N NH2 . ARG B 1 11 ? 1.897   -13.384 5.993   1.00 43.70 ? 11  ARG B NH2 1 
ATOM   578  N N   . SER B 1 12 ? -5.517  -16.126 5.407   1.00 28.16 ? 12  SER B N   1 
ATOM   579  C CA  . SER B 1 12 ? -6.909  -16.317 5.706   1.00 28.35 ? 12  SER B CA  1 
ATOM   580  C C   . SER B 1 12 ? -7.817  -15.166 5.282   1.00 30.40 ? 12  SER B C   1 
ATOM   581  O O   . SER B 1 12 ? -7.365  -14.022 5.121   1.00 29.11 ? 12  SER B O   1 
ATOM   582  C CB  . SER B 1 12 ? -7.109  -16.556 7.242   1.00 26.24 ? 12  SER B CB  1 
ATOM   583  O OG  . SER B 1 12 ? -7.030  -15.365 7.974   1.00 28.43 ? 12  SER B OG  1 
ATOM   584  N N   . PRO B 1 13 ? -9.128  -15.414 5.213   1.00 31.38 ? 13  PRO B N   1 
ATOM   585  C CA  . PRO B 1 13 ? -10.030 -14.297 4.885   1.00 29.95 ? 13  PRO B CA  1 
ATOM   586  C C   . PRO B 1 13 ? -10.018 -13.153 5.925   1.00 29.25 ? 13  PRO B C   1 
ATOM   587  O O   . PRO B 1 13 ? -9.985  -11.973 5.553   1.00 26.81 ? 13  PRO B O   1 
ATOM   588  C CB  . PRO B 1 13 ? -11.402 -14.981 4.761   1.00 30.76 ? 13  PRO B CB  1 
ATOM   589  C CG  . PRO B 1 13 ? -11.040 -16.451 4.370   1.00 32.17 ? 13  PRO B CG  1 
ATOM   590  C CD  . PRO B 1 13 ? -9.783  -16.746 5.104   1.00 31.93 ? 13  PRO B CD  1 
ATOM   591  N N   . GLN B 1 14 ? -9.891  -13.516 7.184   1.00 27.26 ? 14  GLN B N   1 
ATOM   592  C CA  . GLN B 1 14 ? -9.680  -12.618 8.254   1.00 26.73 ? 14  GLN B CA  1 
ATOM   593  C C   . GLN B 1 14 ? -8.432  -11.830 7.911   1.00 21.19 ? 14  GLN B C   1 
ATOM   594  O O   . GLN B 1 14 ? -8.465  -10.631 8.096   1.00 21.46 ? 14  GLN B O   1 
ATOM   595  C CB  . GLN B 1 14 ? -9.468  -13.352 9.611   1.00 27.72 ? 14  GLN B CB  1 
ATOM   596  C CG  . GLN B 1 14 ? -10.754 -13.857 10.219  1.00 32.51 ? 14  GLN B CG  1 
ATOM   597  C CD  . GLN B 1 14 ? -11.026 -15.296 9.802   1.00 37.83 ? 14  GLN B CD  1 
ATOM   598  O OE1 . GLN B 1 14 ? -11.715 -16.060 10.513  1.00 40.30 ? 14  GLN B OE1 1 
ATOM   599  N NE2 . GLN B 1 14 ? -10.462 -15.692 8.662   1.00 28.33 ? 14  GLN B NE2 1 
ATOM   600  N N   . GLU B 1 15 ? -7.303  -12.455 7.511   1.00 18.95 ? 15  GLU B N   1 
ATOM   601  C CA  . GLU B 1 15 ? -6.102  -11.650 7.465   1.00 16.24 ? 15  GLU B CA  1 
ATOM   602  C C   . GLU B 1 15 ? -6.200  -10.562 6.349   1.00 13.75 ? 15  GLU B C   1 
ATOM   603  O O   . GLU B 1 15 ? -5.751  -9.405  6.524   1.00 14.83 ? 15  GLU B O   1 
ATOM   604  C CB  . GLU B 1 15 ? -4.902  -12.523 7.232   1.00 17.65 ? 15  GLU B CB  1 
ATOM   605  C CG  . GLU B 1 15 ? -4.579  -13.259 8.468   1.00 19.38 ? 15  GLU B CG  1 
ATOM   606  C CD  . GLU B 1 15 ? -3.496  -14.354 8.281   1.00 26.10 ? 15  GLU B CD  1 
ATOM   607  O OE1 . GLU B 1 15 ? -3.380  -14.954 7.149   1.00 30.75 ? 15  GLU B OE1 1 
ATOM   608  O OE2 . GLU B 1 15 ? -2.895  -14.704 9.302   1.00 25.58 ? 15  GLU B OE2 1 
ATOM   609  N N   . VAL B 1 16 ? -6.740  -10.994 5.234   1.00 14.60 ? 16  VAL B N   1 
ATOM   610  C CA  . VAL B 1 16 ? -6.869  -10.019 4.150   1.00 16.27 ? 16  VAL B CA  1 
ATOM   611  C C   . VAL B 1 16 ? -7.804  -8.880  4.483   1.00 14.95 ? 16  VAL B C   1 
ATOM   612  O O   . VAL B 1 16 ? -7.498  -7.666  4.219   1.00 12.91 ? 16  VAL B O   1 
ATOM   613  C CB  . VAL B 1 16 ? -7.274  -10.717 2.867   1.00 19.90 ? 16  VAL B CB  1 
ATOM   614  C CG1 . VAL B 1 16 ? -7.665  -9.623  1.762   1.00 19.92 ? 16  VAL B CG1 1 
ATOM   615  C CG2 . VAL B 1 16 ? -6.123  -11.540 2.379   1.00 23.12 ? 16  VAL B CG2 1 
ATOM   616  N N   . ALA B 1 17 ? -8.974  -9.223  5.059   1.00 13.40 ? 17  ALA B N   1 
ATOM   617  C CA  . ALA B 1 17 ? -9.914  -8.173  5.499   1.00 11.93 ? 17  ALA B CA  1 
ATOM   618  C C   . ALA B 1 17 ? -9.293  -7.249  6.581   1.00 12.22 ? 17  ALA B C   1 
ATOM   619  O O   . ALA B 1 17 ? -9.420  -6.032  6.535   1.00 12.20 ? 17  ALA B O   1 
ATOM   620  C CB  . ALA B 1 17 ? -11.216 -8.783  6.028   1.00 13.04 ? 17  ALA B CB  1 
ATOM   621  N N   . ALA B 1 18 ? -8.598  -7.841  7.548   1.00 11.52 ? 18  ALA B N   1 
ATOM   622  C CA  . ALA B 1 18 ? -7.928  -7.041  8.535   1.00 12.77 ? 18  ALA B CA  1 
ATOM   623  C C   . ALA B 1 18 ? -6.893  -6.098  7.971   1.00 11.22 ? 18  ALA B C   1 
ATOM   624  O O   . ALA B 1 18 ? -6.769  -4.927  8.327   1.00 12.14 ? 18  ALA B O   1 
ATOM   625  C CB  . ALA B 1 18 ? -7.324  -7.881  9.635   1.00 14.48 ? 18  ALA B CB  1 
ATOM   626  N N   . LEU B 1 19 ? -6.106  -6.618  6.985   1.00 12.09 ? 19  LEU B N   1 
ATOM   627  C CA  . LEU B 1 19 ? -5.026  -5.829  6.333   1.00 12.40 ? 19  LEU B CA  1 
ATOM   628  C C   . LEU B 1 19 ? -5.670  -4.629  5.597   1.00 11.22 ? 19  LEU B C   1 
ATOM   629  O O   . LEU B 1 19 ? -5.148  -3.521  5.684   1.00 11.81 ? 19  LEU B O   1 
ATOM   630  C CB  . LEU B 1 19 ? -4.255  -6.778  5.383   1.00 13.80 ? 19  LEU B CB  1 
ATOM   631  C CG  . LEU B 1 19 ? -3.131  -6.039  4.670   1.00 12.95 ? 19  LEU B CG  1 
ATOM   632  C CD1 . LEU B 1 19 ? -1.946  -5.612  5.538   1.00 12.87 ? 19  LEU B CD1 1 
ATOM   633  C CD2 . LEU B 1 19 ? -2.696  -7.012  3.562   1.00 14.75 ? 19  LEU B CD2 1 
ATOM   634  N N   . GLY B 1 20 ? -6.757  -4.895  4.843   1.00 10.84 ? 20  GLY B N   1 
ATOM   635  C CA  . GLY B 1 20 ? -7.351  -3.800  4.163   1.00 11.95 ? 20  GLY B CA  1 
ATOM   636  C C   . GLY B 1 20 ? -7.901  -2.685  5.114   1.00 11.20 ? 20  GLY B C   1 
ATOM   637  O O   . GLY B 1 20 ? -7.672  -1.508  4.909   1.00 12.85 ? 20  GLY B O   1 
ATOM   638  N N   . GLU B 1 21 ? -8.485  -3.129  6.264   1.00 12.85 ? 21  GLU B N   1 
ATOM   639  C CA  . GLU B 1 21 ? -8.906  -2.126  7.286   1.00 12.68 ? 21  GLU B CA  1 
ATOM   640  C C   . GLU B 1 21 ? -7.723  -1.393  7.833   1.00 11.37 ? 21  GLU B C   1 
ATOM   641  O O   . GLU B 1 21 ? -7.789  -0.186  8.018   1.00 13.35 ? 21  GLU B O   1 
ATOM   642  C CB  . GLU B 1 21 ? -9.625  -2.948  8.356   1.00 14.78 ? 21  GLU B CB  1 
ATOM   643  C CG  . GLU B 1 21 ? -10.220 -2.085  9.534   1.00 18.11 ? 21  GLU B CG  1 
ATOM   644  C CD  . GLU B 1 21 ? -10.811 -2.952  10.594  1.00 20.00 ? 21  GLU B CD  1 
ATOM   645  O OE1 . GLU B 1 21 ? -10.140 -3.844  11.159  1.00 20.52 ? 21  GLU B OE1 1 
ATOM   646  O OE2 . GLU B 1 21 ? -12.061 -2.806  10.788  1.00 26.37 ? 21  GLU B OE2 1 
ATOM   647  N N   . ALA B 1 22 ? -6.620  -2.128  8.130   1.00 11.62 ? 22  ALA B N   1 
ATOM   648  C CA  . ALA B 1 22 ? -5.576  -1.509  8.931   1.00 12.16 ? 22  ALA B CA  1 
ATOM   649  C C   . ALA B 1 22 ? -4.693  -0.546  8.068   1.00 10.78 ? 22  ALA B C   1 
ATOM   650  O O   . ALA B 1 22 ? -4.250  0.520   8.501   1.00 12.10 ? 22  ALA B O   1 
ATOM   651  C CB  . ALA B 1 22 ? -4.656  -2.566  9.575   1.00 12.97 ? 22  ALA B CB  1 
ATOM   652  N N   . LEU B 1 23 ? -4.478  -0.973  6.817   1.00 11.25 ? 23  LEU B N   1 
ATOM   653  C CA  . LEU B 1 23 ? -3.744  -0.073  5.940   1.00 11.39 ? 23  LEU B CA  1 
ATOM   654  C C   . LEU B 1 23 ? -4.514  1.225   5.662   1.00 11.13 ? 23  LEU B C   1 
ATOM   655  O O   . LEU B 1 23 ? -3.945  2.305   5.585   1.00 12.08 ? 23  LEU B O   1 
ATOM   656  C CB  . LEU B 1 23 ? -3.459  -0.761  4.568   1.00 12.96 ? 23  LEU B CB  1 
ATOM   657  C CG  . LEU B 1 23 ? -2.480  -1.939  4.654   1.00 10.35 ? 23  LEU B CG  1 
ATOM   658  C CD1 . LEU B 1 23 ? -2.454  -2.637  3.266   1.00 15.50 ? 23  LEU B CD1 1 
ATOM   659  C CD2 . LEU B 1 23 ? -1.095  -1.605  5.050   1.00 15.45 ? 23  LEU B CD2 1 
ATOM   660  N N   . THR B 1 24 ? -5.842  1.116   5.600   1.00 11.60 ? 24  THR B N   1 
ATOM   661  C CA  . THR B 1 24 ? -6.696  2.244   5.404   1.00 12.20 ? 24  THR B CA  1 
ATOM   662  C C   . THR B 1 24 ? -6.615  3.174   6.606   1.00 11.60 ? 24  THR B C   1 
ATOM   663  O O   . THR B 1 24 ? -6.523  4.383   6.465   1.00 13.11 ? 24  THR B O   1 
ATOM   664  C CB  . THR B 1 24 ? -8.116  1.763   5.189   1.00 10.73 ? 24  THR B CB  1 
ATOM   665  O OG1 . THR B 1 24 ? -8.170  1.065   3.928   1.00 12.33 ? 24  THR B OG1 1 
ATOM   666  C CG2 . THR B 1 24 ? -9.067  2.984   5.136   1.00 14.01 ? 24  THR B CG2 1 
ATOM   667  N N   . ALA B 1 25 ? -6.748  2.601   7.829   1.00 12.45 ? 25  ALA B N   1 
ATOM   668  C CA  . ALA B 1 25 ? -6.542  3.418   9.012   1.00 13.46 ? 25  ALA B CA  1 
ATOM   669  C C   . ALA B 1 25 ? -5.219  4.107   9.059   1.00 12.06 ? 25  ALA B C   1 
ATOM   670  O O   . ALA B 1 25 ? -5.158  5.344   9.401   1.00 14.19 ? 25  ALA B O   1 
ATOM   671  C CB  . ALA B 1 25 ? -6.754  2.536   10.305  1.00 13.34 ? 25  ALA B CB  1 
ATOM   672  N N   . ALA B 1 26 ? -4.153  3.443   8.679   1.00 12.97 ? 26  ALA B N   1 
ATOM   673  C CA  . ALA B 1 26 ? -2.820  4.061   8.705   1.00 13.07 ? 26  ALA B CA  1 
ATOM   674  C C   . ALA B 1 26 ? -2.735  5.292   7.761   1.00 12.13 ? 26  ALA B C   1 
ATOM   675  O O   . ALA B 1 26 ? -2.145  6.313   8.103   1.00 13.31 ? 26  ALA B O   1 
ATOM   676  C CB  . ALA B 1 26 ? -1.792  2.987   8.345   1.00 14.56 ? 26  ALA B CB  1 
ATOM   677  N N   . ALA B 1 27 ? -3.270  5.107   6.515   1.00 11.16 ? 27  ALA B N   1 
ATOM   678  C CA  . ALA B 1 27 ? -3.308  6.265   5.612   1.00 13.06 ? 27  ALA B CA  1 
ATOM   679  C C   . ALA B 1 27 ? -4.172  7.450   6.104   1.00 11.66 ? 27  ALA B C   1 
ATOM   680  O O   . ALA B 1 27 ? -3.726  8.586   6.074   1.00 12.76 ? 27  ALA B O   1 
ATOM   681  C CB  . ALA B 1 27 ? -3.786  5.783   4.191   1.00 13.20 ? 27  ALA B CB  1 
ATOM   682  N N   . HIS B 1 28 ? -5.319  7.092   6.674   1.00 13.43 ? 28  HIS B N   1 
ATOM   683  C CA  . HIS B 1 28 ? -6.191  8.123   7.261   1.00 13.65 ? 28  HIS B CA  1 
ATOM   684  C C   . HIS B 1 28 ? -5.514  8.889   8.418   1.00 14.14 ? 28  HIS B C   1 
ATOM   685  O O   . HIS B 1 28 ? -5.496  10.171  8.453   1.00 15.23 ? 28  HIS B O   1 
ATOM   686  C CB  . HIS B 1 28 ? -7.474  7.441   7.672   1.00 14.77 ? 28  HIS B CB  1 
ATOM   687  C CG  . HIS B 1 28 ? -8.356  8.301   8.496   1.00 14.33 ? 28  HIS B CG  1 
ATOM   688  N ND1 . HIS B 1 28 ? -9.040  9.375   7.979   1.00 15.49 ? 28  HIS B ND1 1 
ATOM   689  C CD2 . HIS B 1 28 ? -8.833  8.102   9.752   1.00 17.88 ? 28  HIS B CD2 1 
ATOM   690  C CE1 . HIS B 1 28 ? -9.804  9.881   8.931   1.00 18.17 ? 28  HIS B CE1 1 
ATOM   691  N NE2 . HIS B 1 28 ? -9.722  9.108   9.991   1.00 19.62 ? 28  HIS B NE2 1 
ATOM   692  N N   . GLU B 1 29 ? -4.859  8.149   9.309   1.00 13.14 ? 29  GLU B N   1 
ATOM   693  C CA  . GLU B 1 29 ? -4.214  8.748   10.453  1.00 14.81 ? 29  GLU B CA  1 
ATOM   694  C C   . GLU B 1 29 ? -3.080  9.663   10.040  1.00 14.36 ? 29  GLU B C   1 
ATOM   695  O O   . GLU B 1 29 ? -2.891  10.758  10.568  1.00 17.88 ? 29  GLU B O   1 
ATOM   696  C CB  . GLU B 1 29 ? -3.719  7.588   11.378  1.00 16.54 ? 29  GLU B CB  1 
ATOM   697  C CG  . GLU B 1 29 ? -4.785  7.038   12.243  1.00 23.46 ? 29  GLU B CG  1 
ATOM   698  C CD  . GLU B 1 29 ? -5.479  8.167   13.061  1.00 26.08 ? 29  GLU B CD  1 
ATOM   699  O OE1 . GLU B 1 29 ? -4.789  8.995   13.723  1.00 29.24 ? 29  GLU B OE1 1 
ATOM   700  O OE2 . GLU B 1 29 ? -6.729  8.220   12.911  1.00 34.26 ? 29  GLU B OE2 1 
ATOM   701  N N   . THR B 1 30 ? -2.193  9.187   9.123   1.00 11.58 ? 30  THR B N   1 
ATOM   702  C CA  . THR B 1 30 ? -0.957  9.879   8.818   1.00 13.10 ? 30  THR B CA  1 
ATOM   703  C C   . THR B 1 30 ? -1.060  10.965  7.774   1.00 13.54 ? 30  THR B C   1 
ATOM   704  O O   . THR B 1 30 ? -0.302  11.916  7.811   1.00 15.48 ? 30  THR B O   1 
ATOM   705  C CB  . THR B 1 30 ? 0.178   8.897   8.422   1.00 11.65 ? 30  THR B CB  1 
ATOM   706  O OG1 . THR B 1 30 ? -0.190  8.134   7.265   1.00 13.05 ? 30  THR B OG1 1 
ATOM   707  C CG2 . THR B 1 30 ? 0.466   7.982   9.547   1.00 12.57 ? 30  THR B CG2 1 
ATOM   708  N N   . LEU B 1 31 ? -2.020  10.814  6.874   1.00 13.89 ? 31  LEU B N   1 
ATOM   709  C CA  . LEU B 1 31 ? -2.201  11.822  5.788   1.00 14.71 ? 31  LEU B CA  1 
ATOM   710  C C   . LEU B 1 31 ? -3.436  12.692  6.035   1.00 16.94 ? 31  LEU B C   1 
ATOM   711  O O   . LEU B 1 31 ? -3.648  13.653  5.303   1.00 18.14 ? 31  LEU B O   1 
ATOM   712  C CB  . LEU B 1 31 ? -2.391  11.062  4.474   1.00 15.79 ? 31  LEU B CB  1 
ATOM   713  C CG  . LEU B 1 31 ? -1.268  10.098  4.048   1.00 14.08 ? 31  LEU B CG  1 
ATOM   714  C CD1 . LEU B 1 31 ? -1.647  9.415   2.697   1.00 17.44 ? 31  LEU B CD1 1 
ATOM   715  C CD2 . LEU B 1 31 ? 0.039   10.912  3.906   1.00 18.08 ? 31  LEU B CD2 1 
ATOM   716  N N   . GLY B 1 32 ? -4.347  12.318  6.924   1.00 16.08 ? 32  GLY B N   1 
ATOM   717  C CA  . GLY B 1 32 ? -5.614  13.101  7.060   1.00 18.56 ? 32  GLY B CA  1 
ATOM   718  C C   . GLY B 1 32 ? -6.620  12.756  5.975   1.00 18.81 ? 32  GLY B C   1 
ATOM   719  O O   . GLY B 1 32 ? -7.640  13.473  5.815   1.00 24.39 ? 32  GLY B O   1 
ATOM   720  N N   . THR B 1 33 ? -6.392  11.732  5.192   1.00 18.79 ? 33  THR B N   1 
ATOM   721  C CA  . THR B 1 33 ? -7.249  11.364  4.027   1.00 19.58 ? 33  THR B CA  1 
ATOM   722  C C   . THR B 1 33 ? -8.513  10.821  4.632   1.00 17.00 ? 33  THR B C   1 
ATOM   723  O O   . THR B 1 33 ? -8.442  9.950   5.482   1.00 16.18 ? 33  THR B O   1 
ATOM   724  C CB  . THR B 1 33 ? -6.568  10.123  3.294   1.00 18.87 ? 33  THR B CB  1 
ATOM   725  O OG1 . THR B 1 33 ? -5.221  10.409  2.905   1.00 27.25 ? 33  THR B OG1 1 
ATOM   726  C CG2 . THR B 1 33 ? -7.423  9.699   2.006   1.00 24.78 ? 33  THR B CG2 1 
ATOM   727  N N   . PRO B 1 34 ? -9.691  11.248  4.154   1.00 15.25 ? 34  PRO B N   1 
ATOM   728  C CA  . PRO B 1 34 ? -10.929 10.569  4.529   1.00 15.58 ? 34  PRO B CA  1 
ATOM   729  C C   . PRO B 1 34 ? -10.862 9.050   4.218   1.00 16.11 ? 34  PRO B C   1 
ATOM   730  O O   . PRO B 1 34 ? -10.200 8.644   3.184   1.00 14.73 ? 34  PRO B O   1 
ATOM   731  C CB  . PRO B 1 34 ? -12.029 11.342  3.699   1.00 16.35 ? 34  PRO B CB  1 
ATOM   732  C CG  . PRO B 1 34 ? -11.354 12.647  3.437   1.00 18.66 ? 34  PRO B CG  1 
ATOM   733  C CD  . PRO B 1 34 ? -9.910  12.368  3.218   1.00 16.51 ? 34  PRO B CD  1 
ATOM   734  N N   . VAL B 1 35 ? -11.412 8.157   5.054   1.00 17.01 ? 35  VAL B N   1 
ATOM   735  C CA  . VAL B 1 35 ? -11.196 6.739   4.796   1.00 18.44 ? 35  VAL B CA  1 
ATOM   736  C C   . VAL B 1 35 ? -11.773 6.360   3.412   1.00 17.48 ? 35  VAL B C   1 
ATOM   737  O O   . VAL B 1 35 ? -11.253 5.489   2.761   1.00 17.04 ? 35  VAL B O   1 
ATOM   738  C CB  . VAL B 1 35 ? -11.680 5.695   5.858   1.00 20.88 ? 35  VAL B CB  1 
ATOM   739  C CG1 . VAL B 1 35 ? -11.465 4.324   5.350   1.00 28.22 ? 35  VAL B CG1 1 
ATOM   740  C CG2 . VAL B 1 35 ? -10.862 5.793   7.028   1.00 23.99 ? 35  VAL B CG2 1 
ATOM   741  N N   . GLU B 1 36 ? -12.880 6.997   3.000   1.00 16.85 ? 36  GLU B N   1 
ATOM   742  C CA  . GLU B 1 36 ? -13.460 6.682   1.743   1.00 16.81 ? 36  GLU B CA  1 
ATOM   743  C C   . GLU B 1 36 ? -12.567 7.008   0.539   1.00 16.43 ? 36  GLU B C   1 
ATOM   744  O O   . GLU B 1 36 ? -12.817 6.415   -0.558  1.00 19.54 ? 36  GLU B O   1 
ATOM   745  C CB  . GLU B 1 36 ? -14.820 7.414   1.622   1.00 17.39 ? 36  GLU B CB  1 
ATOM   746  C CG  . GLU B 1 36 ? -15.558 7.062   0.373   1.00 26.31 ? 36  GLU B CG  1 
ATOM   747  C CD  . GLU B 1 36 ? -16.241 5.673   0.392   1.00 30.06 ? 36  GLU B CD  1 
ATOM   748  O OE1 . GLU B 1 36 ? -16.096 4.856   1.365   1.00 25.73 ? 36  GLU B OE1 1 
ATOM   749  O OE2 . GLU B 1 36 ? -16.934 5.411   -0.635  1.00 31.61 ? 36  GLU B OE2 1 
ATOM   750  N N   . ALA B 1 37 ? -11.583 7.860   0.755   1.00 14.88 ? 37  ALA B N   1 
ATOM   751  C CA  . ALA B 1 37 ? -10.678 8.240   -0.319  1.00 15.49 ? 37  ALA B CA  1 
ATOM   752  C C   . ALA B 1 37 ? -9.500  7.243   -0.393  1.00 15.22 ? 37  ALA B C   1 
ATOM   753  O O   . ALA B 1 37 ? -8.665  7.398   -1.324  1.00 16.97 ? 37  ALA B O   1 
ATOM   754  C CB  . ALA B 1 37 ? -10.174 9.576   -0.059  1.00 15.65 ? 37  ALA B CB  1 
ATOM   755  N N   . VAL B 1 38 ? -9.383  6.255   0.514   1.00 12.97 ? 38  VAL B N   1 
ATOM   756  C CA  . VAL B 1 38 ? -8.242  5.305   0.497   1.00 12.63 ? 38  VAL B CA  1 
ATOM   757  C C   . VAL B 1 38 ? -8.739  4.065   -0.216  1.00 11.61 ? 38  VAL B C   1 
ATOM   758  O O   . VAL B 1 38 ? -9.748  3.459   0.148   1.00 11.88 ? 38  VAL B O   1 
ATOM   759  C CB  . VAL B 1 38 ? -7.767  4.928   1.905   1.00 13.16 ? 38  VAL B CB  1 
ATOM   760  C CG1 . VAL B 1 38 ? -6.568  4.022   1.750   1.00 12.65 ? 38  VAL B CG1 1 
ATOM   761  C CG2 . VAL B 1 38 ? -7.352  6.243   2.701   1.00 13.59 ? 38  VAL B CG2 1 
ATOM   762  N N   . ARG B 1 39 ? -7.993  3.636   -1.258  1.00 10.58 ? 39  ARG B N   1 
ATOM   763  C CA  . ARG B 1 39 ? -8.304  2.487   -2.026  1.00 12.09 ? 39  ARG B CA  1 
ATOM   764  C C   . ARG B 1 39 ? -7.198  1.467   -1.978  1.00 11.59 ? 39  ARG B C   1 
ATOM   765  O O   . ARG B 1 39 ? -6.039  1.898   -2.197  1.00 13.77 ? 39  ARG B O   1 
ATOM   766  C CB  . ARG B 1 39 ? -8.675  2.853   -3.480  1.00 13.02 ? 39  ARG B CB  1 
ATOM   767  C CG  . ARG B 1 39 ? -9.776  3.957   -3.471  1.00 15.99 ? 39  ARG B CG  1 
ATOM   768  C CD  . ARG B 1 39 ? -9.970  4.664   -4.816  1.00 20.16 ? 39  ARG B CD  1 
ATOM   769  N NE  . ARG B 1 39 ? -10.795 3.757   -5.503  1.00 25.53 ? 39  ARG B NE  1 
ATOM   770  C CZ  . ARG B 1 39 ? -12.121 3.702   -5.540  1.00 27.13 ? 39  ARG B CZ  1 
ATOM   771  N NH1 . ARG B 1 39 ? -12.880 4.623   -4.939  1.00 21.33 ? 39  ARG B NH1 1 
ATOM   772  N NH2 . ARG B 1 39 ? -12.655 2.653   -6.191  1.00 32.09 ? 39  ARG B NH2 1 
ATOM   773  N N   . VAL B 1 40 ? -7.448  0.217   -1.683  1.00 10.25 ? 40  VAL B N   1 
ATOM   774  C CA  . VAL B 1 40 ? -6.397  -0.798  -1.456  1.00 10.81 ? 40  VAL B CA  1 
ATOM   775  C C   . VAL B 1 40 ? -6.706  -1.993  -2.300  1.00 12.57 ? 40  VAL B C   1 
ATOM   776  O O   . VAL B 1 40 ? -7.848  -2.510  -2.336  1.00 12.73 ? 40  VAL B O   1 
ATOM   777  C CB  . VAL B 1 40 ? -6.344  -1.247  0.041   1.00 10.74 ? 40  VAL B CB  1 
ATOM   778  C CG1 . VAL B 1 40 ? -5.154  -2.227  0.276   1.00 13.94 ? 40  VAL B CG1 1 
ATOM   779  C CG2 . VAL B 1 40 ? -6.188  -0.021  0.951   1.00 13.63 ? 40  VAL B CG2 1 
ATOM   780  N N   . ILE B 1 41 ? -5.690  -2.512  -2.996  1.00 11.78 ? 41  ILE B N   1 
ATOM   781  C CA  . ILE B 1 41 ? -5.773  -3.777  -3.719  1.00 12.75 ? 41  ILE B CA  1 
ATOM   782  C C   . ILE B 1 41 ? -4.805  -4.759  -3.088  1.00 12.59 ? 41  ILE B C   1 
ATOM   783  O O   . ILE B 1 41 ? -3.630  -4.394  -2.848  1.00 13.05 ? 41  ILE B O   1 
ATOM   784  C CB  . ILE B 1 41 ? -5.388  -3.612  -5.228  1.00 16.16 ? 41  ILE B CB  1 
ATOM   785  C CG1 . ILE B 1 41 ? -6.351  -2.547  -5.840  1.00 19.12 ? 41  ILE B CG1 1 
ATOM   786  C CG2 . ILE B 1 41 ? -5.496  -4.931  -5.962  1.00 18.66 ? 41  ILE B CG2 1 
ATOM   787  C CD1 . ILE B 1 41 ? -6.406  -2.496  -7.350  1.00 28.04 ? 41  ILE B CD1 1 
ATOM   788  N N   . VAL B 1 42 ? -5.237  -5.962  -2.780  1.00 12.93 ? 42  VAL B N   1 
ATOM   789  C CA  . VAL B 1 42 ? -4.326  -6.994  -2.264  1.00 12.73 ? 42  VAL B CA  1 
ATOM   790  C C   . VAL B 1 42 ? -4.145  -8.013  -3.356  1.00 14.01 ? 42  VAL B C   1 
ATOM   791  O O   . VAL B 1 42 ? -5.115  -8.651  -3.819  1.00 14.93 ? 42  VAL B O   1 
ATOM   792  C CB  . VAL B 1 42 ? -4.944  -7.662  -1.024  1.00 12.95 ? 42  VAL B CB  1 
ATOM   793  C CG1 . VAL B 1 42 ? -4.112  -8.854  -0.584  1.00 16.36 ? 42  VAL B CG1 1 
ATOM   794  C CG2 . VAL B 1 42 ? -5.102  -6.622  0.049   1.00 14.25 ? 42  VAL B CG2 1 
ATOM   795  N N   . GLU B 1 43 ? -2.909  -8.206  -3.774  1.00 13.91 ? 43  GLU B N   1 
ATOM   796  C CA  . GLU B 1 43 ? -2.521  -9.197  -4.787  1.00 14.52 ? 43  GLU B CA  1 
ATOM   797  C C   . GLU B 1 43 ? -1.765  -10.335 -4.120  1.00 14.41 ? 43  GLU B C   1 
ATOM   798  O O   . GLU B 1 43 ? -0.776  -10.110 -3.424  1.00 16.15 ? 43  GLU B O   1 
ATOM   799  C CB  . GLU B 1 43 ? -1.570  -8.429  -5.750  1.00 16.17 ? 43  GLU B CB  1 
ATOM   800  C CG  . GLU B 1 43 ? -0.881  -9.322  -6.781  1.00 18.00 ? 43  GLU B CG  1 
ATOM   801  C CD  . GLU B 1 43 ? 0.180   -8.597  -7.656  1.00 20.08 ? 43  GLU B CD  1 
ATOM   802  O OE1 . GLU B 1 43 ? 0.659   -7.434  -7.289  1.00 18.91 ? 43  GLU B OE1 1 
ATOM   803  O OE2 . GLU B 1 43 ? 0.585   -9.250  -8.690  1.00 21.57 ? 43  GLU B OE2 1 
ATOM   804  N N   . GLU B 1 44 ? -2.223  -11.538 -4.344  1.00 15.80 ? 44  GLU B N   1 
ATOM   805  C CA  . GLU B 1 44 ? -1.564  -12.696 -3.739  1.00 17.27 ? 44  GLU B CA  1 
ATOM   806  C C   . GLU B 1 44 ? -0.777  -13.487 -4.790  1.00 19.26 ? 44  GLU B C   1 
ATOM   807  O O   . GLU B 1 44 ? -1.215  -13.673 -5.918  1.00 21.18 ? 44  GLU B O   1 
ATOM   808  C CB  . GLU B 1 44 ? -2.560  -13.633 -3.111  1.00 18.25 ? 44  GLU B CB  1 
ATOM   809  C CG  . GLU B 1 44 ? -3.308  -13.105 -1.928  1.00 22.71 ? 44  GLU B CG  1 
ATOM   810  C CD  . GLU B 1 44 ? -3.774  -14.377 -1.118  1.00 28.61 ? 44  GLU B CD  1 
ATOM   811  O OE1 . GLU B 1 44 ? -4.225  -15.300 -1.817  1.00 34.06 ? 44  GLU B OE1 1 
ATOM   812  O OE2 . GLU B 1 44 ? -3.614  -14.517 0.122   1.00 37.04 ? 44  GLU B OE2 1 
ATOM   813  N N   . THR B 1 45 ? 0.445   -13.851 -4.430  1.00 16.11 ? 45  THR B N   1 
ATOM   814  C CA  . THR B 1 45 ? 1.390   -14.416 -5.344  1.00 16.91 ? 45  THR B CA  1 
ATOM   815  C C   . THR B 1 45 ? 1.698   -15.831 -4.872  1.00 14.10 ? 45  THR B C   1 
ATOM   816  O O   . THR B 1 45 ? 2.054   -16.009 -3.724  1.00 16.43 ? 45  THR B O   1 
ATOM   817  C CB  . THR B 1 45 ? 2.667   -13.582 -5.275  1.00 15.35 ? 45  THR B CB  1 
ATOM   818  O OG1 . THR B 1 45 ? 2.350   -12.219 -5.623  1.00 19.85 ? 45  THR B OG1 1 
ATOM   819  C CG2 . THR B 1 45 ? 3.751   -14.093 -6.182  1.00 16.37 ? 45  THR B CG2 1 
ATOM   820  N N   . PRO B 1 46 ? 1.633   -16.847 -5.770  1.00 15.29 ? 46  PRO B N   1 
ATOM   821  C CA  . PRO B 1 46 ? 2.008   -18.203 -5.332  1.00 15.33 ? 46  PRO B CA  1 
ATOM   822  C C   . PRO B 1 46 ? 3.525   -18.234 -4.925  1.00 16.68 ? 46  PRO B C   1 
ATOM   823  O O   . PRO B 1 46 ? 4.392   -17.484 -5.480  1.00 13.82 ? 46  PRO B O   1 
ATOM   824  C CB  . PRO B 1 46 ? 1.845   -19.021 -6.608  1.00 18.18 ? 46  PRO B CB  1 
ATOM   825  C CG  . PRO B 1 46 ? 1.061   -18.224 -7.609  1.00 19.62 ? 46  PRO B CG  1 
ATOM   826  C CD  . PRO B 1 46 ? 1.120   -16.769 -7.153  1.00 16.18 ? 46  PRO B CD  1 
ATOM   827  N N   . PRO B 1 47 ? 3.904   -19.059 -3.954  1.00 15.37 ? 47  PRO B N   1 
ATOM   828  C CA  . PRO B 1 47 ? 5.278   -19.090 -3.463  1.00 17.20 ? 47  PRO B CA  1 
ATOM   829  C C   . PRO B 1 47 ? 6.341   -19.564 -4.515  1.00 13.52 ? 47  PRO B C   1 
ATOM   830  O O   . PRO B 1 47 ? 7.528   -19.252 -4.380  1.00 15.49 ? 47  PRO B O   1 
ATOM   831  C CB  . PRO B 1 47 ? 5.168   -20.087 -2.222  1.00 18.28 ? 47  PRO B CB  1 
ATOM   832  C CG  . PRO B 1 47 ? 4.054   -20.914 -2.604  1.00 20.33 ? 47  PRO B CG  1 
ATOM   833  C CD  . PRO B 1 47 ? 3.032   -20.016 -3.221  1.00 18.40 ? 47  PRO B CD  1 
ATOM   834  N N   . GLU B 1 48 ? 5.879   -20.287 -5.516  1.00 14.95 ? 48  GLU B N   1 
ATOM   835  C CA  . GLU B 1 48 ? 6.751   -20.685 -6.660  1.00 13.69 ? 48  GLU B CA  1 
ATOM   836  C C   . GLU B 1 48 ? 7.089   -19.508 -7.549  1.00 14.61 ? 48  GLU B C   1 
ATOM   837  O O   . GLU B 1 48 ? 7.980   -19.580 -8.361  1.00 14.31 ? 48  GLU B O   1 
ATOM   838  C CB  . GLU B 1 48 ? 6.142   -21.755 -7.566  1.00 16.86 ? 48  GLU B CB  1 
ATOM   839  C CG  . GLU B 1 48 ? 5.850   -23.080 -6.877  1.00 21.54 ? 48  GLU B CG  1 
ATOM   840  C CD  . GLU B 1 48 ? 4.656   -23.061 -5.854  1.00 26.84 ? 48  GLU B CD  1 
ATOM   841  O OE1 . GLU B 1 48 ? 3.750   -22.141 -5.893  1.00 23.72 ? 48  GLU B OE1 1 
ATOM   842  O OE2 . GLU B 1 48 ? 4.654   -23.974 -4.942  1.00 27.48 ? 48  GLU B OE2 1 
ATOM   843  N N   . ARG B 1 49 ? 6.398   -18.357 -7.406  1.00 12.47 ? 49  ARG B N   1 
ATOM   844  C CA  . ARG B 1 49 ? 6.568   -17.205 -8.320  1.00 12.49 ? 49  ARG B CA  1 
ATOM   845  C C   . ARG B 1 49 ? 7.132   -16.030 -7.604  1.00 12.74 ? 49  ARG B C   1 
ATOM   846  O O   . ARG B 1 49 ? 7.149   -14.912 -8.193  1.00 12.53 ? 49  ARG B O   1 
ATOM   847  C CB  . ARG B 1 49 ? 5.212   -16.873 -8.980  1.00 11.17 ? 49  ARG B CB  1 
ATOM   848  C CG  . ARG B 1 49 ? 4.735   -18.071 -9.819  1.00 15.27 ? 49  ARG B CG  1 
ATOM   849  C CD  . ARG B 1 49 ? 3.455   -17.684 -10.537 1.00 18.56 ? 49  ARG B CD  1 
ATOM   850  N NE  . ARG B 1 49 ? 2.874   -18.905 -11.106 1.00 19.84 ? 49  ARG B NE  1 
ATOM   851  C CZ  . ARG B 1 49 ? 1.711   -18.983 -11.730 1.00 20.09 ? 49  ARG B CZ  1 
ATOM   852  N NH1 . ARG B 1 49 ? 0.918   -17.960 -11.872 1.00 24.34 ? 49  ARG B NH1 1 
ATOM   853  N NH2 . ARG B 1 49 ? 1.331   -20.201 -12.188 1.00 22.95 ? 49  ARG B NH2 1 
ATOM   854  N N   . TRP B 1 50 ? 7.656   -16.195 -6.400  1.00 11.20 ? 50  TRP B N   1 
ATOM   855  C CA  . TRP B 1 50 ? 8.339   -15.100 -5.617  1.00 11.39 ? 50  TRP B CA  1 
ATOM   856  C C   . TRP B 1 50 ? 9.749   -15.572 -5.315  1.00 12.01 ? 50  TRP B C   1 
ATOM   857  O O   . TRP B 1 50 ? 9.861   -16.667 -4.707  1.00 13.62 ? 50  TRP B O   1 
ATOM   858  C CB  . TRP B 1 50 ? 7.561   -14.812 -4.287  1.00 11.96 ? 50  TRP B CB  1 
ATOM   859  C CG  . TRP B 1 50 ? 7.910   -13.492 -3.695  1.00 14.47 ? 50  TRP B CG  1 
ATOM   860  C CD1 . TRP B 1 50 ? 9.140   -12.934 -3.460  1.00 17.81 ? 50  TRP B CD1 1 
ATOM   861  C CD2 . TRP B 1 50 ? 6.969   -12.615 -3.141  1.00 13.77 ? 50  TRP B CD2 1 
ATOM   862  N NE1 . TRP B 1 50 ? 8.997   -11.695 -2.889  1.00 21.69 ? 50  TRP B NE1 1 
ATOM   863  C CE2 . TRP B 1 50 ? 7.664   -11.454 -2.716  1.00 16.70 ? 50  TRP B CE2 1 
ATOM   864  C CE3 . TRP B 1 50 ? 5.575   -12.588 -3.153  1.00 14.81 ? 50  TRP B CE3 1 
ATOM   865  C CZ2 . TRP B 1 50 ? 7.019   -10.316 -2.180  1.00 17.33 ? 50  TRP B CZ2 1 
ATOM   866  C CZ3 . TRP B 1 50 ? 4.958   -11.451 -2.590  1.00 15.30 ? 50  TRP B CZ3 1 
ATOM   867  C CH2 . TRP B 1 50 ? 5.691   -10.345 -2.109  1.00 16.16 ? 50  TRP B CH2 1 
ATOM   868  N N   . PHE B 1 51 ? 10.754  -14.844 -5.753  1.00 10.60 ? 51  PHE B N   1 
ATOM   869  C CA  . PHE B 1 51 ? 12.145  -15.281 -5.566  1.00 11.04 ? 51  PHE B CA  1 
ATOM   870  C C   . PHE B 1 51 ? 12.855  -14.316 -4.667  1.00 11.35 ? 51  PHE B C   1 
ATOM   871  O O   . PHE B 1 51 ? 12.714  -13.102 -4.801  1.00 11.36 ? 51  PHE B O   1 
ATOM   872  C CB  . PHE B 1 51 ? 12.852  -15.331 -6.945  1.00 11.67 ? 51  PHE B CB  1 
ATOM   873  C CG  . PHE B 1 51 ? 12.271  -16.327 -7.872  1.00 11.86 ? 51  PHE B CG  1 
ATOM   874  C CD1 . PHE B 1 51 ? 12.777  -17.638 -8.016  1.00 12.95 ? 51  PHE B CD1 1 
ATOM   875  C CD2 . PHE B 1 51 ? 11.091  -16.021 -8.543  1.00 10.83 ? 51  PHE B CD2 1 
ATOM   876  C CE1 . PHE B 1 51 ? 12.161  -18.538 -8.806  1.00 12.57 ? 51  PHE B CE1 1 
ATOM   877  C CE2 . PHE B 1 51 ? 10.477  -16.902 -9.344  1.00 11.73 ? 51  PHE B CE2 1 
ATOM   878  C CZ  . PHE B 1 51 ? 11.017  -18.206 -9.477  1.00 15.30 ? 51  PHE B CZ  1 
ATOM   879  N N   . VAL B 1 52 ? 13.726  -14.837 -3.804  1.00 12.61 ? 52  VAL B N   1 
ATOM   880  C CA  . VAL B 1 52 ? 14.726  -14.104 -3.046  1.00 14.70 ? 52  VAL B CA  1 
ATOM   881  C C   . VAL B 1 52 ? 16.043  -14.808 -3.180  1.00 13.23 ? 52  VAL B C   1 
ATOM   882  O O   . VAL B 1 52 ? 16.065  -16.056 -3.093  1.00 13.72 ? 52  VAL B O   1 
ATOM   883  C CB  . VAL B 1 52 ? 14.368  -14.047 -1.500  1.00 14.51 ? 52  VAL B CB  1 
ATOM   884  C CG1 . VAL B 1 52 ? 15.353  -13.131 -0.744  1.00 16.02 ? 52  VAL B CG1 1 
ATOM   885  C CG2 . VAL B 1 52 ? 12.948  -13.454 -1.374  1.00 15.76 ? 52  VAL B CG2 1 
ATOM   886  N N   . GLY B 1 53 ? 17.086  -14.078 -3.569  1.00 13.60 ? 53  GLY B N   1 
ATOM   887  C CA  . GLY B 1 53 ? 18.358  -14.770 -3.864  1.00 13.74 ? 53  GLY B CA  1 
ATOM   888  C C   . GLY B 1 53 ? 18.340  -15.790 -4.978  1.00 14.77 ? 53  GLY B C   1 
ATOM   889  O O   . GLY B 1 53 ? 19.125  -16.742 -5.019  1.00 18.69 ? 53  GLY B O   1 
ATOM   890  N N   . GLY B 1 54 ? 17.414  -15.614 -5.885  1.00 14.67 ? 54  GLY B N   1 
ATOM   891  C CA  . GLY B 1 54 ? 17.296  -16.475 -7.030  1.00 14.64 ? 54  GLY B CA  1 
ATOM   892  C C   . GLY B 1 54 ? 16.588  -17.799 -6.830  1.00 15.41 ? 54  GLY B C   1 
ATOM   893  O O   . GLY B 1 54 ? 16.521  -18.584 -7.756  1.00 14.41 ? 54  GLY B O   1 
ATOM   894  N N   . ARG B 1 55 ? 16.084  -18.029 -5.622  1.00 14.76 ? 55  ARG B N   1 
ATOM   895  C CA  . ARG B 1 55 ? 15.329  -19.235 -5.268  1.00 14.46 ? 55  ARG B CA  1 
ATOM   896  C C   . ARG B 1 55 ? 13.934  -18.833 -4.847  1.00 13.57 ? 55  ARG B C   1 
ATOM   897  O O   . ARG B 1 55 ? 13.752  -17.807 -4.160  1.00 14.60 ? 55  ARG B O   1 
ATOM   898  C CB  . ARG B 1 55 ? 16.031  -19.965 -4.130  1.00 17.91 ? 55  ARG B CB  1 
ATOM   899  C CG  . ARG B 1 55 ? 17.417  -20.426 -4.543  1.00 19.80 ? 55  ARG B CG  1 
ATOM   900  C CD  . ARG B 1 55 ? 18.258  -20.866 -3.294  1.00 28.17 ? 55  ARG B CD  1 
ATOM   901  N NE  . ARG B 1 55 ? 17.724  -22.027 -2.620  1.00 38.00 ? 55  ARG B NE  1 
ATOM   902  C CZ  . ARG B 1 55 ? 17.504  -22.147 -1.304  1.00 38.28 ? 55  ARG B CZ  1 
ATOM   903  N NH1 . ARG B 1 55 ? 17.733  -21.139 -0.436  1.00 38.80 ? 55  ARG B NH1 1 
ATOM   904  N NH2 . ARG B 1 55 ? 17.024  -23.294 -0.857  1.00 42.12 ? 55  ARG B NH2 1 
ATOM   905  N N   . SER B 1 56 ? 12.951  -19.642 -5.259  1.00 13.54 ? 56  SER B N   1 
ATOM   906  C CA  . SER B 1 56 ? 11.584  -19.326 -4.909  1.00 14.28 ? 56  SER B CA  1 
ATOM   907  C C   . SER B 1 56 ? 11.332  -19.481 -3.462  1.00 16.20 ? 56  SER B C   1 
ATOM   908  O O   . SER B 1 56 ? 12.042  -20.260 -2.764  1.00 16.00 ? 56  SER B O   1 
ATOM   909  C CB  . SER B 1 56 ? 10.602  -20.166 -5.705  1.00 15.44 ? 56  SER B CB  1 
ATOM   910  O OG  . SER B 1 56 ? 10.542  -21.497 -5.188  1.00 15.45 ? 56  SER B OG  1 
ATOM   911  N N   . VAL B 1 57 ? 10.290  -18.819 -2.977  1.00 16.10 ? 57  VAL B N   1 
ATOM   912  C CA  . VAL B 1 57 ? 9.921   -18.948 -1.574  1.00 17.21 ? 57  VAL B CA  1 
ATOM   913  C C   . VAL B 1 57 ? 9.546   -20.405 -1.338  1.00 17.98 ? 57  VAL B C   1 
ATOM   914  O O   . VAL B 1 57 ? 9.887   -20.914 -0.249  1.00 20.30 ? 57  VAL B O   1 
ATOM   915  C CB  . VAL B 1 57 ? 8.804   -17.937 -1.252  1.00 15.96 ? 57  VAL B CB  1 
ATOM   916  C CG1 . VAL B 1 57 ? 8.056   -18.353 0.061   1.00 21.95 ? 57  VAL B CG1 1 
ATOM   917  C CG2 . VAL B 1 57 ? 9.425   -16.577 -1.165  1.00 18.15 ? 57  VAL B CG2 1 
ATOM   918  N N   . ALA B 1 58 ? 8.950   -21.072 -2.314  1.00 17.50 ? 58  ALA B N   1 
ATOM   919  C CA  . ALA B 1 58 ? 8.592   -22.493 -2.200  1.00 21.13 ? 58  ALA B CA  1 
ATOM   920  C C   . ALA B 1 58 ? 9.853   -23.310 -2.027  1.00 21.57 ? 58  ALA B C   1 
ATOM   921  O O   . ALA B 1 58 ? 9.863   -24.270 -1.194  1.00 24.76 ? 58  ALA B O   1 
ATOM   922  C CB  . ALA B 1 58 ? 7.842   -22.973 -3.424  1.00 20.18 ? 58  ALA B CB  1 
ATOM   923  N N   . GLU B 1 59 ? 10.914  -23.019 -2.760  1.00 19.39 ? 59  GLU B N   1 
ATOM   924  C CA  . GLU B 1 59 ? 12.119  -23.791 -2.577  1.00 22.83 ? 59  GLU B CA  1 
ATOM   925  C C   . GLU B 1 59 ? 12.781  -23.482 -1.257  1.00 22.82 ? 59  GLU B C   1 
ATOM   926  O O   . GLU B 1 59 ? 13.317  -24.439 -0.546  1.00 24.96 ? 59  GLU B O   1 
ATOM   927  C CB  . GLU B 1 59 ? 13.042  -23.412 -3.674  1.00 19.85 ? 59  GLU B CB  1 
ATOM   928  C CG  . GLU B 1 59 ? 12.947  -24.146 -4.789  1.00 28.44 ? 59  GLU B CG  1 
ATOM   929  C CD  . GLU B 1 59 ? 14.355  -24.529 -5.115  1.00 35.08 ? 59  GLU B CD  1 
ATOM   930  O OE1 . GLU B 1 59 ? 15.186  -23.571 -5.411  1.00 25.41 ? 59  GLU B OE1 1 
ATOM   931  O OE2 . GLU B 1 59 ? 14.584  -25.772 -4.982  1.00 38.36 ? 59  GLU B OE2 1 
ATOM   932  N N   . ARG B 1 60 ? 12.852  -22.224 -0.881  1.00 24.09 ? 60  ARG B N   1 
ATOM   933  C CA  . ARG B 1 60 ? 13.479  -21.788 0.354   1.00 23.58 ? 60  ARG B CA  1 
ATOM   934  C C   . ARG B 1 60 ? 12.818  -22.399 1.584   1.00 26.46 ? 60  ARG B C   1 
ATOM   935  O O   . ARG B 1 60 ? 13.528  -22.611 2.596   1.00 29.39 ? 60  ARG B O   1 
ATOM   936  C CB  . ARG B 1 60 ? 13.490  -20.249 0.361   1.00 21.66 ? 60  ARG B CB  1 
ATOM   937  C CG  . ARG B 1 60 ? 14.416  -19.738 -0.713  1.00 20.43 ? 60  ARG B CG  1 
ATOM   938  C CD  . ARG B 1 60 ? 14.410  -18.187 -0.875  1.00 22.62 ? 60  ARG B CD  1 
ATOM   939  N NE  . ARG B 1 60 ? 14.443  -17.393 0.359   1.00 28.77 ? 60  ARG B NE  1 
ATOM   940  C CZ  . ARG B 1 60 ? 15.506  -16.677 0.740   1.00 27.92 ? 60  ARG B CZ  1 
ATOM   941  N NH1 . ARG B 1 60 ? 16.637  -16.662 -0.015  1.00 26.41 ? 60  ARG B NH1 1 
ATOM   942  N NH2 . ARG B 1 60 ? 15.423  -15.964 1.853   1.00 32.44 ? 60  ARG B NH2 1 
ATOM   943  N N   . ARG B 1 61 ? 11.535  -22.735 1.507   1.00 27.24 ? 61  ARG B N   1 
ATOM   944  C CA  . ARG B 1 61 ? 10.760  -23.320 2.605   1.00 32.11 ? 61  ARG B CA  1 
ATOM   945  C C   . ARG B 1 61 ? 11.087  -24.795 2.755   1.00 34.64 ? 61  ARG B C   1 
ATOM   946  O O   . ARG B 1 61 ? 11.037  -25.310 3.896   1.00 37.49 ? 61  ARG B O   1 
ATOM   947  C CB  . ARG B 1 61 ? 9.253   -23.220 2.332   1.00 30.92 ? 61  ARG B CB  1 
ATOM   948  C CG  . ARG B 1 61 ? 8.631   -21.854 2.628   1.00 31.28 ? 61  ARG B CG  1 
ATOM   949  C CD  . ARG B 1 61 ? 7.176   -21.815 2.184   1.00 33.48 ? 61  ARG B CD  1 
ATOM   950  N NE  . ARG B 1 61 ? 6.470   -20.575 2.584   1.00 32.08 ? 61  ARG B NE  1 
ATOM   951  C CZ  . ARG B 1 61 ? 5.248   -20.224 2.137   1.00 27.18 ? 61  ARG B CZ  1 
ATOM   952  N NH1 . ARG B 1 61 ? 4.603   -20.992 1.241   1.00 28.14 ? 61  ARG B NH1 1 
ATOM   953  N NH2 . ARG B 1 61 ? 4.691   -19.071 2.550   1.00 31.56 ? 61  ARG B NH2 1 
ATOM   954  N N   . ALA B 1 62 ? 11.341  -25.456 1.613   1.00 36.92 ? 62  ALA B N   1 
ATOM   955  C CA  . ALA B 1 62 ? 11.695  -26.889 1.495   1.00 38.45 ? 62  ALA B CA  1 
ATOM   956  C C   . ALA B 1 62 ? 13.129  -27.232 1.949   1.00 40.84 ? 62  ALA B C   1 
ATOM   957  O O   . ALA B 1 62 ? 13.392  -28.348 2.427   1.00 40.47 ? 62  ALA B O   1 
ATOM   958  C CB  . ALA B 1 62 ? 11.467  -27.377 0.030   1.00 38.25 ? 62  ALA B CB  1 
ATOM   959  N N   . SER B 1 63 ? 14.037  -26.263 1.821   1.00 42.70 ? 63  SER B N   1 
ATOM   960  C CA  . SER B 1 63 ? 15.478  -26.527 1.694   1.00 43.44 ? 63  SER B CA  1 
ATOM   961  C C   . SER B 1 63 ? 16.376  -25.877 2.760   1.00 44.57 ? 63  SER B C   1 
ATOM   962  O O   . SER B 1 63 ? 16.169  -24.734 3.181   1.00 45.11 ? 63  SER B O   1 
ATOM   963  C CB  . SER B 1 63 ? 15.956  -26.149 0.281   1.00 44.02 ? 63  SER B CB  1 
ATOM   964  O OG  . SER B 1 63 ? 15.025  -26.616 -0.697  1.00 43.21 ? 63  SER B OG  1 
HETATM 965  O O   . HOH C 2 .  ? -1.305  13.630  -1.409  1.00 33.22 ? 66  HOH A O   1 
HETATM 966  O O   . HOH C 2 .  ? -10.529 9.257   -15.218 1.00 12.43 ? 67  HOH A O   1 
HETATM 967  O O   . HOH C 2 .  ? 3.723   17.699  8.139   1.00 32.41 ? 68  HOH A O   1 
HETATM 968  O O   . HOH C 2 .  ? -17.342 25.264  -11.087 1.00 24.06 ? 69  HOH A O   1 
HETATM 969  O O   . HOH C 2 .  ? -0.351  2.050   -5.601  1.00 19.47 ? 70  HOH A O   1 
HETATM 970  O O   . HOH C 2 .  ? 7.323   11.737  10.477  1.00 19.28 ? 71  HOH A O   1 
HETATM 971  O O   . HOH C 2 .  ? -18.061 12.554  -19.561 1.00 33.41 ? 72  HOH A O   1 
HETATM 972  O O   . HOH C 2 .  ? 2.586   17.704  -14.596 1.00 31.41 ? 73  HOH A O   1 
HETATM 973  O O   . HOH C 2 .  ? 5.459   12.907  12.116  1.00 37.36 ? 74  HOH A O   1 
HETATM 974  O O   . HOH C 2 .  ? 5.589   -1.753  13.789  1.00 38.33 ? 75  HOH A O   1 
HETATM 975  O O   . HOH C 2 .  ? -7.860  19.752  -3.902  1.00 34.50 ? 76  HOH A O   1 
HETATM 976  O O   . HOH C 2 .  ? 5.304   -3.676  17.108  1.00 47.43 ? 77  HOH A O   1 
HETATM 977  O O   . HOH C 2 .  ? -8.044  17.098  -17.701 1.00 18.55 ? 78  HOH A O   1 
HETATM 978  O O   . HOH C 2 .  ? -2.484  17.421  1.182   1.00 41.13 ? 79  HOH A O   1 
HETATM 979  O O   . HOH C 2 .  ? 3.760   6.590   11.786  1.00 19.45 ? 80  HOH A O   1 
HETATM 980  O O   . HOH C 2 .  ? -14.914 20.410  -11.865 1.00 40.44 ? 81  HOH A O   1 
HETATM 981  O O   . HOH C 2 .  ? -13.227 21.456  -16.079 1.00 33.95 ? 82  HOH A O   1 
HETATM 982  O O   . HOH C 2 .  ? -0.884  17.783  -6.164  1.00 23.04 ? 83  HOH A O   1 
HETATM 983  O O   . HOH C 2 .  ? 9.393   6.135   8.697   1.00 16.81 ? 84  HOH A O   1 
HETATM 984  O O   . HOH C 2 .  ? 10.009  11.883  3.895   1.00 20.97 ? 85  HOH A O   1 
HETATM 985  O O   . HOH C 2 .  ? 4.483   19.666  -6.546  1.00 39.74 ? 86  HOH A O   1 
HETATM 986  O O   . HOH C 2 .  ? 13.655  -8.134  4.151   1.00 33.49 ? 87  HOH A O   1 
HETATM 987  O O   . HOH C 2 .  ? -3.509  10.926  -3.101  1.00 25.72 ? 88  HOH A O   1 
HETATM 988  O O   . HOH C 2 .  ? 4.742   18.739  -10.739 1.00 31.87 ? 89  HOH A O   1 
HETATM 989  O O   . HOH C 2 .  ? -0.791  1.655   11.641  1.00 22.84 ? 90  HOH A O   1 
HETATM 990  O O   . HOH C 2 .  ? 9.119   7.076   -5.485  1.00 32.68 ? 91  HOH A O   1 
HETATM 991  O O   . HOH C 2 .  ? 4.636   1.365   15.552  1.00 42.97 ? 92  HOH A O   1 
HETATM 992  O O   . HOH C 2 .  ? 2.871   7.311   -9.702  1.00 43.34 ? 93  HOH A O   1 
HETATM 993  O O   . HOH C 2 .  ? -0.841  6.132   12.762  1.00 47.94 ? 94  HOH A O   1 
HETATM 994  O O   . HOH C 2 .  ? 9.047   -7.235  13.772  1.00 26.81 ? 95  HOH A O   1 
HETATM 995  O O   . HOH C 2 .  ? -15.759 14.493  -15.021 1.00 30.72 ? 96  HOH A O   1 
HETATM 996  O O   . HOH C 2 .  ? -1.902  22.450  -14.556 1.00 33.97 ? 97  HOH A O   1 
HETATM 997  O O   . HOH C 2 .  ? -1.292  14.839  7.867   1.00 33.77 ? 98  HOH A O   1 
HETATM 998  O O   . HOH C 2 .  ? 9.995   12.675  10.000  1.00 33.67 ? 99  HOH A O   1 
HETATM 999  O O   . HOH C 2 .  ? 9.652   5.496   -7.324  1.00 48.38 ? 100 HOH A O   1 
HETATM 1000 O O   . HOH C 2 .  ? -0.153  18.319  5.326   1.00 44.08 ? 101 HOH A O   1 
HETATM 1001 O O   . HOH C 2 .  ? -5.432  23.262  -10.411 1.00 36.85 ? 102 HOH A O   1 
HETATM 1002 O O   . HOH C 2 .  ? -13.385 28.010  -10.771 1.00 30.51 ? 103 HOH A O   1 
HETATM 1003 O O   . HOH C 2 .  ? -12.265 12.629  -6.073  1.00 21.56 ? 104 HOH A O   1 
HETATM 1004 O O   . HOH C 2 .  ? 5.168   17.576  -13.374 1.00 30.73 ? 105 HOH A O   1 
HETATM 1005 O O   . HOH C 2 .  ? 3.232   1.117   -9.941  1.00 67.93 ? 106 HOH A O   1 
HETATM 1006 O O   . HOH C 2 .  ? 6.519   -0.074  11.707  1.00 25.43 ? 107 HOH A O   1 
HETATM 1007 O O   . HOH C 2 .  ? 2.611   -9.118  14.995  1.00 31.32 ? 108 HOH A O   1 
HETATM 1008 O O   . HOH C 2 .  ? -6.954  21.977  -3.174  0.50 28.84 ? 109 HOH A O   1 
HETATM 1009 O O   . HOH C 2 .  ? 1.671   22.974  -14.465 1.00 57.96 ? 110 HOH A O   1 
HETATM 1010 O O   . HOH C 2 .  ? -1.130  21.983  -10.713 1.00 29.25 ? 111 HOH A O   1 
HETATM 1011 O O   . HOH C 2 .  ? 12.312  -5.393  14.053  1.00 42.21 ? 112 HOH A O   1 
HETATM 1012 O O   . HOH C 2 .  ? 5.653   16.138  -3.404  1.00 35.86 ? 113 HOH A O   1 
HETATM 1013 O O   . HOH C 2 .  ? 11.746  -7.257  12.063  1.00 24.85 ? 114 HOH A O   1 
HETATM 1014 O O   . HOH C 2 .  ? -6.073  23.319  -13.809 1.00 40.66 ? 115 HOH A O   1 
HETATM 1015 O O   . HOH C 2 .  ? 6.659   -10.839 13.507  1.00 32.86 ? 116 HOH A O   1 
HETATM 1016 O O   . HOH C 2 .  ? -14.829 12.832  -18.847 1.00 26.89 ? 117 HOH A O   1 
HETATM 1017 O O   . HOH C 2 .  ? 3.678   -2.252  15.429  1.00 35.46 ? 118 HOH A O   1 
HETATM 1018 O O   . HOH C 2 .  ? 2.487   -7.802  17.438  1.00 24.56 ? 119 HOH A O   1 
HETATM 1019 O O   . HOH C 2 .  ? 0.912   19.810  -6.888  1.00 38.16 ? 120 HOH A O   1 
HETATM 1020 O O   . HOH C 2 .  ? 12.387  13.167  5.158   1.00 44.53 ? 121 HOH A O   1 
HETATM 1021 O O   . HOH C 2 .  ? -2.126  17.515  -3.061  1.00 31.06 ? 122 HOH A O   1 
HETATM 1022 O O   . HOH C 2 .  ? -5.454  18.291  -17.401 1.00 25.69 ? 123 HOH A O   1 
HETATM 1023 O O   . HOH C 2 .  ? 7.398   -4.419  -8.507  1.00 26.60 ? 124 HOH A O   1 
HETATM 1024 O O   . HOH C 2 .  ? 17.076  -6.001  5.188   1.00 36.90 ? 125 HOH A O   1 
HETATM 1025 O O   . HOH C 2 .  ? 1.648   7.900   13.072  1.00 33.14 ? 126 HOH A O   1 
HETATM 1026 O O   . HOH C 2 .  ? 2.931   13.884  -1.753  1.00 25.30 ? 127 HOH A O   1 
HETATM 1027 O O   . HOH C 2 .  ? 1.569   19.085  3.066   1.00 43.85 ? 128 HOH A O   1 
HETATM 1028 O O   . HOH C 2 .  ? -10.329 24.137  -18.500 1.00 48.45 ? 131 HOH A O   1 
HETATM 1029 O O   . HOH C 2 .  ? 7.698   -13.055 6.705   1.00 50.48 ? 136 HOH A O   1 
HETATM 1030 O O   . HOH C 2 .  ? -0.196  20.402  -0.328  1.00 47.01 ? 137 HOH A O   1 
HETATM 1031 O O   . HOH C 2 .  ? 10.298  14.234  7.770   1.00 33.76 ? 138 HOH A O   1 
HETATM 1032 O O   . HOH C 2 .  ? 0.064   3.853   13.393  1.00 37.85 ? 139 HOH A O   1 
HETATM 1033 O O   . HOH C 2 .  ? 4.216   -11.123 15.046  1.00 49.18 ? 140 HOH A O   1 
HETATM 1034 O O   . HOH C 2 .  ? -1.136  24.457  -11.327 1.00 46.06 ? 143 HOH A O   1 
HETATM 1035 O O   . HOH C 2 .  ? 0.836   -0.766  15.512  1.00 30.70 ? 145 HOH A O   1 
HETATM 1036 O O   . HOH C 2 .  ? 7.721   9.023   11.237  1.00 28.10 ? 146 HOH A O   1 
HETATM 1037 O O   . HOH C 2 .  ? 0.824   21.549  -8.843  1.00 40.10 ? 148 HOH A O   1 
HETATM 1038 O O   . HOH C 2 .  ? -3.226  21.177  -8.539  1.00 31.65 ? 149 HOH A O   1 
HETATM 1039 O O   . HOH C 2 .  ? -1.153  6.540   15.957  1.00 35.28 ? 150 HOH A O   1 
HETATM 1040 O O   . HOH C 2 .  ? 10.596  9.298   4.373   1.00 20.68 ? 152 HOH A O   1 
HETATM 1041 O O   . HOH C 2 .  ? 13.137  -9.488  11.876  1.00 36.24 ? 154 HOH A O   1 
HETATM 1042 O O   . HOH C 2 .  ? -14.086 15.342  -19.957 1.00 43.26 ? 155 HOH A O   1 
HETATM 1043 O O   . HOH C 2 .  ? 7.722   -4.735  16.750  1.00 38.13 ? 156 HOH A O   1 
HETATM 1044 O O   . HOH C 2 .  ? 6.355   -3.101  -10.410 1.00 33.48 ? 157 HOH A O   1 
HETATM 1045 O O   . HOH C 2 .  ? 7.302   -12.882 4.186   1.00 35.03 ? 158 HOH A O   1 
HETATM 1046 O O   . HOH C 2 .  ? -16.958 13.041  -12.933 1.00 34.46 ? 160 HOH A O   1 
HETATM 1047 O O   . HOH C 2 .  ? 5.232   -11.495 17.840  1.00 42.98 ? 166 HOH A O   1 
HETATM 1048 O O   . HOH C 2 .  ? 0.963   21.392  -2.723  1.00 57.42 ? 167 HOH A O   1 
HETATM 1049 O O   . HOH C 2 .  ? 2.176   25.231  -11.135 1.00 48.32 ? 168 HOH A O   1 
HETATM 1050 O O   . HOH C 2 .  ? 1.935   24.256  -1.400  1.00 44.33 ? 169 HOH A O   1 
HETATM 1051 O O   . HOH C 2 .  ? 6.779   -7.647  17.895  1.00 53.09 ? 171 HOH A O   1 
HETATM 1052 O O   . HOH C 2 .  ? -0.942  24.876  -2.060  1.00 52.36 ? 172 HOH A O   1 
HETATM 1053 O O   . HOH D 2 .  ? 15.631  -13.399 -6.459  1.00 13.13 ? 66  HOH B O   1 
HETATM 1054 O O   . HOH D 2 .  ? 11.865  -17.039 1.834   1.00 32.68 ? 67  HOH B O   1 
HETATM 1055 O O   . HOH D 2 .  ? -12.017 -4.799  5.934   1.00 13.80 ? 68  HOH B O   1 
HETATM 1056 O O   . HOH D 2 .  ? 1.190   10.712  12.086  1.00 29.81 ? 69  HOH B O   1 
HETATM 1057 O O   . HOH D 2 .  ? 1.189   -11.998 -8.185  1.00 25.80 ? 70  HOH B O   1 
HETATM 1058 O O   . HOH D 2 .  ? 5.651   -23.540 -0.064  1.00 36.08 ? 71  HOH B O   1 
HETATM 1059 O O   . HOH D 2 .  ? 2.865   -4.118  -4.395  1.00 14.54 ? 72  HOH B O   1 
HETATM 1060 O O   . HOH D 2 .  ? 15.856  -29.670 2.128   1.00 47.76 ? 73  HOH B O   1 
HETATM 1061 O O   . HOH D 2 .  ? 1.010   -15.104 -11.512 1.00 22.53 ? 74  HOH B O   1 
HETATM 1062 O O   . HOH D 2 .  ? 10.739  -23.150 -7.358  1.00 20.68 ? 75  HOH B O   1 
HETATM 1063 O O   . HOH D 2 .  ? 7.664   -25.350 -0.141  1.00 37.54 ? 76  HOH B O   1 
HETATM 1064 O O   . HOH D 2 .  ? -10.028 1.487   8.630   1.00 28.51 ? 77  HOH B O   1 
HETATM 1065 O O   . HOH D 2 .  ? -2.419  -0.972  -8.708  1.00 25.97 ? 78  HOH B O   1 
HETATM 1066 O O   . HOH D 2 .  ? -14.570 8.766   4.800   1.00 22.50 ? 79  HOH B O   1 
HETATM 1067 O O   . HOH D 2 .  ? 3.888   -24.531 -2.682  1.00 44.96 ? 80  HOH B O   1 
HETATM 1068 O O   . HOH D 2 .  ? 13.595  -21.761 -7.135  1.00 15.08 ? 81  HOH B O   1 
HETATM 1069 O O   . HOH D 2 .  ? -6.588  -15.526 10.596  1.00 34.64 ? 82  HOH B O   1 
HETATM 1070 O O   . HOH D 2 .  ? -11.165 -11.818 3.039   1.00 30.61 ? 83  HOH B O   1 
HETATM 1071 O O   . HOH D 2 .  ? -4.423  -17.603 -0.831  1.00 34.78 ? 84  HOH B O   1 
HETATM 1072 O O   . HOH D 2 .  ? -5.294  -13.442 -0.641  1.00 28.18 ? 85  HOH B O   1 
HETATM 1073 O O   . HOH D 2 .  ? -7.296  -11.508 10.999  1.00 28.44 ? 86  HOH B O   1 
HETATM 1074 O O   . HOH D 2 .  ? -7.376  -4.702  11.113  1.00 23.52 ? 87  HOH B O   1 
HETATM 1075 O O   . HOH D 2 .  ? 20.563  -17.916 -7.290  1.00 29.32 ? 88  HOH B O   1 
HETATM 1076 O O   . HOH D 2 .  ? -9.130  15.942  4.882   1.00 36.75 ? 89  HOH B O   1 
HETATM 1077 O O   . HOH D 2 .  ? -0.997  -20.281 -13.971 1.00 43.88 ? 90  HOH B O   1 
HETATM 1078 O O   . HOH D 2 .  ? 6.719   -26.138 -5.371  1.00 33.44 ? 91  HOH B O   1 
HETATM 1079 O O   . HOH D 2 .  ? -16.398 6.966   5.858   1.00 32.07 ? 92  HOH B O   1 
HETATM 1080 O O   . HOH D 2 .  ? -4.644  16.582  5.283   1.00 46.33 ? 93  HOH B O   1 
HETATM 1081 O O   . HOH D 2 .  ? 20.370  -17.951 -3.012  1.00 31.58 ? 94  HOH B O   1 
HETATM 1082 O O   . HOH D 2 .  ? -8.646  13.192  9.534   1.00 35.47 ? 95  HOH B O   1 
HETATM 1083 O O   . HOH D 2 .  ? 2.305   -14.208 -9.405  1.00 20.13 ? 96  HOH B O   1 
HETATM 1084 O O   . HOH D 2 .  ? 1.295   -22.893 -5.019  1.00 38.20 ? 97  HOH B O   1 
HETATM 1085 O O   . HOH D 2 .  ? -12.882 9.391   7.182   1.00 26.26 ? 98  HOH B O   1 
HETATM 1086 O O   . HOH D 2 .  ? -2.949  -16.119 -6.420  1.00 42.06 ? 99  HOH B O   1 
HETATM 1087 O O   . HOH D 2 .  ? -7.137  11.554  10.407  1.00 31.34 ? 100 HOH B O   1 
HETATM 1088 O O   . HOH D 2 .  ? -6.977  8.546   -4.479  1.00 26.61 ? 101 HOH B O   1 
HETATM 1089 O O   . HOH D 2 .  ? -9.898  3.990   9.628   1.00 45.14 ? 102 HOH B O   1 
HETATM 1090 O O   . HOH D 2 .  ? 1.253   -21.303 -0.192  1.00 39.50 ? 103 HOH B O   1 
HETATM 1091 O O   . HOH D 2 .  ? -13.986 -12.615 3.878   1.00 34.33 ? 104 HOH B O   1 
HETATM 1092 O O   . HOH D 2 .  ? -15.719 10.808  3.397   1.00 38.94 ? 105 HOH B O   1 
HETATM 1093 O O   . HOH D 2 .  ? 1.546   12.362  9.703   1.00 26.73 ? 106 HOH B O   1 
HETATM 1094 O O   . HOH D 2 .  ? -7.716  15.309  2.575   1.00 34.30 ? 107 HOH B O   1 
HETATM 1095 O O   . HOH D 2 .  ? -5.275  0.454   -5.271  1.00 30.80 ? 108 HOH B O   1 
HETATM 1096 O O   . HOH D 2 .  ? -10.137 12.634  7.124   1.00 27.31 ? 109 HOH B O   1 
HETATM 1097 O O   . HOH D 2 .  ? -9.731  8.015   -3.818  1.00 22.09 ? 110 HOH B O   1 
HETATM 1098 O O   . HOH D 2 .  ? 0.068   -16.824 5.428   1.00 41.74 ? 111 HOH B O   1 
HETATM 1099 O O   . HOH D 2 .  ? 2.841   -21.914 -8.681  1.00 29.36 ? 112 HOH B O   1 
HETATM 1100 O O   . HOH D 2 .  ? -1.182  -10.136 -10.566 0.33 22.39 ? 113 HOH B O   1 
HETATM 1101 O O   . HOH D 2 .  ? -1.381  -13.407 -8.485  1.00 38.60 ? 114 HOH B O   1 
HETATM 1102 O O   . HOH D 2 .  ? -6.518  -15.504 0.729   1.00 33.81 ? 115 HOH B O   1 
HETATM 1103 O O   . HOH D 2 .  ? -0.841  -21.828 -5.888  1.00 38.38 ? 116 HOH B O   1 
HETATM 1104 O O   . HOH D 2 .  ? -6.509  -18.164 10.015  1.00 47.77 ? 117 HOH B O   1 
HETATM 1105 O O   . HOH D 2 .  ? 8.485   -18.616 3.954   1.00 42.09 ? 118 HOH B O   1 
HETATM 1106 O O   . HOH D 2 .  ? -12.849 12.131  7.393   1.00 40.34 ? 119 HOH B O   1 
HETATM 1107 O O   . HOH D 2 .  ? 0.065   -21.476 -8.628  1.00 33.82 ? 120 HOH B O   1 
HETATM 1108 O O   . HOH D 2 .  ? 19.254  -22.842 2.740   1.00 43.63 ? 121 HOH B O   1 
HETATM 1109 O O   . HOH D 2 .  ? -9.134  18.710  5.134   1.00 57.54 ? 122 HOH B O   1 
HETATM 1110 O O   . HOH D 2 .  ? 0.220   -21.837 -2.429  1.00 58.61 ? 123 HOH B O   1 
HETATM 1111 O O   . HOH D 2 .  ? -2.694  -17.464 7.682   1.00 43.66 ? 124 HOH B O   1 
HETATM 1112 O O   . HOH D 2 .  ? 2.211   -18.199 2.628   1.00 34.82 ? 125 HOH B O   1 
HETATM 1113 O O   . HOH D 2 .  ? 5.603   -21.502 -11.479 1.00 37.23 ? 126 HOH B O   1 
HETATM 1114 O O   . HOH D 2 .  ? 9.260   -27.000 -2.266  1.00 68.83 ? 127 HOH B O   1 
HETATM 1115 O O   . HOH D 2 .  ? -13.638 3.315   -8.622  1.00 34.36 ? 128 HOH B O   1 
HETATM 1116 O O   . HOH D 2 .  ? 11.721  -14.369 2.620   1.00 50.06 ? 129 HOH B O   1 
HETATM 1117 O O   . HOH D 2 .  ? 15.754  -18.864 3.557   1.00 46.80 ? 130 HOH B O   1 
HETATM 1118 O O   . HOH D 2 .  ? -2.201  -16.746 -8.999  1.00 46.88 ? 132 HOH B O   1 
HETATM 1119 O O   . HOH D 2 .  ? -8.526  -15.621 2.353   1.00 83.64 ? 133 HOH B O   1 
HETATM 1120 O O   . HOH D 2 .  ? 0.138   -6.191  -10.764 0.33 52.67 ? 134 HOH B O   1 
HETATM 1121 O O   . HOH D 2 .  ? 14.742  -25.308 4.611   1.00 36.08 ? 135 HOH B O   1 
HETATM 1122 O O   . HOH D 2 .  ? 3.511   14.072  9.991   1.00 29.60 ? 136 HOH B O   1 
HETATM 1123 O O   . HOH D 2 .  ? -16.239 4.883   3.916   1.00 35.20 ? 137 HOH B O   1 
HETATM 1124 O O   . HOH D 2 .  ? 4.494   -28.089 -6.133  1.00 48.09 ? 141 HOH B O   1 
HETATM 1125 O O   . HOH D 2 .  ? 2.964   -16.197 4.196   1.00 40.65 ? 142 HOH B O   1 
HETATM 1126 O O   . HOH D 2 .  ? -6.285  16.054  8.602   1.00 63.76 ? 144 HOH B O   1 
HETATM 1127 O O   . HOH D 2 .  ? -11.570 -9.250  2.528   1.00 18.41 ? 147 HOH B O   1 
HETATM 1128 O O   . HOH D 2 .  ? -10.590 3.358   -9.000  1.00 34.31 ? 151 HOH B O   1 
HETATM 1129 O O   . HOH D 2 .  ? -1.701  -0.352  -11.203 1.00 23.82 ? 153 HOH B O   1 
HETATM 1130 O O   . HOH D 2 .  ? 8.386   -26.732 2.419   1.00 46.48 ? 159 HOH B O   1 
HETATM 1131 O O   . HOH D 2 .  ? -1.780  -19.151 -10.100 1.00 50.65 ? 161 HOH B O   1 
HETATM 1132 O O   . HOH D 2 .  ? 1.421   -4.119  -10.875 0.33 29.41 ? 162 HOH B O   1 
HETATM 1133 O O   . HOH D 2 .  ? -13.882 -13.083 6.514   1.00 40.53 ? 163 HOH B O   1 
HETATM 1134 O O   . HOH D 2 .  ? 0.547   -1.582  -11.674 1.00 32.32 ? 164 HOH B O   1 
HETATM 1135 O O   . HOH D 2 .  ? 13.162  -15.842 5.947   1.00 42.55 ? 165 HOH B O   1 
HETATM 1136 O O   . HOH D 2 .  ? -12.584 -11.118 8.391   1.00 22.79 ? 170 HOH B O   1 
# 
